data_7DBJ
#
_entry.id   7DBJ
#
_cell.length_a   59.389
_cell.length_b   137.577
_cell.length_c   84.909
_cell.angle_alpha   90.000
_cell.angle_beta   109.264
_cell.angle_gamma   90.000
#
_symmetry.space_group_name_H-M   'P 1 21 1'
#
loop_
_entity.id
_entity.type
_entity.pdbx_description
1 polymer 'L-lactate dehydrogenase B chain'
2 non-polymer '1,4-DIHYDRONICOTINAMIDE ADENINE DINUCLEOTIDE'
3 non-polymer 'OXAMIC ACID'
4 non-polymer 1,2-ETHANEDIOL
5 non-polymer N-[[3-[2-[(phenylmethyl)amino]ethyl]-1H-indol-2-yl]methyl]cycloheptanamine
6 water water
#
_entity_poly.entity_id   1
_entity_poly.type   'polypeptide(L)'
_entity_poly.pdbx_seq_one_letter_code
;ATLKEKLIAPVAEEEATVPNNKITVVGVGQVGMACAISILGKSLADELALVDVLEDKLKGEMMDLQHGSLFLQTPKIVAD
KDYSVTANSKIVVVTAGVRQQEGESRLNLVQRNVNVFKFIIPQIVKYSPDCIIIVVSNPVDILTYVTWKLSGLPKHRVIG
SGCNLDSARFRYLMAEKLGIHPSSCHGWILGEHGDSSVAVWSGVNVAGVSLQELNPEMGTDNDSENWKEVHKMVVESAYE
VIKLKGYTNWAIGLSVADLIESMLKNLSRIHPVSTMVKGMYGIENEVFLSLPCILNARGLTSVINQKLKDDEVAQLKKSA
DTLWDIQKDLKDL
;
_entity_poly.pdbx_strand_id   A,B,C,D
#
loop_
_chem_comp.id
_chem_comp.type
_chem_comp.name
_chem_comp.formula
EDO non-polymer 1,2-ETHANEDIOL 'C2 H6 O2'
H1U non-polymer N-[[3-[2-[(phenylmethyl)amino]ethyl]-1H-indol-2-yl]methyl]cycloheptanamine 'C25 H33 N3'
NAI non-polymer '1,4-DIHYDRONICOTINAMIDE ADENINE DINUCLEOTIDE' 'C21 H29 N7 O14 P2'
OXM non-polymer 'OXAMIC ACID' 'C2 H3 N O3'
#
# COMPACT_ATOMS: atom_id res chain seq x y z
N ALA A 1 -31.64 23.07 11.41
CA ALA A 1 -32.19 23.96 10.37
C ALA A 1 -31.55 23.63 9.01
N THR A 2 -30.21 23.72 8.85
CA THR A 2 -29.51 23.36 7.59
C THR A 2 -29.47 21.84 7.43
N LEU A 3 -29.28 21.36 6.22
CA LEU A 3 -29.15 19.90 5.96
C LEU A 3 -28.02 19.33 6.82
N LYS A 4 -26.89 20.03 6.89
CA LYS A 4 -25.75 19.61 7.74
C LYS A 4 -26.19 19.48 9.21
N GLU A 5 -26.95 20.46 9.72
CA GLU A 5 -27.41 20.44 11.14
C GLU A 5 -28.41 19.29 11.36
N LYS A 6 -29.25 18.97 10.37
CA LYS A 6 -30.18 17.83 10.45
C LYS A 6 -29.42 16.50 10.45
N LEU A 7 -28.31 16.42 9.72
CA LEU A 7 -27.63 15.13 9.46
C LEU A 7 -26.60 14.83 10.57
N ILE A 8 -25.90 15.85 11.08
CA ILE A 8 -24.67 15.66 11.88
C ILE A 8 -24.83 16.30 13.26
N ALA A 9 -24.83 15.44 14.29
CA ALA A 9 -24.92 15.79 15.72
C ALA A 9 -23.52 15.79 16.34
N PRO A 10 -23.03 16.91 16.91
CA PRO A 10 -21.70 16.96 17.50
C PRO A 10 -21.59 16.11 18.78
N VAL A 11 -20.45 15.43 18.92
CA VAL A 11 -20.02 14.67 20.14
C VAL A 11 -18.95 15.50 20.83
N ALA A 12 -17.99 15.99 20.06
CA ALA A 12 -16.96 16.96 20.49
C ALA A 12 -17.34 18.34 19.99
N GLU A 13 -16.93 19.37 20.72
CA GLU A 13 -16.96 20.79 20.27
C GLU A 13 -16.09 20.94 19.03
N GLU A 14 -16.57 21.65 18.00
CA GLU A 14 -15.78 22.02 16.80
C GLU A 14 -14.52 22.78 17.27
N GLU A 15 -13.32 22.26 16.96
CA GLU A 15 -12.00 22.78 17.45
C GLU A 15 -11.01 22.81 16.29
N ALA A 16 -10.19 23.88 16.14
CA ALA A 16 -9.13 23.96 15.10
C ALA A 16 -8.21 22.74 15.19
N THR A 17 -8.05 22.00 14.10
CA THR A 17 -7.21 20.77 14.05
C THR A 17 -5.81 21.17 13.55
N VAL A 18 -4.76 20.82 14.30
CA VAL A 18 -3.35 21.00 13.81
C VAL A 18 -2.96 19.69 13.15
N PRO A 19 -2.52 19.69 11.87
CA PRO A 19 -2.11 18.45 11.22
C PRO A 19 -0.84 17.87 11.86
N ASN A 20 -0.70 16.57 11.85
CA ASN A 20 0.44 15.87 12.46
C ASN A 20 1.49 15.49 11.43
N ASN A 21 1.18 15.50 10.12
CA ASN A 21 2.23 15.18 9.11
C ASN A 21 1.94 16.01 7.87
N LYS A 22 1.86 17.30 8.10
CA LYS A 22 1.69 18.26 6.97
C LYS A 22 2.97 18.33 6.14
N ILE A 23 2.79 18.40 4.82
CA ILE A 23 3.92 18.61 3.88
C ILE A 23 3.57 19.79 2.99
N THR A 24 4.54 20.68 2.84
CA THR A 24 4.47 21.77 1.84
C THR A 24 5.36 21.44 0.67
N VAL A 25 4.86 21.70 -0.54
CA VAL A 25 5.70 21.70 -1.76
C VAL A 25 5.76 23.13 -2.30
N VAL A 26 6.96 23.69 -2.28
CA VAL A 26 7.20 25.04 -2.86
C VAL A 26 7.59 24.86 -4.33
N GLY A 27 6.82 25.46 -5.22
CA GLY A 27 6.97 25.34 -6.69
C GLY A 27 6.06 24.25 -7.20
N VAL A 28 5.13 24.58 -8.10
CA VAL A 28 4.15 23.63 -8.65
C VAL A 28 4.46 23.47 -10.15
N GLY A 29 5.76 23.41 -10.46
CA GLY A 29 6.20 23.12 -11.83
C GLY A 29 6.23 21.61 -12.03
N GLN A 30 7.02 21.17 -12.97
CA GLN A 30 7.08 19.73 -13.33
C GLN A 30 7.55 18.94 -12.12
N VAL A 31 8.60 19.40 -11.44
CA VAL A 31 9.13 18.65 -10.27
C VAL A 31 8.19 18.77 -9.10
N GLY A 32 7.68 19.96 -8.79
CA GLY A 32 6.85 20.07 -7.58
C GLY A 32 5.60 19.20 -7.68
N MET A 33 4.96 19.13 -8.83
CA MET A 33 3.73 18.33 -9.00
C MET A 33 4.07 16.82 -9.01
N ALA A 34 5.24 16.41 -9.51
CA ALA A 34 5.62 14.98 -9.44
C ALA A 34 5.81 14.63 -7.97
N CYS A 35 6.46 15.52 -7.23
CA CYS A 35 6.62 15.33 -5.76
C CYS A 35 5.24 15.21 -5.14
N ALA A 36 4.33 16.13 -5.43
CA ALA A 36 3.01 16.17 -4.80
C ALA A 36 2.26 14.86 -5.09
N ILE A 37 2.19 14.44 -6.34
CA ILE A 37 1.38 13.23 -6.68
C ILE A 37 2.02 12.00 -6.00
N SER A 38 3.36 11.95 -5.87
CA SER A 38 4.02 10.77 -5.28
C SER A 38 3.76 10.78 -3.78
N ILE A 39 3.84 11.94 -3.15
CA ILE A 39 3.48 12.10 -1.70
C ILE A 39 2.04 11.65 -1.46
N LEU A 40 1.10 12.10 -2.26
CA LEU A 40 -0.35 11.77 -2.11
C LEU A 40 -0.55 10.28 -2.36
N GLY A 41 0.11 9.71 -3.37
CA GLY A 41 -0.04 8.28 -3.71
C GLY A 41 0.42 7.40 -2.58
N LYS A 42 1.47 7.80 -1.84
CA LYS A 42 2.04 6.97 -0.75
C LYS A 42 1.37 7.36 0.57
N SER A 43 0.30 8.19 0.57
CA SER A 43 -0.45 8.56 1.77
C SER A 43 0.51 9.15 2.82
N LEU A 44 1.41 10.04 2.44
CA LEU A 44 2.45 10.57 3.38
C LEU A 44 2.03 11.88 4.03
N ALA A 45 0.87 12.45 3.72
CA ALA A 45 0.52 13.79 4.20
C ALA A 45 -0.94 13.81 4.64
N ASP A 46 -1.20 14.30 5.85
CA ASP A 46 -2.61 14.54 6.29
C ASP A 46 -3.03 15.91 5.80
N GLU A 47 -2.10 16.78 5.47
CA GLU A 47 -2.37 18.10 4.85
C GLU A 47 -1.26 18.32 3.84
N LEU A 48 -1.60 18.76 2.63
CA LEU A 48 -0.61 19.12 1.59
C LEU A 48 -0.82 20.58 1.22
N ALA A 49 0.19 21.41 1.41
CA ALA A 49 0.14 22.85 1.02
C ALA A 49 1.04 23.03 -0.19
N LEU A 50 0.58 23.85 -1.14
CA LEU A 50 1.34 24.22 -2.36
C LEU A 50 1.57 25.72 -2.37
N VAL A 51 2.77 26.13 -2.72
CA VAL A 51 3.12 27.57 -2.88
C VAL A 51 3.75 27.75 -4.25
N ASP A 52 3.45 28.86 -4.91
CA ASP A 52 4.12 29.28 -6.16
C ASP A 52 3.86 30.77 -6.34
N VAL A 53 4.63 31.43 -7.20
CA VAL A 53 4.37 32.86 -7.54
C VAL A 53 3.27 32.93 -8.60
N LEU A 54 3.03 31.86 -9.36
CA LEU A 54 2.02 31.84 -10.45
C LEU A 54 0.66 31.50 -9.83
N GLU A 55 -0.14 32.52 -9.52
CA GLU A 55 -1.36 32.34 -8.70
C GLU A 55 -2.39 31.47 -9.43
N ASP A 56 -2.63 31.69 -10.72
CA ASP A 56 -3.65 30.91 -11.46
C ASP A 56 -3.20 29.45 -11.60
N LYS A 57 -1.97 29.21 -12.01
CA LYS A 57 -1.47 27.83 -12.18
C LYS A 57 -1.57 27.12 -10.82
N LEU A 58 -1.20 27.82 -9.76
CA LEU A 58 -1.22 27.27 -8.38
C LEU A 58 -2.64 26.80 -8.03
N LYS A 59 -3.63 27.66 -8.27
CA LYS A 59 -5.03 27.34 -7.93
C LYS A 59 -5.50 26.15 -8.77
N GLY A 60 -5.13 26.12 -10.05
CA GLY A 60 -5.53 25.02 -10.92
C GLY A 60 -4.95 23.71 -10.46
N GLU A 61 -3.68 23.69 -10.07
CA GLU A 61 -3.04 22.46 -9.59
C GLU A 61 -3.73 22.02 -8.31
N MET A 62 -4.00 22.97 -7.41
CA MET A 62 -4.70 22.64 -6.13
C MET A 62 -6.04 21.96 -6.45
N MET A 63 -6.82 22.54 -7.34
CA MET A 63 -8.18 22.04 -7.66
C MET A 63 -8.09 20.64 -8.27
N ASP A 64 -7.11 20.41 -9.15
CA ASP A 64 -7.00 19.12 -9.88
C ASP A 64 -6.67 18.03 -8.85
N LEU A 65 -5.74 18.31 -7.94
CA LEU A 65 -5.47 17.36 -6.81
C LEU A 65 -6.72 17.15 -5.97
N GLN A 66 -7.41 18.22 -5.58
CA GLN A 66 -8.63 18.12 -4.74
C GLN A 66 -9.66 17.21 -5.40
N HIS A 67 -9.80 17.31 -6.72
CA HIS A 67 -10.78 16.50 -7.49
C HIS A 67 -10.46 15.02 -7.38
N GLY A 68 -9.22 14.63 -7.10
CA GLY A 68 -8.81 13.23 -6.91
C GLY A 68 -8.92 12.74 -5.48
N SER A 69 -9.46 13.55 -4.57
CA SER A 69 -9.50 13.25 -3.11
C SER A 69 -10.13 11.90 -2.83
N LEU A 70 -11.22 11.56 -3.52
CA LEU A 70 -11.90 10.26 -3.29
C LEU A 70 -10.91 9.10 -3.36
N PHE A 71 -9.86 9.22 -4.15
CA PHE A 71 -8.88 8.14 -4.43
C PHE A 71 -7.68 8.26 -3.51
N LEU A 72 -7.71 9.20 -2.56
CA LEU A 72 -6.52 9.54 -1.74
C LEU A 72 -6.85 9.40 -0.25
N GLN A 73 -5.87 9.66 0.59
CA GLN A 73 -6.05 9.74 2.06
C GLN A 73 -5.40 11.01 2.59
N THR A 74 -5.69 12.14 1.95
CA THR A 74 -5.15 13.45 2.36
C THR A 74 -6.37 14.37 2.43
N PRO A 75 -6.91 14.60 3.62
CA PRO A 75 -8.19 15.29 3.78
C PRO A 75 -8.13 16.80 3.55
N LYS A 76 -6.94 17.40 3.53
CA LYS A 76 -6.82 18.85 3.32
C LYS A 76 -5.71 19.16 2.33
N ILE A 77 -6.08 19.73 1.19
CA ILE A 77 -5.13 20.22 0.15
C ILE A 77 -5.39 21.71 -0.03
N VAL A 78 -4.37 22.51 0.19
CA VAL A 78 -4.48 23.99 0.20
C VAL A 78 -3.35 24.58 -0.63
N ALA A 79 -3.50 25.81 -1.08
CA ALA A 79 -2.47 26.45 -1.91
C ALA A 79 -2.63 27.95 -1.81
N ASP A 80 -1.51 28.65 -1.74
CA ASP A 80 -1.51 30.13 -1.76
C ASP A 80 -0.12 30.63 -2.09
N LYS A 81 -0.02 31.82 -2.72
CA LYS A 81 1.28 32.47 -2.91
C LYS A 81 1.85 32.91 -1.54
N ASP A 82 1.02 33.08 -0.52
CA ASP A 82 1.45 33.56 0.82
C ASP A 82 1.90 32.37 1.68
N TYR A 83 3.08 32.49 2.27
CA TYR A 83 3.70 31.40 3.07
C TYR A 83 2.94 31.12 4.34
N SER A 84 1.98 31.97 4.76
CA SER A 84 1.10 31.60 5.90
C SER A 84 0.40 30.27 5.63
N VAL A 85 0.13 29.89 4.38
CA VAL A 85 -0.57 28.61 4.05
C VAL A 85 0.30 27.39 4.44
N THR A 86 1.60 27.59 4.69
CA THR A 86 2.58 26.48 4.92
C THR A 86 2.73 26.21 6.41
N ALA A 87 2.04 26.96 7.27
CA ALA A 87 2.25 26.90 8.74
C ALA A 87 2.14 25.46 9.26
N ASN A 88 3.04 25.12 10.18
CA ASN A 88 3.04 23.83 10.92
C ASN A 88 3.32 22.64 10.00
N SER A 89 4.12 22.84 8.94
CA SER A 89 4.63 21.74 8.10
C SER A 89 5.67 20.92 8.88
N LYS A 90 5.59 19.60 8.81
CA LYS A 90 6.71 18.72 9.25
C LYS A 90 7.84 18.74 8.25
N ILE A 91 7.50 18.76 6.96
CA ILE A 91 8.49 18.70 5.86
C ILE A 91 8.13 19.76 4.83
N VAL A 92 9.12 20.53 4.39
CA VAL A 92 8.91 21.50 3.28
C VAL A 92 9.88 21.12 2.18
N VAL A 93 9.30 20.81 1.00
CA VAL A 93 10.08 20.44 -0.19
C VAL A 93 10.23 21.66 -1.09
N VAL A 94 11.44 22.11 -1.33
CA VAL A 94 11.65 23.33 -2.16
C VAL A 94 12.10 22.90 -3.55
N THR A 95 11.24 23.17 -4.55
CA THR A 95 11.50 22.86 -5.98
C THR A 95 11.48 24.15 -6.77
N ALA A 96 11.34 25.29 -6.12
CA ALA A 96 11.10 26.57 -6.84
C ALA A 96 12.38 27.04 -7.51
N GLY A 97 12.21 27.78 -8.62
CA GLY A 97 13.33 28.49 -9.24
C GLY A 97 13.48 28.06 -10.69
N VAL A 98 14.70 28.19 -11.19
CA VAL A 98 14.95 27.92 -12.63
C VAL A 98 15.58 26.52 -12.74
N ARG A 99 15.31 25.88 -13.86
CA ARG A 99 15.88 24.56 -14.18
C ARG A 99 16.88 24.71 -15.33
N GLN A 100 17.57 23.63 -15.64
CA GLN A 100 18.54 23.66 -16.75
C GLN A 100 17.86 23.86 -18.10
N GLN A 101 18.37 24.82 -18.86
CA GLN A 101 18.09 24.77 -20.30
C GLN A 101 18.91 23.63 -20.91
N GLU A 102 18.67 23.32 -22.19
CA GLU A 102 19.33 22.17 -22.84
C GLU A 102 20.86 22.33 -22.73
N GLY A 103 21.51 21.30 -22.19
CA GLY A 103 22.98 21.22 -22.10
C GLY A 103 23.56 22.13 -21.03
N GLU A 104 22.74 22.80 -20.24
CA GLU A 104 23.24 23.73 -19.19
C GLU A 104 23.66 22.97 -17.93
N SER A 105 24.86 23.26 -17.41
CA SER A 105 25.28 22.74 -16.07
C SER A 105 24.29 23.21 -15.00
N ARG A 106 23.98 22.33 -14.04
CA ARG A 106 23.19 22.77 -12.86
C ARG A 106 23.91 23.91 -12.12
N LEU A 107 25.25 23.91 -12.16
CA LEU A 107 26.02 24.93 -11.41
C LEU A 107 25.78 26.32 -12.01
N ASN A 108 25.34 26.38 -13.26
CA ASN A 108 25.15 27.70 -13.94
C ASN A 108 23.86 28.36 -13.44
N LEU A 109 23.05 27.65 -12.65
CA LEU A 109 21.75 28.18 -12.14
C LEU A 109 21.96 28.84 -10.77
N VAL A 110 23.18 28.84 -10.26
CA VAL A 110 23.38 29.14 -8.81
C VAL A 110 22.98 30.58 -8.45
N GLN A 111 23.35 31.60 -9.23
CA GLN A 111 23.06 32.99 -8.79
C GLN A 111 21.54 33.22 -8.83
N ARG A 112 20.89 32.75 -9.89
CA ARG A 112 19.43 32.95 -10.01
C ARG A 112 18.70 32.28 -8.85
N ASN A 113 19.06 31.04 -8.53
CA ASN A 113 18.32 30.27 -7.53
C ASN A 113 18.70 30.71 -6.11
N VAL A 114 19.94 31.14 -5.89
CA VAL A 114 20.27 31.79 -4.58
C VAL A 114 19.35 32.99 -4.39
N ASN A 115 19.14 33.84 -5.39
CA ASN A 115 18.24 35.01 -5.26
C ASN A 115 16.81 34.58 -4.92
N VAL A 116 16.32 33.49 -5.50
CA VAL A 116 14.96 32.96 -5.17
C VAL A 116 14.96 32.53 -3.70
N PHE A 117 15.97 31.78 -3.29
CA PHE A 117 16.02 31.17 -1.93
C PHE A 117 16.16 32.27 -0.86
N LYS A 118 16.88 33.37 -1.16
CA LYS A 118 17.08 34.46 -0.17
C LYS A 118 15.72 34.97 0.32
N PHE A 119 14.73 34.98 -0.55
CA PHE A 119 13.35 35.51 -0.29
C PHE A 119 12.49 34.45 0.41
N ILE A 120 12.57 33.20 -0.05
CA ILE A 120 11.68 32.05 0.29
C ILE A 120 12.06 31.51 1.66
N ILE A 121 13.33 31.18 1.88
CA ILE A 121 13.70 30.32 3.04
C ILE A 121 13.33 31.02 4.35
N PRO A 122 13.58 32.33 4.56
CA PRO A 122 13.18 32.96 5.81
C PRO A 122 11.66 32.84 6.09
N GLN A 123 10.84 32.87 5.04
CA GLN A 123 9.36 32.75 5.18
C GLN A 123 9.00 31.31 5.57
N ILE A 124 9.69 30.32 5.03
CA ILE A 124 9.41 28.91 5.39
C ILE A 124 9.64 28.73 6.87
N VAL A 125 10.78 29.23 7.36
CA VAL A 125 11.14 28.96 8.78
C VAL A 125 10.25 29.80 9.69
N LYS A 126 9.87 31.01 9.28
CA LYS A 126 8.91 31.82 10.07
C LYS A 126 7.67 30.97 10.40
N TYR A 127 7.09 30.27 9.43
CA TYR A 127 5.75 29.64 9.56
C TYR A 127 5.86 28.20 10.04
N SER A 128 7.02 27.55 9.84
CA SER A 128 7.25 26.16 10.27
C SER A 128 8.64 26.07 10.89
N PRO A 129 8.86 26.72 12.05
CA PRO A 129 10.20 26.72 12.66
C PRO A 129 10.68 25.30 13.03
N ASP A 130 9.79 24.32 13.15
CA ASP A 130 10.09 22.92 13.57
C ASP A 130 10.24 21.98 12.36
N CYS A 131 10.24 22.49 11.14
CA CYS A 131 10.26 21.61 9.95
C CYS A 131 11.66 21.07 9.63
N ILE A 132 11.63 20.06 8.78
CA ILE A 132 12.77 19.58 7.95
C ILE A 132 12.57 20.22 6.58
N ILE A 133 13.62 20.74 6.01
CA ILE A 133 13.59 21.27 4.62
C ILE A 133 14.32 20.26 3.73
N ILE A 134 13.64 19.81 2.68
CA ILE A 134 14.28 18.99 1.63
C ILE A 134 14.47 19.93 0.44
N VAL A 135 15.72 20.19 0.12
CA VAL A 135 16.07 21.07 -1.05
C VAL A 135 16.13 20.17 -2.29
N VAL A 136 15.47 20.61 -3.36
CA VAL A 136 15.48 19.87 -4.66
C VAL A 136 16.01 20.81 -5.75
N SER A 137 15.71 22.09 -5.67
CA SER A 137 16.14 23.05 -6.70
C SER A 137 17.66 22.96 -6.94
N ASN A 138 18.09 23.23 -8.18
CA ASN A 138 19.51 23.06 -8.56
C ASN A 138 20.29 24.38 -8.52
N PRO A 139 21.63 24.36 -8.29
CA PRO A 139 22.37 23.14 -8.00
C PRO A 139 22.14 22.68 -6.55
N VAL A 140 21.62 21.48 -6.37
CA VAL A 140 20.99 21.05 -5.08
C VAL A 140 22.00 21.11 -3.94
N ASP A 141 23.26 20.75 -4.17
CA ASP A 141 24.24 20.73 -3.04
C ASP A 141 24.46 22.14 -2.54
N ILE A 142 24.71 23.09 -3.45
CA ILE A 142 25.01 24.48 -3.04
C ILE A 142 23.75 25.09 -2.45
N LEU A 143 22.57 24.81 -2.99
CA LEU A 143 21.36 25.43 -2.43
C LEU A 143 21.04 24.79 -1.07
N THR A 144 21.46 23.56 -0.79
CA THR A 144 21.30 23.02 0.59
C THR A 144 22.17 23.83 1.55
N TYR A 145 23.44 24.02 1.22
CA TYR A 145 24.31 24.93 2.01
C TYR A 145 23.63 26.29 2.22
N VAL A 146 23.16 26.90 1.13
CA VAL A 146 22.52 28.24 1.19
C VAL A 146 21.29 28.20 2.11
N THR A 147 20.49 27.14 2.01
CA THR A 147 19.27 26.97 2.84
C THR A 147 19.66 26.82 4.30
N TRP A 148 20.77 26.12 4.56
CA TRP A 148 21.28 25.97 5.95
C TRP A 148 21.63 27.36 6.52
N LYS A 149 22.37 28.15 5.75
CA LYS A 149 22.84 29.50 6.19
C LYS A 149 21.64 30.40 6.39
N LEU A 150 20.68 30.42 5.45
CA LEU A 150 19.53 31.36 5.46
C LEU A 150 18.52 30.95 6.53
N SER A 151 18.40 29.66 6.82
CA SER A 151 17.30 29.12 7.68
C SER A 151 17.69 29.25 9.14
N GLY A 152 18.97 29.09 9.47
CA GLY A 152 19.47 28.95 10.85
C GLY A 152 19.02 27.67 11.52
N LEU A 153 18.56 26.69 10.73
CA LEU A 153 18.15 25.36 11.26
C LEU A 153 19.39 24.53 11.56
N PRO A 154 19.31 23.57 12.49
CA PRO A 154 20.38 22.61 12.70
C PRO A 154 20.68 21.82 11.41
N LYS A 155 21.94 21.38 11.29
CA LYS A 155 22.39 20.58 10.12
C LYS A 155 21.40 19.45 9.84
N HIS A 156 20.93 18.74 10.86
CA HIS A 156 20.12 17.52 10.66
C HIS A 156 18.74 17.85 10.09
N ARG A 157 18.37 19.14 9.98
CA ARG A 157 17.00 19.50 9.50
C ARG A 157 17.06 20.15 8.10
N VAL A 158 18.22 20.14 7.48
CA VAL A 158 18.35 20.73 6.12
C VAL A 158 19.04 19.71 5.23
N ILE A 159 18.28 19.16 4.29
CA ILE A 159 18.69 17.96 3.52
C ILE A 159 18.57 18.28 2.03
N GLY A 160 19.60 17.99 1.28
CA GLY A 160 19.50 18.07 -0.19
C GLY A 160 19.12 16.73 -0.77
N SER A 161 18.17 16.68 -1.71
CA SER A 161 17.75 15.41 -2.33
C SER A 161 18.99 14.69 -2.88
N GLY A 162 19.96 15.44 -3.40
CA GLY A 162 21.33 14.94 -3.63
C GLY A 162 21.39 13.76 -4.58
N CYS A 163 22.13 12.72 -4.16
CA CYS A 163 22.46 11.54 -5.01
C CYS A 163 21.51 10.38 -4.77
N ASN A 164 20.37 10.60 -4.11
CA ASN A 164 19.37 9.52 -3.97
C ASN A 164 18.89 9.17 -5.39
N LEU A 165 18.70 10.18 -6.24
CA LEU A 165 18.26 9.96 -7.64
C LEU A 165 19.41 9.36 -8.46
N ASP A 166 20.63 9.89 -8.33
CA ASP A 166 21.78 9.37 -9.10
C ASP A 166 21.96 7.89 -8.76
N SER A 167 21.87 7.56 -7.48
CA SER A 167 22.05 6.16 -7.06
C SER A 167 20.90 5.29 -7.57
N ALA A 168 19.67 5.78 -7.57
CA ALA A 168 18.56 5.04 -8.21
C ALA A 168 18.87 4.77 -9.68
N ARG A 169 19.34 5.76 -10.41
CA ARG A 169 19.69 5.57 -11.84
C ARG A 169 20.81 4.53 -11.99
N PHE A 170 21.84 4.66 -11.17
CA PHE A 170 22.98 3.71 -11.18
C PHE A 170 22.48 2.28 -10.95
N ARG A 171 21.66 2.09 -9.94
CA ARG A 171 21.16 0.74 -9.58
C ARG A 171 20.26 0.21 -10.69
N TYR A 172 19.44 1.07 -11.30
CA TYR A 172 18.60 0.65 -12.45
C TYR A 172 19.50 0.16 -13.60
N LEU A 173 20.55 0.91 -13.92
CA LEU A 173 21.39 0.55 -15.10
C LEU A 173 22.17 -0.74 -14.82
N MET A 174 22.66 -0.91 -13.59
CA MET A 174 23.42 -2.14 -13.28
C MET A 174 22.44 -3.31 -13.22
N ALA A 175 21.25 -3.10 -12.67
CA ALA A 175 20.25 -4.17 -12.49
C ALA A 175 19.77 -4.64 -13.87
N GLU A 176 19.64 -3.70 -14.82
CA GLU A 176 19.24 -4.03 -16.21
C GLU A 176 20.28 -4.93 -16.83
N LYS A 177 21.55 -4.65 -16.62
CA LYS A 177 22.65 -5.49 -17.15
C LYS A 177 22.59 -6.88 -16.53
N LEU A 178 22.24 -7.00 -15.27
CA LEU A 178 22.34 -8.30 -14.57
C LEU A 178 21.01 -9.07 -14.56
N GLY A 179 19.90 -8.45 -14.92
CA GLY A 179 18.56 -9.06 -14.94
C GLY A 179 18.01 -9.28 -13.53
N ILE A 180 18.16 -8.26 -12.65
CA ILE A 180 17.65 -8.32 -11.27
C ILE A 180 16.90 -7.02 -10.97
N HIS A 181 16.16 -6.97 -9.89
CA HIS A 181 15.44 -5.74 -9.47
C HIS A 181 16.48 -4.76 -8.96
N PRO A 182 16.36 -3.44 -9.22
CA PRO A 182 17.33 -2.50 -8.66
C PRO A 182 17.48 -2.61 -7.14
N SER A 183 16.44 -3.01 -6.42
CA SER A 183 16.49 -3.13 -4.93
C SER A 183 17.49 -4.22 -4.51
N SER A 184 17.84 -5.15 -5.39
CA SER A 184 18.80 -6.26 -5.09
C SER A 184 20.19 -5.93 -5.63
N CYS A 185 20.35 -4.79 -6.29
CA CYS A 185 21.63 -4.37 -6.87
C CYS A 185 22.14 -3.17 -6.06
N HIS A 186 23.23 -3.29 -5.31
CA HIS A 186 23.61 -2.24 -4.34
C HIS A 186 24.77 -1.47 -4.93
N GLY A 187 24.67 -0.15 -4.91
CA GLY A 187 25.71 0.71 -5.44
C GLY A 187 25.43 2.15 -5.07
N TRP A 188 26.48 2.87 -4.75
CA TRP A 188 26.38 4.27 -4.25
C TRP A 188 27.05 5.24 -5.21
N ILE A 189 26.31 6.27 -5.58
CA ILE A 189 26.81 7.51 -6.22
C ILE A 189 26.86 8.57 -5.13
N LEU A 190 28.06 9.11 -4.89
CA LEU A 190 28.26 10.16 -3.85
C LEU A 190 28.76 11.47 -4.44
N GLY A 191 28.94 12.48 -3.60
CA GLY A 191 29.48 13.78 -4.05
C GLY A 191 28.41 14.66 -4.65
N GLU A 192 28.81 15.43 -5.66
CA GLU A 192 27.88 16.38 -6.31
C GLU A 192 26.78 15.62 -7.03
N HIS A 193 25.54 16.05 -6.90
CA HIS A 193 24.46 15.68 -7.84
C HIS A 193 24.74 16.43 -9.15
N GLY A 194 25.64 15.86 -9.91
CA GLY A 194 26.08 16.54 -11.14
C GLY A 194 27.33 15.92 -11.69
N ASP A 195 28.07 16.67 -12.49
CA ASP A 195 29.09 16.07 -13.37
C ASP A 195 30.25 15.50 -12.56
N SER A 196 30.49 15.94 -11.31
CA SER A 196 31.66 15.49 -10.52
C SER A 196 31.27 14.36 -9.56
N SER A 197 30.10 13.72 -9.75
CA SER A 197 29.65 12.58 -8.89
C SER A 197 30.72 11.48 -8.90
N VAL A 198 30.67 10.69 -7.83
CA VAL A 198 31.67 9.63 -7.59
C VAL A 198 30.93 8.30 -7.51
N ALA A 199 31.31 7.34 -8.34
CA ALA A 199 30.78 5.97 -8.27
C ALA A 199 31.65 5.18 -7.30
N VAL A 200 31.07 4.68 -6.21
CA VAL A 200 31.87 3.90 -5.24
C VAL A 200 31.92 2.46 -5.73
N TRP A 201 32.77 2.20 -6.73
CA TRP A 201 32.87 0.84 -7.33
C TRP A 201 33.24 -0.20 -6.28
N SER A 202 34.09 0.16 -5.32
CA SER A 202 34.52 -0.77 -4.25
C SER A 202 33.40 -1.23 -3.35
N GLY A 203 32.22 -0.58 -3.36
CA GLY A 203 31.08 -1.00 -2.50
C GLY A 203 29.96 -1.65 -3.31
N VAL A 204 30.07 -1.63 -4.64
CA VAL A 204 29.01 -2.20 -5.50
C VAL A 204 28.91 -3.70 -5.24
N ASN A 205 27.72 -4.20 -5.02
CA ASN A 205 27.59 -5.63 -4.65
C ASN A 205 26.20 -6.14 -4.94
N VAL A 206 26.11 -7.46 -5.05
CA VAL A 206 24.82 -8.18 -5.15
C VAL A 206 24.88 -9.29 -4.12
N ALA A 207 23.96 -9.31 -3.19
CA ALA A 207 23.92 -10.36 -2.13
C ALA A 207 25.25 -10.38 -1.36
N GLY A 208 25.86 -9.23 -1.15
CA GLY A 208 27.13 -9.10 -0.40
C GLY A 208 28.31 -9.64 -1.17
N VAL A 209 28.16 -9.83 -2.48
CA VAL A 209 29.29 -10.18 -3.39
C VAL A 209 29.81 -8.90 -4.02
N SER A 210 31.04 -8.50 -3.68
CA SER A 210 31.65 -7.30 -4.28
C SER A 210 31.87 -7.56 -5.75
N LEU A 211 31.28 -6.74 -6.62
CA LEU A 211 31.44 -6.93 -8.07
C LEU A 211 32.87 -6.57 -8.46
N GLN A 212 33.52 -5.64 -7.76
CA GLN A 212 34.93 -5.26 -8.07
C GLN A 212 35.85 -6.40 -7.67
N GLU A 213 35.45 -7.28 -6.76
CA GLU A 213 36.27 -8.50 -6.53
C GLU A 213 36.19 -9.43 -7.76
N LEU A 214 35.04 -9.50 -8.44
CA LEU A 214 34.86 -10.33 -9.66
C LEU A 214 35.57 -9.66 -10.84
N ASN A 215 35.51 -8.34 -10.94
CA ASN A 215 36.14 -7.56 -12.02
C ASN A 215 36.92 -6.41 -11.39
N PRO A 216 38.20 -6.63 -11.01
CA PRO A 216 39.02 -5.58 -10.41
C PRO A 216 39.21 -4.30 -11.25
N GLU A 217 38.99 -4.38 -12.57
CA GLU A 217 39.13 -3.24 -13.52
C GLU A 217 37.85 -2.41 -13.54
N MET A 218 36.80 -2.84 -12.85
CA MET A 218 35.48 -2.16 -12.83
C MET A 218 35.68 -0.68 -12.46
N GLY A 219 35.27 0.23 -13.32
CA GLY A 219 35.41 1.69 -13.07
C GLY A 219 36.67 2.30 -13.64
N THR A 220 37.63 1.51 -14.15
CA THR A 220 38.87 2.02 -14.76
C THR A 220 38.66 2.14 -16.28
N ASP A 221 39.60 2.76 -16.97
CA ASP A 221 39.57 2.89 -18.45
C ASP A 221 40.08 1.60 -19.10
N ASN A 222 40.50 0.62 -18.29
CA ASN A 222 41.21 -0.61 -18.75
C ASN A 222 40.34 -1.80 -18.37
N ASP A 223 39.07 -1.74 -18.75
CA ASP A 223 38.02 -2.74 -18.42
C ASP A 223 37.38 -3.14 -19.74
N SER A 224 37.46 -4.43 -20.09
CA SER A 224 36.93 -5.00 -21.36
C SER A 224 35.40 -4.89 -21.39
N GLU A 225 34.74 -4.86 -20.23
CA GLU A 225 33.27 -4.74 -20.13
C GLU A 225 32.85 -3.26 -20.02
N ASN A 226 33.80 -2.34 -19.79
CA ASN A 226 33.57 -0.88 -19.74
C ASN A 226 32.43 -0.53 -18.76
N TRP A 227 32.50 -1.01 -17.52
CA TRP A 227 31.51 -0.65 -16.48
C TRP A 227 31.50 0.87 -16.22
N LYS A 228 32.64 1.55 -16.34
CA LYS A 228 32.75 3.03 -16.22
C LYS A 228 31.70 3.76 -17.09
N GLU A 229 31.34 3.20 -18.24
CA GLU A 229 30.29 3.79 -19.10
C GLU A 229 28.99 3.89 -18.30
N VAL A 230 28.73 3.02 -17.32
CA VAL A 230 27.47 3.10 -16.56
C VAL A 230 27.49 4.38 -15.73
N HIS A 231 28.61 4.71 -15.13
CA HIS A 231 28.73 6.00 -14.40
C HIS A 231 28.59 7.17 -15.38
N LYS A 232 29.20 7.10 -16.55
CA LYS A 232 29.03 8.16 -17.55
C LYS A 232 27.53 8.31 -17.87
N MET A 233 26.82 7.20 -18.02
CA MET A 233 25.37 7.25 -18.33
C MET A 233 24.64 7.94 -17.17
N VAL A 234 24.98 7.63 -15.92
CA VAL A 234 24.35 8.34 -14.77
C VAL A 234 24.63 9.86 -14.89
N VAL A 235 25.86 10.25 -15.12
CA VAL A 235 26.23 11.70 -15.24
C VAL A 235 25.43 12.32 -16.40
N GLU A 236 25.28 11.62 -17.52
CA GLU A 236 24.69 12.23 -18.75
C GLU A 236 23.16 12.16 -18.69
N SER A 237 22.59 11.36 -17.81
CA SER A 237 21.15 11.01 -17.85
C SER A 237 20.27 12.27 -17.87
N ALA A 238 20.47 13.23 -16.97
CA ALA A 238 19.54 14.38 -16.89
C ALA A 238 19.63 15.13 -18.23
N TYR A 239 20.82 15.27 -18.75
CA TYR A 239 21.01 16.03 -20.03
C TYR A 239 20.25 15.31 -21.15
N GLU A 240 20.34 13.99 -21.18
CA GLU A 240 19.69 13.21 -22.27
C GLU A 240 18.17 13.37 -22.13
N VAL A 241 17.63 13.16 -20.93
CA VAL A 241 16.17 13.32 -20.74
C VAL A 241 15.76 14.77 -21.05
N ILE A 242 16.52 15.77 -20.63
CA ILE A 242 16.15 17.19 -20.93
C ILE A 242 16.13 17.42 -22.45
N LYS A 243 17.06 16.81 -23.15
CA LYS A 243 17.08 16.95 -24.64
C LYS A 243 15.77 16.37 -25.23
N LEU A 244 15.25 15.28 -24.68
CA LEU A 244 14.13 14.54 -25.28
C LEU A 244 12.79 15.14 -24.86
N LYS A 245 12.58 15.42 -23.55
CA LYS A 245 11.25 15.86 -23.07
C LYS A 245 11.33 17.25 -22.43
N GLY A 246 12.50 17.84 -22.25
CA GLY A 246 12.62 19.24 -21.81
C GLY A 246 13.01 19.43 -20.35
N TYR A 247 12.83 18.39 -19.55
CA TYR A 247 12.99 18.48 -18.08
C TYR A 247 13.00 17.04 -17.58
N THR A 248 13.24 16.82 -16.30
CA THR A 248 13.01 15.52 -15.65
C THR A 248 12.05 15.76 -14.50
N ASN A 249 11.23 14.77 -14.16
CA ASN A 249 10.34 14.97 -13.00
C ASN A 249 9.92 13.66 -12.34
N TRP A 250 9.59 12.61 -13.08
CA TRP A 250 8.99 11.43 -12.42
C TRP A 250 9.95 10.78 -11.44
N ALA A 251 11.19 10.55 -11.83
CA ALA A 251 12.16 9.86 -10.95
C ALA A 251 12.48 10.71 -9.71
N ILE A 252 12.65 12.02 -9.87
CA ILE A 252 12.94 12.87 -8.67
C ILE A 252 11.71 12.88 -7.76
N GLY A 253 10.49 12.86 -8.29
CA GLY A 253 9.31 12.86 -7.42
C GLY A 253 9.24 11.59 -6.58
N LEU A 254 9.61 10.47 -7.18
CA LEU A 254 9.61 9.19 -6.42
C LEU A 254 10.79 9.18 -5.43
N SER A 255 11.92 9.76 -5.81
CA SER A 255 13.11 9.85 -4.92
C SER A 255 12.79 10.71 -3.70
N VAL A 256 12.17 11.85 -3.89
CA VAL A 256 11.75 12.72 -2.75
C VAL A 256 10.71 11.99 -1.88
N ALA A 257 9.72 11.32 -2.48
CA ALA A 257 8.76 10.57 -1.65
C ALA A 257 9.47 9.48 -0.85
N ASP A 258 10.52 8.85 -1.39
CA ASP A 258 11.30 7.81 -0.65
C ASP A 258 11.93 8.43 0.60
N LEU A 259 12.52 9.60 0.48
CA LEU A 259 13.20 10.30 1.60
C LEU A 259 12.13 10.69 2.64
N ILE A 260 10.95 11.12 2.21
CA ILE A 260 9.88 11.56 3.12
C ILE A 260 9.40 10.33 3.90
N GLU A 261 9.22 9.22 3.19
CA GLU A 261 8.74 7.98 3.87
C GLU A 261 9.74 7.64 4.98
N SER A 262 11.05 7.61 4.71
CA SER A 262 12.01 7.26 5.76
C SER A 262 11.85 8.18 6.98
N MET A 263 11.65 9.46 6.75
CA MET A 263 11.60 10.46 7.85
C MET A 263 10.25 10.38 8.57
N LEU A 264 9.11 10.41 7.89
CA LEU A 264 7.81 10.46 8.59
C LEU A 264 7.51 9.12 9.24
N LYS A 265 8.05 8.03 8.70
CA LYS A 265 7.86 6.68 9.35
C LYS A 265 9.00 6.42 10.35
N ASN A 266 9.92 7.34 10.53
CA ASN A 266 10.97 7.27 11.57
C ASN A 266 11.84 6.02 11.38
N LEU A 267 12.19 5.68 10.15
CA LEU A 267 12.75 4.34 9.85
C LEU A 267 14.25 4.22 10.08
N SER A 268 15.03 5.30 10.00
CA SER A 268 16.52 5.21 10.07
C SER A 268 16.98 4.28 8.95
N ARG A 269 16.51 4.59 7.72
CA ARG A 269 17.06 3.98 6.49
C ARG A 269 18.17 4.91 5.96
N ILE A 270 19.09 4.31 5.21
CA ILE A 270 20.27 5.08 4.74
C ILE A 270 20.08 5.47 3.28
N HIS A 271 20.30 6.75 3.02
CA HIS A 271 20.16 7.34 1.68
C HIS A 271 21.35 8.23 1.42
N PRO A 272 21.80 8.34 0.16
CA PRO A 272 22.86 9.26 -0.20
C PRO A 272 22.25 10.64 -0.50
N VAL A 273 22.29 11.50 0.50
CA VAL A 273 21.68 12.84 0.45
C VAL A 273 22.69 13.88 0.88
N SER A 274 22.41 15.12 0.49
CA SER A 274 23.40 16.21 0.68
CA SER A 274 23.40 16.22 0.71
C SER A 274 23.37 16.75 2.15
N THR A 275 24.57 16.72 2.74
CA THR A 275 24.82 17.22 4.12
C THR A 275 26.20 17.88 4.19
N MET A 276 26.47 18.50 5.33
CA MET A 276 27.71 19.26 5.56
C MET A 276 28.84 18.28 5.90
N VAL A 277 29.89 18.20 5.09
CA VAL A 277 30.87 17.08 5.19
C VAL A 277 32.23 17.58 5.68
N LYS A 278 32.31 18.78 6.24
CA LYS A 278 33.59 19.28 6.79
C LYS A 278 34.16 18.23 7.75
N GLY A 279 35.46 17.96 7.62
CA GLY A 279 36.19 17.00 8.50
C GLY A 279 36.12 15.58 7.99
N MET A 280 35.44 15.33 6.87
CA MET A 280 35.31 13.97 6.27
C MET A 280 36.24 13.94 5.06
N TYR A 281 37.09 12.90 4.94
CA TYR A 281 37.90 12.66 3.72
C TYR A 281 38.83 13.83 3.39
N GLY A 282 39.35 14.54 4.41
CA GLY A 282 40.24 15.70 4.29
C GLY A 282 39.57 16.92 3.69
N ILE A 283 38.23 16.97 3.72
CA ILE A 283 37.49 18.18 3.27
C ILE A 283 37.49 19.18 4.42
N GLU A 284 37.99 20.40 4.17
CA GLU A 284 38.36 21.36 5.23
C GLU A 284 37.29 22.44 5.41
N ASN A 285 36.35 22.56 4.47
CA ASN A 285 35.37 23.67 4.46
C ASN A 285 33.96 23.10 4.60
N GLU A 286 32.98 24.00 4.74
CA GLU A 286 31.56 23.65 4.94
C GLU A 286 30.91 23.29 3.60
N VAL A 287 31.52 22.35 2.90
CA VAL A 287 30.96 21.79 1.65
C VAL A 287 29.73 20.95 1.97
N PHE A 288 28.68 21.07 1.17
CA PHE A 288 27.56 20.11 1.17
C PHE A 288 27.67 19.21 -0.06
N LEU A 289 27.64 17.92 0.16
CA LEU A 289 27.55 16.92 -0.93
C LEU A 289 26.96 15.64 -0.37
N SER A 290 26.67 14.66 -1.23
CA SER A 290 26.00 13.42 -0.81
C SER A 290 27.02 12.42 -0.25
N LEU A 291 26.71 11.91 0.95
CA LEU A 291 27.26 10.68 1.55
C LEU A 291 26.08 9.85 2.03
N PRO A 292 26.29 8.56 2.38
CA PRO A 292 25.23 7.74 2.92
C PRO A 292 24.84 8.26 4.31
N CYS A 293 23.58 8.62 4.49
CA CYS A 293 23.08 9.27 5.72
C CYS A 293 21.89 8.53 6.29
N ILE A 294 21.80 8.44 7.62
CA ILE A 294 20.61 7.86 8.27
C ILE A 294 19.52 8.91 8.37
N LEU A 295 18.32 8.57 7.90
CA LEU A 295 17.12 9.47 7.88
C LEU A 295 16.03 8.89 8.76
N ASN A 296 15.50 9.73 9.65
CA ASN A 296 14.38 9.36 10.53
C ASN A 296 13.59 10.63 10.86
N ALA A 297 12.72 10.57 11.86
CA ALA A 297 11.78 11.67 12.13
C ALA A 297 12.52 12.92 12.58
N ARG A 298 13.77 12.78 13.05
CA ARG A 298 14.58 13.93 13.49
C ARG A 298 15.17 14.60 12.25
N GLY A 299 15.32 13.83 11.16
CA GLY A 299 15.93 14.32 9.92
C GLY A 299 17.16 13.50 9.59
N LEU A 300 18.27 14.14 9.31
CA LEU A 300 19.52 13.50 8.85
C LEU A 300 20.44 13.40 10.05
N THR A 301 20.44 12.23 10.72
CA THR A 301 21.01 12.19 12.09
C THR A 301 22.44 11.70 12.13
N SER A 302 22.89 10.97 11.10
CA SER A 302 24.27 10.43 11.04
C SER A 302 24.74 10.29 9.59
N VAL A 303 26.04 10.12 9.45
CA VAL A 303 26.71 9.82 8.16
C VAL A 303 27.44 8.50 8.35
N ILE A 304 27.45 7.66 7.33
CA ILE A 304 28.25 6.42 7.34
C ILE A 304 29.68 6.74 6.91
N ASN A 305 30.66 6.41 7.74
CA ASN A 305 32.11 6.44 7.41
C ASN A 305 32.44 5.24 6.52
N GLN A 306 33.04 5.50 5.38
CA GLN A 306 33.39 4.44 4.40
C GLN A 306 34.90 4.26 4.27
N LYS A 307 35.31 3.03 3.99
CA LYS A 307 36.67 2.72 3.52
C LYS A 307 36.61 2.80 2.00
N LEU A 308 37.12 3.88 1.45
CA LEU A 308 37.12 4.13 -0.01
C LEU A 308 38.51 3.85 -0.57
N LYS A 309 38.58 3.47 -1.84
CA LYS A 309 39.88 3.35 -2.52
C LYS A 309 40.47 4.74 -2.72
N ASP A 310 41.78 4.82 -2.94
CA ASP A 310 42.45 6.12 -3.11
C ASP A 310 41.81 6.91 -4.26
N ASP A 311 41.45 6.26 -5.37
CA ASP A 311 40.91 6.96 -6.57
C ASP A 311 39.53 7.51 -6.21
N GLU A 312 38.79 6.81 -5.35
CA GLU A 312 37.41 7.21 -4.93
C GLU A 312 37.50 8.43 -4.01
N VAL A 313 38.43 8.41 -3.06
CA VAL A 313 38.64 9.57 -2.14
C VAL A 313 39.07 10.77 -2.99
N ALA A 314 39.96 10.54 -3.96
CA ALA A 314 40.44 11.63 -4.84
C ALA A 314 39.27 12.26 -5.58
N GLN A 315 38.39 11.43 -6.13
CA GLN A 315 37.21 11.92 -6.89
C GLN A 315 36.27 12.69 -5.94
N LEU A 316 36.09 12.19 -4.73
CA LEU A 316 35.19 12.86 -3.76
C LEU A 316 35.77 14.23 -3.40
N LYS A 317 37.08 14.30 -3.17
CA LYS A 317 37.73 15.57 -2.82
C LYS A 317 37.62 16.53 -4.00
N LYS A 318 37.74 16.02 -5.23
CA LYS A 318 37.64 16.86 -6.44
C LYS A 318 36.21 17.41 -6.54
N SER A 319 35.23 16.58 -6.20
CA SER A 319 33.82 17.03 -6.19
C SER A 319 33.66 18.15 -5.14
N ALA A 320 34.19 17.93 -3.94
CA ALA A 320 34.14 18.95 -2.86
C ALA A 320 34.81 20.25 -3.31
N ASP A 321 35.98 20.15 -3.95
CA ASP A 321 36.73 21.33 -4.42
C ASP A 321 35.91 22.08 -5.48
N THR A 322 35.25 21.34 -6.37
CA THR A 322 34.37 21.91 -7.44
C THR A 322 33.24 22.70 -6.78
N LEU A 323 32.66 22.16 -5.70
CA LEU A 323 31.50 22.80 -5.04
C LEU A 323 31.98 23.99 -4.17
N TRP A 324 33.10 23.81 -3.47
CA TRP A 324 33.59 24.89 -2.58
C TRP A 324 33.96 26.11 -3.41
N ASP A 325 34.51 25.90 -4.59
CA ASP A 325 34.93 27.01 -5.48
C ASP A 325 33.72 27.91 -5.75
N ILE A 326 32.51 27.34 -5.82
CA ILE A 326 31.27 28.15 -5.99
C ILE A 326 30.78 28.71 -4.66
N GLN A 327 30.73 27.90 -3.60
CA GLN A 327 30.22 28.36 -2.28
C GLN A 327 31.03 29.56 -1.76
N LYS A 328 32.36 29.57 -1.90
CA LYS A 328 33.25 30.61 -1.30
C LYS A 328 32.99 31.98 -1.92
N ASP A 329 32.43 32.04 -3.14
CA ASP A 329 32.21 33.31 -3.87
C ASP A 329 30.80 33.85 -3.66
N LEU A 330 29.94 33.16 -2.90
CA LEU A 330 28.55 33.60 -2.58
C LEU A 330 28.56 34.76 -1.57
N LYS A 331 27.65 35.73 -1.74
CA LYS A 331 27.59 36.99 -0.94
C LYS A 331 26.33 37.02 -0.09
N ASP A 332 26.42 37.62 1.11
CA ASP A 332 25.26 38.01 1.97
C ASP A 332 24.45 36.77 2.37
N LEU A 333 25.12 35.71 2.84
CA LEU A 333 24.50 34.54 3.48
C LEU A 333 24.73 34.62 4.99
N ALA B 1 32.61 -16.03 -18.14
CA ALA B 1 33.39 -15.09 -18.96
C ALA B 1 32.96 -13.66 -18.63
N THR B 2 31.69 -13.28 -18.85
CA THR B 2 31.19 -11.94 -18.45
C THR B 2 31.04 -11.88 -16.94
N LEU B 3 31.00 -10.67 -16.39
CA LEU B 3 30.71 -10.54 -14.93
C LEU B 3 29.38 -11.22 -14.62
N LYS B 4 28.35 -11.05 -15.47
CA LYS B 4 27.01 -11.64 -15.25
C LYS B 4 27.14 -13.18 -15.17
N GLU B 5 27.94 -13.77 -16.08
CA GLU B 5 28.18 -15.23 -16.11
C GLU B 5 28.94 -15.68 -14.86
N LYS B 6 29.82 -14.85 -14.32
CA LYS B 6 30.57 -15.18 -13.08
C LYS B 6 29.65 -15.12 -11.86
N LEU B 7 28.71 -14.17 -11.85
CA LEU B 7 27.89 -13.87 -10.67
C LEU B 7 26.65 -14.79 -10.60
N ILE B 8 26.04 -15.09 -11.73
CA ILE B 8 24.67 -15.67 -11.75
C ILE B 8 24.68 -17.05 -12.39
N ALA B 9 24.39 -18.08 -11.59
CA ALA B 9 24.31 -19.50 -12.01
C ALA B 9 22.86 -19.87 -12.34
N PRO B 10 22.52 -20.22 -13.59
CA PRO B 10 21.13 -20.51 -13.95
C PRO B 10 20.57 -21.75 -13.23
N VAL B 11 19.30 -21.67 -12.82
CA VAL B 11 18.52 -22.85 -12.33
C VAL B 11 17.51 -23.18 -13.41
N ALA B 12 16.75 -22.16 -13.81
CA ALA B 12 15.94 -22.23 -15.04
C ALA B 12 16.89 -21.88 -16.18
N GLU B 13 16.86 -22.65 -17.26
CA GLU B 13 17.77 -22.43 -18.40
C GLU B 13 17.13 -21.40 -19.32
N GLU B 14 15.93 -20.98 -18.99
CA GLU B 14 15.14 -20.13 -19.91
C GLU B 14 14.89 -18.79 -19.24
N GLU B 15 15.01 -17.69 -20.01
CA GLU B 15 14.86 -16.34 -19.42
C GLU B 15 13.68 -15.54 -20.01
N ALA B 16 12.95 -16.02 -21.04
CA ALA B 16 11.82 -15.28 -21.65
C ALA B 16 10.68 -15.05 -20.65
N THR B 17 10.04 -13.88 -20.69
CA THR B 17 8.90 -13.55 -19.81
C THR B 17 7.61 -13.82 -20.59
N VAL B 18 6.71 -14.58 -19.96
CA VAL B 18 5.37 -14.82 -20.57
C VAL B 18 4.56 -13.53 -20.43
N PRO B 19 3.93 -13.02 -21.51
CA PRO B 19 3.06 -11.84 -21.38
C PRO B 19 2.02 -12.12 -20.30
N ASN B 20 1.81 -11.17 -19.38
CA ASN B 20 0.86 -11.30 -18.27
C ASN B 20 0.18 -9.95 -18.01
N ASN B 21 0.48 -9.28 -16.89
CA ASN B 21 -0.27 -8.06 -16.51
C ASN B 21 0.35 -6.81 -17.15
N LYS B 22 0.30 -6.82 -18.47
CA LYS B 22 0.80 -5.71 -19.32
C LYS B 22 -0.29 -4.67 -19.55
N ILE B 23 0.09 -3.41 -19.35
CA ILE B 23 -0.78 -2.25 -19.66
C ILE B 23 -0.07 -1.36 -20.68
N THR B 24 -0.78 -0.94 -21.70
CA THR B 24 -0.30 0.14 -22.59
C THR B 24 -1.03 1.43 -22.26
N VAL B 25 -0.27 2.53 -22.23
CA VAL B 25 -0.86 3.90 -22.31
C VAL B 25 -0.55 4.50 -23.68
N VAL B 26 -1.61 4.80 -24.40
CA VAL B 26 -1.51 5.50 -25.71
C VAL B 26 -1.60 7.00 -25.41
N GLY B 27 -0.55 7.72 -25.80
CA GLY B 27 -0.46 9.15 -25.51
C GLY B 27 0.43 9.38 -24.33
N VAL B 28 1.39 10.25 -24.47
CA VAL B 28 2.33 10.59 -23.39
C VAL B 28 2.23 12.09 -23.09
N GLY B 29 1.04 12.66 -23.23
CA GLY B 29 0.79 14.05 -22.85
C GLY B 29 0.47 14.15 -21.38
N GLN B 30 -0.25 15.20 -21.00
CA GLN B 30 -0.42 15.44 -19.55
C GLN B 30 -1.24 14.27 -19.00
N VAL B 31 -2.29 13.86 -19.70
CA VAL B 31 -3.18 12.78 -19.18
C VAL B 31 -2.46 11.44 -19.27
N GLY B 32 -1.81 11.11 -20.34
CA GLY B 32 -1.18 9.78 -20.45
C GLY B 32 -0.13 9.58 -19.35
N MET B 33 0.62 10.62 -19.02
CA MET B 33 1.71 10.46 -18.03
C MET B 33 1.08 10.43 -16.64
N ALA B 34 -0.03 11.16 -16.40
CA ALA B 34 -0.68 11.05 -15.08
C ALA B 34 -1.21 9.63 -14.91
N CYS B 35 -1.79 9.07 -15.95
CA CYS B 35 -2.27 7.66 -15.96
C CYS B 35 -1.08 6.75 -15.68
N ALA B 36 0.02 6.93 -16.35
CA ALA B 36 1.21 6.07 -16.23
C ALA B 36 1.73 6.13 -14.78
N ILE B 37 1.90 7.32 -14.21
CA ILE B 37 2.52 7.40 -12.86
C ILE B 37 1.52 6.82 -11.86
N SER B 38 0.21 6.93 -12.10
CA SER B 38 -0.76 6.38 -11.10
C SER B 38 -0.80 4.87 -11.21
N ILE B 39 -0.68 4.32 -12.41
CA ILE B 39 -0.59 2.84 -12.63
C ILE B 39 0.66 2.29 -11.95
N LEU B 40 1.78 2.96 -12.05
CA LEU B 40 3.08 2.52 -11.49
C LEU B 40 3.04 2.66 -9.96
N GLY B 41 2.46 3.76 -9.45
CA GLY B 41 2.41 4.00 -8.00
C GLY B 41 1.59 2.94 -7.33
N LYS B 42 0.53 2.45 -7.96
CA LYS B 42 -0.38 1.45 -7.34
C LYS B 42 0.05 0.02 -7.71
N SER B 43 1.21 -0.17 -8.34
CA SER B 43 1.77 -1.49 -8.70
C SER B 43 0.73 -2.26 -9.53
N LEU B 44 0.13 -1.64 -10.55
CA LEU B 44 -0.97 -2.28 -11.31
C LEU B 44 -0.47 -2.97 -12.59
N ALA B 45 0.80 -2.92 -12.89
CA ALA B 45 1.32 -3.55 -14.11
C ALA B 45 2.66 -4.20 -13.85
N ASP B 46 2.87 -5.36 -14.46
CA ASP B 46 4.22 -5.97 -14.48
C ASP B 46 4.99 -5.48 -15.70
N GLU B 47 4.29 -4.90 -16.65
CA GLU B 47 4.93 -4.33 -17.87
C GLU B 47 4.11 -3.13 -18.27
N LEU B 48 4.76 -1.98 -18.46
CA LEU B 48 4.07 -0.75 -18.92
C LEU B 48 4.66 -0.38 -20.28
N ALA B 49 3.83 -0.31 -21.30
CA ALA B 49 4.24 0.17 -22.63
C ALA B 49 3.64 1.56 -22.83
N LEU B 50 4.45 2.46 -23.39
CA LEU B 50 3.97 3.78 -23.87
C LEU B 50 4.10 3.85 -25.40
N VAL B 51 3.03 4.31 -26.03
CA VAL B 51 3.04 4.50 -27.49
C VAL B 51 2.58 5.91 -27.80
N ASP B 52 3.16 6.53 -28.82
CA ASP B 52 2.80 7.91 -29.20
C ASP B 52 3.50 8.24 -30.51
N VAL B 53 3.02 9.25 -31.23
CA VAL B 53 3.72 9.69 -32.46
C VAL B 53 4.99 10.49 -32.12
N LEU B 54 5.08 11.12 -30.95
CA LEU B 54 6.22 12.03 -30.63
C LEU B 54 7.38 11.20 -30.11
N GLU B 55 8.29 10.79 -30.97
CA GLU B 55 9.37 9.81 -30.65
C GLU B 55 10.30 10.33 -29.56
N ASP B 56 10.75 11.57 -29.61
CA ASP B 56 11.73 12.08 -28.61
C ASP B 56 11.04 12.16 -27.25
N LYS B 57 9.86 12.77 -27.22
CA LYS B 57 9.14 12.93 -25.92
C LYS B 57 8.90 11.55 -25.33
N LEU B 58 8.45 10.61 -26.14
CA LEU B 58 8.14 9.24 -25.72
C LEU B 58 9.39 8.60 -25.08
N LYS B 59 10.54 8.73 -25.69
CA LYS B 59 11.80 8.12 -25.20
C LYS B 59 12.20 8.81 -23.88
N GLY B 60 12.01 10.12 -23.78
CA GLY B 60 12.33 10.86 -22.55
C GLY B 60 11.44 10.42 -21.43
N GLU B 61 10.14 10.32 -21.68
CA GLU B 61 9.21 9.87 -20.61
C GLU B 61 9.58 8.47 -20.18
N MET B 62 9.83 7.55 -21.11
CA MET B 62 10.20 6.16 -20.80
C MET B 62 11.45 6.15 -19.90
N MET B 63 12.47 6.93 -20.24
CA MET B 63 13.73 6.95 -19.47
C MET B 63 13.46 7.50 -18.06
N ASP B 64 12.65 8.54 -17.96
CA ASP B 64 12.41 9.18 -16.63
C ASP B 64 11.70 8.16 -15.75
N LEU B 65 10.67 7.48 -16.27
CA LEU B 65 10.01 6.41 -15.47
C LEU B 65 11.02 5.33 -15.11
N GLN B 66 11.79 4.84 -16.06
CA GLN B 66 12.80 3.76 -15.81
C GLN B 66 13.76 4.17 -14.68
N HIS B 67 14.12 5.44 -14.60
CA HIS B 67 15.05 5.94 -13.55
C HIS B 67 14.41 5.77 -12.17
N GLY B 68 13.07 5.78 -12.05
CA GLY B 68 12.42 5.56 -10.76
C GLY B 68 12.15 4.10 -10.44
N SER B 69 12.69 3.14 -11.19
CA SER B 69 12.34 1.71 -11.04
C SER B 69 12.63 1.23 -9.61
N LEU B 70 13.74 1.72 -9.01
CA LEU B 70 14.09 1.27 -7.62
C LEU B 70 12.90 1.45 -6.69
N PHE B 71 12.07 2.46 -6.92
CA PHE B 71 10.95 2.86 -6.03
C PHE B 71 9.64 2.20 -6.47
N LEU B 72 9.67 1.34 -7.49
CA LEU B 72 8.44 0.80 -8.10
C LEU B 72 8.44 -0.72 -8.04
N GLN B 73 7.39 -1.32 -8.56
CA GLN B 73 7.31 -2.80 -8.73
C GLN B 73 6.84 -3.15 -10.14
N THR B 74 7.45 -2.52 -11.14
CA THR B 74 7.13 -2.75 -12.56
C THR B 74 8.48 -3.01 -13.24
N PRO B 75 8.82 -4.29 -13.51
CA PRO B 75 10.18 -4.63 -13.93
C PRO B 75 10.47 -4.29 -15.40
N LYS B 76 9.44 -4.01 -16.19
CA LYS B 76 9.66 -3.70 -17.62
C LYS B 76 8.84 -2.48 -18.00
N ILE B 77 9.52 -1.43 -18.44
CA ILE B 77 8.91 -0.20 -18.98
C ILE B 77 9.51 0.03 -20.35
N VAL B 78 8.65 0.09 -21.35
CA VAL B 78 9.07 0.16 -22.78
C VAL B 78 8.25 1.22 -23.48
N ALA B 79 8.73 1.68 -24.64
CA ALA B 79 8.05 2.77 -25.37
C ALA B 79 8.52 2.76 -26.83
N ASP B 80 7.58 3.00 -27.73
CA ASP B 80 7.91 3.10 -29.17
C ASP B 80 6.76 3.76 -29.90
N LYS B 81 7.08 4.39 -31.04
CA LYS B 81 6.04 4.95 -31.94
C LYS B 81 5.30 3.83 -32.67
N ASP B 82 5.95 2.70 -32.86
CA ASP B 82 5.33 1.52 -33.52
C ASP B 82 4.53 0.70 -32.50
N TYR B 83 3.28 0.36 -32.87
CA TYR B 83 2.32 -0.32 -31.98
C TYR B 83 2.79 -1.74 -31.69
N SER B 84 3.80 -2.28 -32.36
CA SER B 84 4.35 -3.61 -31.97
C SER B 84 4.74 -3.59 -30.49
N VAL B 85 5.14 -2.46 -29.92
CA VAL B 85 5.56 -2.36 -28.49
C VAL B 85 4.38 -2.68 -27.57
N THR B 86 3.13 -2.53 -28.06
CA THR B 86 1.92 -2.73 -27.22
C THR B 86 1.46 -4.20 -27.21
N ALA B 87 2.14 -5.10 -27.93
CA ALA B 87 1.62 -6.47 -28.15
C ALA B 87 1.28 -7.15 -26.81
N ASN B 88 0.15 -7.85 -26.79
CA ASN B 88 -0.27 -8.72 -25.67
C ASN B 88 -0.54 -7.91 -24.41
N SER B 89 -1.08 -6.70 -24.56
CA SER B 89 -1.57 -5.87 -23.43
C SER B 89 -2.90 -6.42 -22.91
N LYS B 90 -3.06 -6.51 -21.59
CA LYS B 90 -4.38 -6.86 -21.02
C LYS B 90 -5.31 -5.64 -20.99
N ILE B 91 -4.78 -4.46 -20.75
CA ILE B 91 -5.56 -3.20 -20.71
C ILE B 91 -4.81 -2.18 -21.58
N VAL B 92 -5.51 -1.45 -22.42
CA VAL B 92 -4.92 -0.34 -23.20
C VAL B 92 -5.72 0.91 -22.86
N VAL B 93 -5.01 1.94 -22.38
CA VAL B 93 -5.62 3.23 -22.01
C VAL B 93 -5.38 4.21 -23.16
N VAL B 94 -6.43 4.78 -23.72
CA VAL B 94 -6.24 5.66 -24.91
C VAL B 94 -6.44 7.11 -24.45
N THR B 95 -5.36 7.87 -24.46
CA THR B 95 -5.37 9.30 -24.05
C THR B 95 -4.92 10.20 -25.18
N ALA B 96 -4.60 9.66 -26.37
CA ALA B 96 -4.08 10.48 -27.49
C ALA B 96 -5.17 11.32 -28.13
N GLY B 97 -4.78 12.48 -28.62
CA GLY B 97 -5.64 13.34 -29.43
C GLY B 97 -5.64 14.77 -28.98
N VAL B 98 -6.53 15.56 -29.57
CA VAL B 98 -6.61 17.01 -29.22
C VAL B 98 -7.41 17.15 -27.93
N ARG B 99 -7.16 18.27 -27.23
CA ARG B 99 -7.84 18.56 -25.96
C ARG B 99 -8.54 19.93 -26.09
N GLN B 100 -9.34 20.28 -25.10
CA GLN B 100 -10.10 21.56 -25.09
C GLN B 100 -9.15 22.74 -24.98
N GLN B 101 -9.35 23.74 -25.83
CA GLN B 101 -8.87 25.11 -25.52
C GLN B 101 -9.78 25.71 -24.47
N GLU B 102 -9.38 26.85 -23.90
CA GLU B 102 -10.22 27.58 -22.92
C GLU B 102 -11.62 27.79 -23.50
N GLY B 103 -12.63 27.34 -22.76
CA GLY B 103 -14.06 27.57 -23.07
C GLY B 103 -14.59 26.66 -24.17
N GLU B 104 -13.76 25.77 -24.72
CA GLU B 104 -14.18 24.89 -25.84
C GLU B 104 -14.95 23.68 -25.30
N SER B 105 -16.09 23.35 -25.91
CA SER B 105 -16.84 22.10 -25.61
C SER B 105 -16.00 20.88 -25.98
N ARG B 106 -16.04 19.84 -25.16
CA ARG B 106 -15.46 18.53 -25.54
C ARG B 106 -16.09 18.07 -26.87
N LEU B 107 -17.37 18.37 -27.09
CA LEU B 107 -18.07 17.87 -28.31
C LEU B 107 -17.45 18.51 -29.55
N ASN B 108 -16.76 19.64 -29.43
CA ASN B 108 -16.11 20.33 -30.58
C ASN B 108 -14.85 19.59 -31.01
N LEU B 109 -14.37 18.63 -30.22
CA LEU B 109 -13.14 17.86 -30.53
C LEU B 109 -13.49 16.65 -31.41
N VAL B 110 -14.78 16.37 -31.64
CA VAL B 110 -15.20 15.03 -32.15
C VAL B 110 -14.61 14.77 -33.56
N GLN B 111 -14.71 15.67 -34.54
CA GLN B 111 -14.18 15.36 -35.90
C GLN B 111 -12.68 15.08 -35.85
N ARG B 112 -11.91 15.90 -35.14
CA ARG B 112 -10.43 15.73 -35.06
C ARG B 112 -10.10 14.39 -34.38
N ASN B 113 -10.73 14.07 -33.25
CA ASN B 113 -10.33 12.86 -32.50
C ASN B 113 -10.93 11.60 -33.12
N VAL B 114 -12.08 11.66 -33.80
CA VAL B 114 -12.51 10.47 -34.60
C VAL B 114 -11.41 10.16 -35.62
N ASN B 115 -10.81 11.16 -36.27
CA ASN B 115 -9.78 10.90 -37.30
C ASN B 115 -8.54 10.29 -36.64
N VAL B 116 -8.19 10.70 -35.43
CA VAL B 116 -7.05 10.09 -34.71
C VAL B 116 -7.38 8.62 -34.41
N PHE B 117 -8.61 8.36 -33.98
CA PHE B 117 -9.01 7.00 -33.52
C PHE B 117 -9.12 6.05 -34.72
N LYS B 118 -9.44 6.57 -35.91
CA LYS B 118 -9.51 5.71 -37.11
C LYS B 118 -8.12 5.12 -37.38
N PHE B 119 -7.05 5.82 -37.02
CA PHE B 119 -5.65 5.31 -37.15
C PHE B 119 -5.31 4.39 -35.97
N ILE B 120 -5.53 4.86 -34.74
CA ILE B 120 -4.99 4.21 -33.50
C ILE B 120 -5.72 2.90 -33.21
N ILE B 121 -7.04 2.89 -33.25
CA ILE B 121 -7.79 1.71 -32.71
C ILE B 121 -7.44 0.46 -33.51
N PRO B 122 -7.37 0.45 -34.85
CA PRO B 122 -6.97 -0.77 -35.57
C PRO B 122 -5.58 -1.26 -35.20
N GLN B 123 -4.65 -0.37 -34.87
CA GLN B 123 -3.28 -0.79 -34.46
C GLN B 123 -3.35 -1.47 -33.09
N ILE B 124 -4.14 -0.93 -32.16
CA ILE B 124 -4.29 -1.54 -30.81
C ILE B 124 -4.77 -2.98 -30.99
N VAL B 125 -5.83 -3.21 -31.73
CA VAL B 125 -6.44 -4.57 -31.72
C VAL B 125 -5.60 -5.52 -32.57
N LYS B 126 -4.85 -5.00 -33.53
CA LYS B 126 -3.87 -5.82 -34.29
C LYS B 126 -2.91 -6.48 -33.31
N TYR B 127 -2.39 -5.75 -32.33
CA TYR B 127 -1.29 -6.25 -31.48
C TYR B 127 -1.82 -6.83 -30.16
N SER B 128 -3.02 -6.44 -29.72
CA SER B 128 -3.64 -6.99 -28.48
C SER B 128 -5.10 -7.34 -28.79
N PRO B 129 -5.38 -8.42 -29.55
CA PRO B 129 -6.76 -8.74 -29.91
C PRO B 129 -7.60 -9.12 -28.68
N ASP B 130 -6.99 -9.48 -27.56
CA ASP B 130 -7.68 -9.95 -26.34
C ASP B 130 -7.69 -8.88 -25.23
N CYS B 131 -7.51 -7.61 -25.56
CA CYS B 131 -7.42 -6.55 -24.51
C CYS B 131 -8.79 -5.99 -24.10
N ILE B 132 -8.77 -5.27 -22.98
CA ILE B 132 -9.83 -4.31 -22.57
C ILE B 132 -9.30 -2.92 -22.95
N ILE B 133 -10.12 -2.12 -23.61
CA ILE B 133 -9.74 -0.73 -23.95
C ILE B 133 -10.48 0.22 -23.01
N ILE B 134 -9.73 1.06 -22.33
CA ILE B 134 -10.30 2.21 -21.58
C ILE B 134 -10.07 3.46 -22.44
N VAL B 135 -11.16 4.10 -22.84
CA VAL B 135 -11.08 5.32 -23.68
C VAL B 135 -11.09 6.51 -22.71
N VAL B 136 -10.15 7.44 -22.87
CA VAL B 136 -10.08 8.67 -22.05
C VAL B 136 -10.18 9.92 -22.93
N SER B 137 -9.64 9.88 -24.12
CA SER B 137 -9.69 11.05 -25.04
C SER B 137 -11.12 11.58 -25.16
N ASN B 138 -11.28 12.88 -25.40
CA ASN B 138 -12.64 13.51 -25.47
C ASN B 138 -13.10 13.72 -26.90
N PRO B 139 -14.43 13.77 -27.15
CA PRO B 139 -15.43 13.52 -26.12
C PRO B 139 -15.56 12.04 -25.81
N VAL B 140 -15.36 11.68 -24.55
CA VAL B 140 -15.07 10.28 -24.17
C VAL B 140 -16.26 9.38 -24.53
N ASP B 141 -17.49 9.82 -24.34
CA ASP B 141 -18.65 8.93 -24.62
C ASP B 141 -18.71 8.60 -26.11
N ILE B 142 -18.57 9.61 -26.96
CA ILE B 142 -18.63 9.38 -28.43
C ILE B 142 -17.44 8.52 -28.85
N LEU B 143 -16.25 8.79 -28.33
CA LEU B 143 -15.06 8.03 -28.76
C LEU B 143 -15.11 6.60 -28.21
N THR B 144 -15.84 6.33 -27.14
CA THR B 144 -16.05 4.94 -26.66
C THR B 144 -16.92 4.21 -27.70
N TYR B 145 -17.99 4.85 -28.16
CA TYR B 145 -18.84 4.29 -29.25
C TYR B 145 -17.96 4.03 -30.48
N VAL B 146 -17.17 5.02 -30.88
CA VAL B 146 -16.30 4.92 -32.09
C VAL B 146 -15.31 3.77 -31.91
N THR B 147 -14.70 3.64 -30.74
CA THR B 147 -13.73 2.55 -30.47
C THR B 147 -14.44 1.20 -30.58
N TRP B 148 -15.65 1.10 -30.02
CA TRP B 148 -16.47 -0.15 -30.11
C TRP B 148 -16.67 -0.53 -31.58
N LYS B 149 -17.08 0.43 -32.41
CA LYS B 149 -17.34 0.16 -33.86
C LYS B 149 -16.04 -0.20 -34.58
N LEU B 150 -14.97 0.55 -34.37
CA LEU B 150 -13.69 0.35 -35.08
C LEU B 150 -12.99 -0.94 -34.65
N SER B 151 -13.08 -1.32 -33.37
CA SER B 151 -12.29 -2.42 -32.77
C SER B 151 -12.89 -3.78 -33.14
N GLY B 152 -14.21 -3.85 -33.24
CA GLY B 152 -14.94 -5.12 -33.39
C GLY B 152 -14.98 -5.88 -32.09
N LEU B 153 -14.54 -5.28 -30.98
CA LEU B 153 -14.53 -5.96 -29.67
C LEU B 153 -15.95 -6.04 -29.13
N PRO B 154 -16.21 -6.98 -28.20
CA PRO B 154 -17.51 -7.01 -27.53
C PRO B 154 -17.69 -5.80 -26.60
N LYS B 155 -18.95 -5.46 -26.31
CA LYS B 155 -19.33 -4.30 -25.46
C LYS B 155 -18.55 -4.33 -24.14
N HIS B 156 -18.37 -5.50 -23.52
CA HIS B 156 -17.84 -5.60 -22.15
C HIS B 156 -16.33 -5.29 -22.15
N ARG B 157 -15.72 -5.12 -23.33
CA ARG B 157 -14.25 -4.92 -23.40
C ARG B 157 -13.91 -3.51 -23.89
N VAL B 158 -14.91 -2.65 -24.01
CA VAL B 158 -14.66 -1.25 -24.44
C VAL B 158 -15.38 -0.34 -23.45
N ILE B 159 -14.61 0.42 -22.69
CA ILE B 159 -15.09 1.21 -21.53
C ILE B 159 -14.63 2.65 -21.67
N GLY B 160 -15.53 3.61 -21.52
CA GLY B 160 -15.15 5.02 -21.44
C GLY B 160 -14.97 5.45 -20.00
N SER B 161 -13.87 6.16 -19.70
CA SER B 161 -13.62 6.59 -18.29
C SER B 161 -14.85 7.36 -17.76
N GLY B 162 -15.55 8.05 -18.66
CA GLY B 162 -16.89 8.62 -18.40
C GLY B 162 -17.00 9.46 -17.13
N CYS B 163 -17.97 9.13 -16.29
CA CYS B 163 -18.34 9.98 -15.13
C CYS B 163 -17.72 9.46 -13.82
N ASN B 164 -16.71 8.58 -13.87
CA ASN B 164 -15.99 8.18 -12.64
C ASN B 164 -15.32 9.44 -12.07
N LEU B 165 -14.78 10.30 -12.93
CA LEU B 165 -14.14 11.58 -12.56
C LEU B 165 -15.22 12.57 -12.11
N ASP B 166 -16.32 12.71 -12.87
CA ASP B 166 -17.37 13.67 -12.49
C ASP B 166 -17.89 13.30 -11.10
N SER B 167 -18.10 12.01 -10.86
CA SER B 167 -18.63 11.50 -9.58
C SER B 167 -17.63 11.79 -8.47
N ALA B 168 -16.34 11.56 -8.71
CA ALA B 168 -15.32 11.91 -7.70
C ALA B 168 -15.40 13.39 -7.35
N ARG B 169 -15.50 14.26 -8.36
CA ARG B 169 -15.61 15.73 -8.13
C ARG B 169 -16.87 16.02 -7.29
N PHE B 170 -17.99 15.43 -7.67
CA PHE B 170 -19.30 15.63 -6.98
C PHE B 170 -19.16 15.24 -5.50
N ARG B 171 -18.55 14.09 -5.24
CA ARG B 171 -18.41 13.55 -3.86
C ARG B 171 -17.46 14.45 -3.08
N TYR B 172 -16.37 14.89 -3.70
CA TYR B 172 -15.44 15.84 -3.05
C TYR B 172 -16.21 17.10 -2.62
N LEU B 173 -16.98 17.68 -3.53
CA LEU B 173 -17.65 18.99 -3.26
C LEU B 173 -18.72 18.82 -2.17
N MET B 174 -19.49 17.74 -2.19
CA MET B 174 -20.52 17.53 -1.13
C MET B 174 -19.82 17.21 0.19
N ALA B 175 -18.76 16.40 0.16
CA ALA B 175 -18.06 15.99 1.39
C ALA B 175 -17.42 17.24 2.03
N GLU B 176 -16.91 18.17 1.21
CA GLU B 176 -16.29 19.42 1.73
C GLU B 176 -17.34 20.24 2.50
N LYS B 177 -18.57 20.28 2.00
CA LYS B 177 -19.68 21.03 2.65
C LYS B 177 -20.07 20.34 3.98
N LEU B 178 -19.99 19.02 4.05
CA LEU B 178 -20.45 18.26 5.24
C LEU B 178 -19.32 17.99 6.24
N GLY B 179 -18.06 18.18 5.87
CA GLY B 179 -16.90 17.94 6.75
C GLY B 179 -16.60 16.46 6.92
N ILE B 180 -16.78 15.64 5.89
CA ILE B 180 -16.51 14.18 5.92
C ILE B 180 -15.61 13.81 4.75
N HIS B 181 -15.09 12.58 4.75
CA HIS B 181 -14.26 12.07 3.64
C HIS B 181 -15.15 11.79 2.45
N PRO B 182 -14.71 12.07 1.19
CA PRO B 182 -15.56 11.75 0.05
C PRO B 182 -15.98 10.28 -0.04
N SER B 183 -15.18 9.36 0.49
CA SER B 183 -15.55 7.91 0.50
C SER B 183 -16.80 7.66 1.35
N SER B 184 -17.19 8.57 2.25
CA SER B 184 -18.36 8.40 3.14
C SER B 184 -19.55 9.20 2.62
N CYS B 185 -19.38 9.93 1.51
CA CYS B 185 -20.41 10.78 0.92
C CYS B 185 -20.78 10.20 -0.45
N HIS B 186 -21.93 9.58 -0.60
CA HIS B 186 -22.26 8.78 -1.81
C HIS B 186 -23.12 9.61 -2.73
N GLY B 187 -22.76 9.66 -4.00
CA GLY B 187 -23.48 10.45 -5.00
C GLY B 187 -22.98 10.12 -6.39
N TRP B 188 -23.88 10.10 -7.35
CA TRP B 188 -23.62 9.61 -8.72
C TRP B 188 -23.91 10.69 -9.74
N ILE B 189 -22.94 10.96 -10.60
CA ILE B 189 -23.10 11.74 -11.84
C ILE B 189 -23.18 10.73 -12.98
N LEU B 190 -24.23 10.81 -13.79
CA LEU B 190 -24.45 9.88 -14.93
C LEU B 190 -24.59 10.65 -16.24
N GLY B 191 -24.68 9.89 -17.32
CA GLY B 191 -24.80 10.47 -18.67
C GLY B 191 -23.49 10.96 -19.25
N GLU B 192 -23.56 12.08 -19.98
CA GLU B 192 -22.39 12.62 -20.70
C GLU B 192 -21.33 13.06 -19.70
N HIS B 193 -20.07 12.68 -19.90
CA HIS B 193 -18.93 13.37 -19.26
C HIS B 193 -18.81 14.75 -19.89
N GLY B 194 -19.61 15.68 -19.42
CA GLY B 194 -19.74 17.01 -20.04
C GLY B 194 -20.96 17.74 -19.56
N ASP B 195 -21.39 18.70 -20.35
CA ASP B 195 -22.36 19.73 -19.92
C ASP B 195 -23.73 19.12 -19.63
N SER B 196 -24.09 17.96 -20.21
CA SER B 196 -25.46 17.40 -20.09
C SER B 196 -25.50 16.32 -19.01
N SER B 197 -24.49 16.25 -18.15
CA SER B 197 -24.45 15.25 -17.06
C SER B 197 -25.67 15.39 -16.14
N VAL B 198 -25.99 14.29 -15.48
CA VAL B 198 -27.17 14.12 -14.58
C VAL B 198 -26.65 13.91 -13.17
N ALA B 199 -27.05 14.75 -12.24
CA ALA B 199 -26.80 14.54 -10.80
C ALA B 199 -27.98 13.77 -10.22
N VAL B 200 -27.75 12.57 -9.73
CA VAL B 200 -28.83 11.68 -9.18
C VAL B 200 -29.01 12.07 -7.71
N TRP B 201 -29.68 13.20 -7.49
CA TRP B 201 -29.90 13.75 -6.13
C TRP B 201 -30.69 12.75 -5.29
N SER B 202 -31.58 11.98 -5.93
CA SER B 202 -32.47 11.00 -5.24
C SER B 202 -31.66 9.85 -4.64
N GLY B 203 -30.41 9.65 -5.07
CA GLY B 203 -29.53 8.59 -4.53
C GLY B 203 -28.43 9.09 -3.61
N VAL B 204 -28.27 10.41 -3.51
CA VAL B 204 -27.21 11.00 -2.66
C VAL B 204 -27.49 10.64 -1.20
N ASN B 205 -26.49 10.11 -0.51
CA ASN B 205 -26.71 9.66 0.88
C ASN B 205 -25.42 9.67 1.66
N VAL B 206 -25.58 9.70 2.99
CA VAL B 206 -24.49 9.53 3.97
C VAL B 206 -24.97 8.48 4.96
N ALA B 207 -24.23 7.38 5.09
CA ALA B 207 -24.61 6.26 5.99
C ALA B 207 -26.03 5.75 5.66
N GLY B 208 -26.44 5.76 4.40
CA GLY B 208 -27.75 5.24 3.99
C GLY B 208 -28.87 6.20 4.36
N VAL B 209 -28.53 7.43 4.73
CA VAL B 209 -29.51 8.54 4.94
C VAL B 209 -29.61 9.31 3.63
N SER B 210 -30.78 9.26 3.00
CA SER B 210 -31.05 10.04 1.77
C SER B 210 -31.05 11.53 2.11
N LEU B 211 -30.14 12.30 1.52
CA LEU B 211 -30.04 13.76 1.80
C LEU B 211 -31.27 14.48 1.23
N GLN B 212 -31.81 14.01 0.11
CA GLN B 212 -33.06 14.59 -0.46
C GLN B 212 -34.25 14.27 0.46
N GLU B 213 -34.23 13.19 1.24
CA GLU B 213 -35.34 12.96 2.21
C GLU B 213 -35.27 14.02 3.31
N LEU B 214 -34.08 14.37 3.75
CA LEU B 214 -33.87 15.46 4.75
C LEU B 214 -34.21 16.83 4.14
N ASN B 215 -33.77 17.10 2.92
CA ASN B 215 -34.07 18.36 2.20
C ASN B 215 -34.67 18.02 0.84
N PRO B 216 -36.01 17.98 0.69
CA PRO B 216 -36.63 17.55 -0.56
C PRO B 216 -36.35 18.52 -1.72
N GLU B 217 -35.89 19.74 -1.43
CA GLU B 217 -35.61 20.79 -2.47
C GLU B 217 -34.19 20.62 -3.03
N MET B 218 -33.46 19.65 -2.50
CA MET B 218 -32.06 19.40 -2.92
C MET B 218 -32.01 19.08 -4.41
N GLY B 219 -31.32 19.92 -5.18
CA GLY B 219 -31.16 19.73 -6.64
C GLY B 219 -32.21 20.46 -7.46
N THR B 220 -33.19 21.14 -6.83
CA THR B 220 -34.23 21.94 -7.53
C THR B 220 -33.78 23.40 -7.59
N ASP B 221 -34.51 24.24 -8.33
CA ASP B 221 -34.23 25.69 -8.46
C ASP B 221 -34.87 26.46 -7.31
N ASN B 222 -35.54 25.78 -6.37
CA ASN B 222 -36.19 26.45 -5.22
C ASN B 222 -35.60 25.89 -3.92
N ASP B 223 -34.28 26.00 -3.81
CA ASP B 223 -33.49 25.48 -2.67
C ASP B 223 -32.65 26.65 -2.12
N SER B 224 -32.94 27.08 -0.90
CA SER B 224 -32.21 28.20 -0.23
C SER B 224 -30.74 27.83 -0.01
N GLU B 225 -30.40 26.54 0.13
CA GLU B 225 -29.01 26.06 0.30
C GLU B 225 -28.33 25.89 -1.07
N ASN B 226 -29.11 25.91 -2.16
CA ASN B 226 -28.62 25.88 -3.56
C ASN B 226 -27.66 24.70 -3.80
N TRP B 227 -28.07 23.48 -3.41
CA TRP B 227 -27.25 22.27 -3.65
C TRP B 227 -27.02 22.09 -5.16
N LYS B 228 -27.98 22.50 -5.99
CA LYS B 228 -27.83 22.45 -7.47
C LYS B 228 -26.53 23.12 -7.94
N GLU B 229 -26.06 24.15 -7.25
CA GLU B 229 -24.79 24.84 -7.59
C GLU B 229 -23.63 23.84 -7.55
N VAL B 230 -23.69 22.81 -6.71
CA VAL B 230 -22.62 21.77 -6.65
C VAL B 230 -22.54 21.08 -8.02
N HIS B 231 -23.67 20.71 -8.60
CA HIS B 231 -23.68 20.06 -9.94
C HIS B 231 -23.15 21.04 -10.96
N LYS B 232 -23.54 22.31 -10.86
CA LYS B 232 -23.02 23.33 -11.81
C LYS B 232 -21.49 23.37 -11.67
N MET B 233 -20.96 23.26 -10.45
CA MET B 233 -19.49 23.30 -10.25
C MET B 233 -18.86 22.04 -10.84
N VAL B 234 -19.50 20.88 -10.74
CA VAL B 234 -19.01 19.63 -11.40
C VAL B 234 -18.94 19.91 -12.91
N VAL B 235 -20.00 20.46 -13.48
CA VAL B 235 -20.05 20.69 -14.96
C VAL B 235 -18.95 21.68 -15.35
N GLU B 236 -18.74 22.73 -14.55
CA GLU B 236 -17.82 23.84 -14.91
C GLU B 236 -16.38 23.48 -14.57
N SER B 237 -16.16 22.48 -13.72
CA SER B 237 -14.82 22.18 -13.13
C SER B 237 -13.75 22.10 -14.23
N ALA B 238 -13.94 21.33 -15.30
CA ALA B 238 -12.90 21.18 -16.36
C ALA B 238 -12.58 22.54 -16.96
N TYR B 239 -13.59 23.34 -17.22
CA TYR B 239 -13.37 24.68 -17.83
C TYR B 239 -12.57 25.57 -16.86
N GLU B 240 -12.88 25.53 -15.57
CA GLU B 240 -12.19 26.39 -14.58
C GLU B 240 -10.73 25.96 -14.47
N VAL B 241 -10.47 24.65 -14.41
CA VAL B 241 -9.07 24.16 -14.24
C VAL B 241 -8.31 24.46 -15.53
N ILE B 242 -8.93 24.27 -16.70
CA ILE B 242 -8.29 24.61 -18.00
C ILE B 242 -7.93 26.10 -18.05
N LYS B 243 -8.82 26.97 -17.60
CA LYS B 243 -8.51 28.43 -17.55
C LYS B 243 -7.27 28.66 -16.67
N LEU B 244 -7.13 27.93 -15.56
CA LEU B 244 -6.07 28.25 -14.57
C LEU B 244 -4.73 27.61 -14.94
N LYS B 245 -4.70 26.32 -15.29
CA LYS B 245 -3.41 25.62 -15.53
C LYS B 245 -3.31 25.11 -16.99
N GLY B 246 -4.38 25.15 -17.78
CA GLY B 246 -4.27 24.86 -19.23
C GLY B 246 -4.87 23.53 -19.63
N TYR B 247 -5.14 22.64 -18.67
CA TYR B 247 -5.51 21.23 -18.93
C TYR B 247 -5.86 20.66 -17.56
N THR B 248 -6.40 19.44 -17.52
CA THR B 248 -6.55 18.69 -16.26
C THR B 248 -5.81 17.37 -16.46
N ASN B 249 -5.29 16.79 -15.36
CA ASN B 249 -4.59 15.48 -15.53
C ASN B 249 -4.57 14.69 -14.24
N TRP B 250 -4.33 15.29 -13.09
CA TRP B 250 -4.11 14.47 -11.89
C TRP B 250 -5.35 13.67 -11.52
N ALA B 251 -6.51 14.30 -11.49
CA ALA B 251 -7.71 13.57 -11.03
C ALA B 251 -8.08 12.48 -12.04
N ILE B 252 -7.97 12.75 -13.35
CA ILE B 252 -8.30 11.68 -14.34
C ILE B 252 -7.26 10.55 -14.23
N GLY B 253 -6.00 10.84 -13.96
CA GLY B 253 -5.01 9.75 -13.82
C GLY B 253 -5.38 8.84 -12.65
N LEU B 254 -5.82 9.44 -11.56
CA LEU B 254 -6.25 8.64 -10.39
C LEU B 254 -7.54 7.87 -10.72
N SER B 255 -8.48 8.53 -11.42
CA SER B 255 -9.75 7.88 -11.79
C SER B 255 -9.48 6.64 -12.65
N VAL B 256 -8.63 6.78 -13.67
CA VAL B 256 -8.29 5.63 -14.56
C VAL B 256 -7.63 4.51 -13.73
N ALA B 257 -6.72 4.86 -12.83
CA ALA B 257 -6.05 3.85 -11.98
C ALA B 257 -7.10 3.14 -11.12
N ASP B 258 -8.15 3.85 -10.70
CA ASP B 258 -9.24 3.24 -9.89
C ASP B 258 -9.96 2.17 -10.73
N LEU B 259 -10.27 2.48 -11.98
CA LEU B 259 -10.94 1.53 -12.89
C LEU B 259 -10.03 0.33 -13.12
N ILE B 260 -8.76 0.55 -13.33
CA ILE B 260 -7.82 -0.55 -13.63
C ILE B 260 -7.75 -1.46 -12.39
N GLU B 261 -7.66 -0.86 -11.22
CA GLU B 261 -7.59 -1.64 -9.96
C GLU B 261 -8.78 -2.58 -9.89
N SER B 262 -10.01 -2.10 -10.10
CA SER B 262 -11.19 -2.99 -10.03
C SER B 262 -11.02 -4.15 -11.01
N MET B 263 -10.53 -3.89 -12.21
CA MET B 263 -10.43 -4.93 -13.24
C MET B 263 -9.29 -5.90 -12.91
N LEU B 264 -8.10 -5.41 -12.62
CA LEU B 264 -6.95 -6.34 -12.46
C LEU B 264 -7.09 -7.13 -11.15
N LYS B 265 -7.73 -6.57 -10.14
CA LYS B 265 -7.96 -7.28 -8.85
C LYS B 265 -9.27 -8.08 -8.94
N ASN B 266 -10.00 -8.00 -10.02
CA ASN B 266 -11.23 -8.79 -10.28
C ASN B 266 -12.32 -8.51 -9.24
N LEU B 267 -12.53 -7.26 -8.86
CA LEU B 267 -13.28 -6.93 -7.61
C LEU B 267 -14.80 -6.87 -7.83
N SER B 268 -15.29 -6.57 -9.04
CA SER B 268 -16.75 -6.33 -9.27
C SER B 268 -17.20 -5.18 -8.37
N ARG B 269 -16.43 -4.10 -8.40
CA ARG B 269 -16.84 -2.79 -7.84
C ARG B 269 -17.63 -2.04 -8.91
N ILE B 270 -18.47 -1.12 -8.44
CA ILE B 270 -19.38 -0.39 -9.33
C ILE B 270 -18.86 1.01 -9.56
N HIS B 271 -18.70 1.36 -10.83
CA HIS B 271 -18.24 2.69 -11.25
C HIS B 271 -19.18 3.24 -12.31
N PRO B 272 -19.38 4.58 -12.36
CA PRO B 272 -20.12 5.19 -13.43
C PRO B 272 -19.20 5.41 -14.65
N VAL B 273 -19.30 4.53 -15.62
CA VAL B 273 -18.38 4.54 -16.79
C VAL B 273 -19.23 4.43 -18.05
N SER B 274 -18.64 4.77 -19.19
CA SER B 274 -19.39 4.82 -20.47
CA SER B 274 -19.38 4.83 -20.47
C SER B 274 -19.59 3.45 -21.12
N THR B 275 -20.86 3.10 -21.33
CA THR B 275 -21.23 1.84 -21.98
C THR B 275 -22.43 2.09 -22.90
N MET B 276 -22.79 1.08 -23.68
CA MET B 276 -23.89 1.13 -24.68
C MET B 276 -25.21 0.95 -23.95
N VAL B 277 -26.09 1.97 -23.97
CA VAL B 277 -27.28 2.03 -23.08
C VAL B 277 -28.58 1.87 -23.87
N LYS B 278 -28.52 1.37 -25.10
CA LYS B 278 -29.76 1.10 -25.87
C LYS B 278 -30.68 0.20 -25.06
N GLY B 279 -31.99 0.52 -25.01
CA GLY B 279 -33.00 -0.26 -24.29
C GLY B 279 -33.11 0.10 -22.82
N MET B 280 -32.34 1.08 -22.35
CA MET B 280 -32.43 1.58 -20.97
C MET B 280 -33.04 2.98 -20.97
N TYR B 281 -33.95 3.25 -20.05
CA TYR B 281 -34.56 4.61 -19.86
C TYR B 281 -35.23 5.11 -21.15
N GLY B 282 -35.76 4.21 -21.98
CA GLY B 282 -36.42 4.55 -23.26
C GLY B 282 -35.44 4.93 -24.37
N ILE B 283 -34.13 4.70 -24.18
CA ILE B 283 -33.14 5.09 -25.23
C ILE B 283 -33.20 4.05 -26.35
N GLU B 284 -33.37 4.53 -27.59
CA GLU B 284 -33.73 3.66 -28.75
C GLU B 284 -32.52 3.40 -29.62
N ASN B 285 -31.42 4.14 -29.44
CA ASN B 285 -30.23 4.05 -30.32
C ASN B 285 -29.01 3.62 -29.50
N GLU B 286 -27.93 3.29 -30.20
CA GLU B 286 -26.67 2.78 -29.60
C GLU B 286 -25.86 3.94 -28.99
N VAL B 287 -26.48 4.66 -28.06
CA VAL B 287 -25.83 5.75 -27.30
C VAL B 287 -24.85 5.11 -26.32
N PHE B 288 -23.64 5.67 -26.20
CA PHE B 288 -22.76 5.41 -25.02
C PHE B 288 -22.84 6.60 -24.08
N LEU B 289 -23.10 6.30 -22.80
CA LEU B 289 -23.00 7.30 -21.73
C LEU B 289 -22.81 6.56 -20.41
N SER B 290 -22.58 7.31 -19.34
CA SER B 290 -22.21 6.71 -18.05
C SER B 290 -23.43 6.25 -17.27
N LEU B 291 -23.42 4.99 -16.86
CA LEU B 291 -24.33 4.43 -15.86
C LEU B 291 -23.50 3.68 -14.84
N PRO B 292 -24.00 3.32 -13.64
CA PRO B 292 -23.25 2.50 -12.70
C PRO B 292 -23.04 1.10 -13.28
N CYS B 293 -21.78 0.69 -13.43
CA CYS B 293 -21.42 -0.60 -14.06
C CYS B 293 -20.49 -1.43 -13.17
N ILE B 294 -20.66 -2.74 -13.20
CA ILE B 294 -19.75 -3.67 -12.48
C ILE B 294 -18.49 -3.91 -13.32
N LEU B 295 -17.32 -3.65 -12.74
CA LEU B 295 -16.00 -3.87 -13.39
C LEU B 295 -15.23 -4.99 -12.68
N ASN B 296 -14.72 -5.92 -13.46
CA ASN B 296 -13.87 -7.00 -12.94
C ASN B 296 -12.90 -7.42 -14.04
N ALA B 297 -12.27 -8.57 -13.92
CA ALA B 297 -11.19 -9.00 -14.83
C ALA B 297 -11.73 -9.30 -16.23
N ARG B 298 -13.04 -9.49 -16.39
CA ARG B 298 -13.65 -9.67 -17.72
C ARG B 298 -13.92 -8.33 -18.39
N GLY B 299 -13.93 -7.24 -17.62
CA GLY B 299 -14.25 -5.88 -18.10
C GLY B 299 -15.55 -5.41 -17.48
N LEU B 300 -16.48 -4.95 -18.30
CA LEU B 300 -17.72 -4.29 -17.83
C LEU B 300 -18.85 -5.30 -18.03
N THR B 301 -19.21 -6.04 -16.97
CA THR B 301 -20.04 -7.26 -17.14
C THR B 301 -21.52 -6.97 -16.86
N SER B 302 -21.87 -5.90 -16.18
CA SER B 302 -23.28 -5.59 -15.79
C SER B 302 -23.48 -4.09 -15.66
N VAL B 303 -24.74 -3.66 -15.73
CA VAL B 303 -25.16 -2.27 -15.46
C VAL B 303 -26.20 -2.31 -14.34
N ILE B 304 -26.21 -1.30 -13.47
CA ILE B 304 -27.19 -1.20 -12.36
C ILE B 304 -28.43 -0.47 -12.88
N ASN B 305 -29.60 -1.12 -12.79
CA ASN B 305 -30.90 -0.48 -13.09
C ASN B 305 -31.25 0.42 -11.93
N GLN B 306 -31.61 1.67 -12.20
CA GLN B 306 -31.95 2.63 -11.10
C GLN B 306 -33.37 3.16 -11.20
N LYS B 307 -33.99 3.43 -10.04
CA LYS B 307 -35.25 4.18 -9.93
C LYS B 307 -34.91 5.66 -9.82
N LEU B 308 -35.07 6.40 -10.90
CA LEU B 308 -34.75 7.85 -10.97
C LEU B 308 -36.02 8.67 -10.81
N LYS B 309 -35.87 9.90 -10.31
CA LYS B 309 -36.99 10.89 -10.33
C LYS B 309 -37.20 11.38 -11.77
N ASP B 310 -38.37 11.93 -12.06
CA ASP B 310 -38.71 12.36 -13.45
C ASP B 310 -37.64 13.34 -14.00
N ASP B 311 -37.21 14.31 -13.18
CA ASP B 311 -36.27 15.37 -13.67
C ASP B 311 -34.88 14.75 -13.92
N GLU B 312 -34.55 13.67 -13.22
CA GLU B 312 -33.28 12.92 -13.42
C GLU B 312 -33.38 12.16 -14.75
N VAL B 313 -34.47 11.41 -14.95
CA VAL B 313 -34.66 10.59 -16.20
C VAL B 313 -34.67 11.57 -17.39
N ALA B 314 -35.33 12.71 -17.23
CA ALA B 314 -35.43 13.73 -18.30
C ALA B 314 -34.06 14.27 -18.70
N GLN B 315 -33.20 14.55 -17.73
CA GLN B 315 -31.82 15.06 -18.04
C GLN B 315 -31.03 13.92 -18.70
N LEU B 316 -31.20 12.67 -18.26
CA LEU B 316 -30.50 11.51 -18.87
C LEU B 316 -30.90 11.36 -20.34
N LYS B 317 -32.19 11.50 -20.63
CA LYS B 317 -32.69 11.39 -22.01
C LYS B 317 -32.16 12.53 -22.84
N LYS B 318 -32.12 13.73 -22.25
CA LYS B 318 -31.57 14.92 -22.93
C LYS B 318 -30.10 14.64 -23.25
N SER B 319 -29.37 14.06 -22.29
CA SER B 319 -27.93 13.73 -22.47
C SER B 319 -27.79 12.75 -23.64
N ALA B 320 -28.63 11.71 -23.67
CA ALA B 320 -28.59 10.68 -24.74
C ALA B 320 -28.89 11.31 -26.10
N ASP B 321 -29.90 12.20 -26.14
CA ASP B 321 -30.26 12.93 -27.38
C ASP B 321 -29.09 13.79 -27.85
N THR B 322 -28.43 14.50 -26.93
CA THR B 322 -27.28 15.39 -27.25
C THR B 322 -26.18 14.53 -27.90
N LEU B 323 -25.90 13.37 -27.33
CA LEU B 323 -24.80 12.51 -27.82
C LEU B 323 -25.21 11.85 -29.14
N TRP B 324 -26.45 11.36 -29.24
CA TRP B 324 -26.90 10.64 -30.45
C TRP B 324 -26.90 11.60 -31.64
N ASP B 325 -27.26 12.86 -31.42
CA ASP B 325 -27.24 13.90 -32.47
C ASP B 325 -25.89 13.94 -33.19
N ILE B 326 -24.80 13.72 -32.45
CA ILE B 326 -23.41 13.65 -32.99
C ILE B 326 -23.14 12.25 -33.56
N GLN B 327 -23.42 11.20 -32.78
CA GLN B 327 -23.15 9.80 -33.21
C GLN B 327 -23.77 9.50 -34.57
N LYS B 328 -25.02 9.91 -34.80
CA LYS B 328 -25.82 9.47 -35.97
C LYS B 328 -25.15 9.92 -37.27
N ASP B 329 -24.25 10.91 -37.22
CA ASP B 329 -23.66 11.55 -38.43
C ASP B 329 -22.23 11.05 -38.67
N LEU B 330 -21.71 10.17 -37.81
CA LEU B 330 -20.36 9.58 -37.98
C LEU B 330 -20.37 8.61 -39.17
N LYS B 331 -19.31 8.62 -39.96
CA LYS B 331 -19.19 7.86 -41.25
C LYS B 331 -18.07 6.84 -41.11
N ASP B 332 -18.12 5.75 -41.89
CA ASP B 332 -16.97 4.81 -42.10
C ASP B 332 -16.49 4.22 -40.77
N LEU B 333 -17.41 3.75 -39.93
CA LEU B 333 -17.10 3.03 -38.68
C LEU B 333 -17.23 1.51 -38.87
N ALA C 1 -37.66 -10.36 -11.72
CA ALA C 1 -38.51 -10.97 -10.67
C ALA C 1 -37.79 -10.88 -9.32
N THR C 2 -36.59 -11.48 -9.16
CA THR C 2 -35.78 -11.41 -7.91
C THR C 2 -35.19 -10.00 -7.78
N LEU C 3 -34.86 -9.60 -6.56
CA LEU C 3 -34.21 -8.28 -6.32
C LEU C 3 -32.97 -8.15 -7.21
N LYS C 4 -32.15 -9.20 -7.31
CA LYS C 4 -30.92 -9.23 -8.15
C LYS C 4 -31.28 -8.98 -9.61
N GLU C 5 -32.34 -9.61 -10.12
CA GLU C 5 -32.81 -9.42 -11.52
C GLU C 5 -33.33 -8.00 -11.73
N LYS C 6 -33.94 -7.39 -10.72
CA LYS C 6 -34.42 -5.98 -10.83
C LYS C 6 -33.24 -5.01 -10.81
N LEU C 7 -32.17 -5.34 -10.09
CA LEU C 7 -31.07 -4.38 -9.85
C LEU C 7 -29.98 -4.50 -10.93
N ILE C 8 -29.71 -5.71 -11.42
CA ILE C 8 -28.46 -5.93 -12.21
C ILE C 8 -28.81 -6.46 -13.60
N ALA C 9 -28.48 -5.67 -14.62
CA ALA C 9 -28.70 -5.99 -16.04
C ALA C 9 -27.40 -6.53 -16.65
N PRO C 10 -27.34 -7.77 -17.19
CA PRO C 10 -26.11 -8.26 -17.83
C PRO C 10 -25.68 -7.48 -19.09
N VAL C 11 -24.37 -7.26 -19.24
CA VAL C 11 -23.71 -6.71 -20.47
C VAL C 11 -22.99 -7.89 -21.13
N ALA C 12 -22.33 -8.71 -20.33
CA ALA C 12 -21.64 -9.93 -20.81
C ALA C 12 -22.43 -11.15 -20.33
N GLU C 13 -22.34 -12.26 -21.04
CA GLU C 13 -22.96 -13.53 -20.61
C GLU C 13 -22.21 -14.04 -19.39
N GLU C 14 -22.90 -14.52 -18.35
CA GLU C 14 -22.23 -15.07 -17.15
C GLU C 14 -21.36 -16.24 -17.60
N GLU C 15 -20.05 -16.18 -17.31
CA GLU C 15 -19.05 -17.20 -17.75
C GLU C 15 -18.07 -17.46 -16.61
N ALA C 16 -17.66 -18.73 -16.38
CA ALA C 16 -16.62 -19.12 -15.39
C ALA C 16 -15.36 -18.26 -15.58
N THR C 17 -14.98 -17.53 -14.56
CA THR C 17 -13.73 -16.70 -14.51
C THR C 17 -12.62 -17.59 -13.92
N VAL C 18 -11.47 -17.68 -14.59
CA VAL C 18 -10.28 -18.42 -14.04
C VAL C 18 -9.41 -17.37 -13.37
N PRO C 19 -9.04 -17.52 -12.08
CA PRO C 19 -8.26 -16.50 -11.39
C PRO C 19 -6.87 -16.40 -12.01
N ASN C 20 -6.29 -15.22 -11.94
CA ASN C 20 -4.97 -14.96 -12.55
C ASN C 20 -3.86 -15.02 -11.50
N ASN C 21 -4.16 -14.94 -10.20
CA ASN C 21 -3.10 -15.01 -9.18
C ASN C 21 -3.68 -15.69 -7.94
N LYS C 22 -4.21 -16.86 -8.16
CA LYS C 22 -4.73 -17.71 -7.06
C LYS C 22 -3.57 -18.26 -6.21
N ILE C 23 -3.80 -18.29 -4.88
CA ILE C 23 -2.84 -18.85 -3.91
C ILE C 23 -3.59 -19.82 -3.01
N THR C 24 -3.01 -20.98 -2.83
CA THR C 24 -3.50 -21.96 -1.83
C THR C 24 -2.53 -21.94 -0.66
N VAL C 25 -3.09 -22.08 0.55
CA VAL C 25 -2.34 -22.39 1.78
C VAL C 25 -2.82 -23.72 2.33
N VAL C 26 -1.91 -24.67 2.38
CA VAL C 26 -2.19 -26.01 2.92
C VAL C 26 -1.77 -25.98 4.39
N GLY C 27 -2.70 -26.33 5.27
CA GLY C 27 -2.52 -26.22 6.73
C GLY C 27 -3.00 -24.87 7.24
N VAL C 28 -4.01 -24.85 8.08
CA VAL C 28 -4.58 -23.59 8.62
C VAL C 28 -4.28 -23.54 10.11
N GLY C 29 -3.04 -23.91 10.46
CA GLY C 29 -2.58 -23.76 11.84
C GLY C 29 -2.01 -22.37 12.07
N GLN C 30 -1.09 -22.28 13.04
CA GLN C 30 -0.55 -20.95 13.40
C GLN C 30 0.18 -20.37 12.17
N VAL C 31 1.03 -21.18 11.54
CA VAL C 31 1.82 -20.66 10.37
C VAL C 31 0.91 -20.45 9.19
N GLY C 32 0.03 -21.38 8.86
CA GLY C 32 -0.76 -21.23 7.61
C GLY C 32 -1.62 -19.97 7.69
N MET C 33 -2.22 -19.69 8.84
CA MET C 33 -3.09 -18.50 8.97
C MET C 33 -2.26 -17.21 9.01
N ALA C 34 -1.02 -17.24 9.54
CA ALA C 34 -0.17 -16.04 9.50
C ALA C 34 0.16 -15.79 8.02
N CYS C 35 0.46 -16.85 7.28
CA CYS C 35 0.73 -16.71 5.82
C CYS C 35 -0.52 -16.14 5.16
N ALA C 36 -1.69 -16.67 5.46
CA ALA C 36 -2.96 -16.23 4.82
C ALA C 36 -3.19 -14.74 5.08
N ILE C 37 -3.11 -14.30 6.33
CA ILE C 37 -3.46 -12.89 6.64
C ILE C 37 -2.41 -11.98 5.98
N SER C 38 -1.14 -12.41 5.88
CA SER C 38 -0.10 -11.56 5.29
C SER C 38 -0.30 -11.49 3.79
N ILE C 39 -0.68 -12.60 3.16
CA ILE C 39 -1.01 -12.59 1.70
C ILE C 39 -2.21 -11.65 1.45
N LEU C 40 -3.24 -11.75 2.24
CA LEU C 40 -4.46 -10.93 2.06
C LEU C 40 -4.13 -9.46 2.32
N GLY C 41 -3.33 -9.17 3.35
CA GLY C 41 -2.95 -7.78 3.68
C GLY C 41 -2.19 -7.11 2.55
N LYS C 42 -1.37 -7.86 1.82
CA LYS C 42 -0.54 -7.27 0.74
C LYS C 42 -1.29 -7.39 -0.58
N SER C 43 -2.56 -7.78 -0.60
CA SER C 43 -3.40 -7.86 -1.81
C SER C 43 -2.69 -8.74 -2.84
N LEU C 44 -2.18 -9.90 -2.47
CA LEU C 44 -1.40 -10.74 -3.39
C LEU C 44 -2.21 -11.84 -4.05
N ALA C 45 -3.49 -12.00 -3.73
CA ALA C 45 -4.28 -13.11 -4.30
C ALA C 45 -5.64 -12.60 -4.76
N ASP C 46 -6.03 -12.94 -5.98
CA ASP C 46 -7.43 -12.72 -6.42
C ASP C 46 -8.33 -13.86 -5.94
N GLU C 47 -7.76 -14.99 -5.57
CA GLU C 47 -8.51 -16.12 -4.98
C GLU C 47 -7.58 -16.75 -3.97
N LEU C 48 -8.08 -17.03 -2.76
CA LEU C 48 -7.32 -17.71 -1.69
C LEU C 48 -8.04 -19.00 -1.34
N ALA C 49 -7.40 -20.14 -1.52
CA ALA C 49 -7.92 -21.44 -1.12
C ALA C 49 -7.17 -21.94 0.12
N LEU C 50 -7.91 -22.51 1.05
CA LEU C 50 -7.36 -23.16 2.26
C LEU C 50 -7.70 -24.64 2.28
N VAL C 51 -6.72 -25.46 2.65
CA VAL C 51 -6.92 -26.91 2.83
C VAL C 51 -6.41 -27.29 4.21
N ASP C 52 -7.10 -28.22 4.86
CA ASP C 52 -6.63 -28.86 6.11
C ASP C 52 -7.40 -30.14 6.25
N VAL C 53 -6.92 -31.06 7.10
CA VAL C 53 -7.69 -32.29 7.43
C VAL C 53 -8.74 -31.97 8.50
N LEU C 54 -8.57 -30.89 9.28
CA LEU C 54 -9.55 -30.52 10.35
C LEU C 54 -10.67 -29.70 9.70
N GLU C 55 -11.77 -30.36 9.33
CA GLU C 55 -12.85 -29.74 8.51
C GLU C 55 -13.50 -28.57 9.25
N ASP C 56 -13.80 -28.70 10.54
CA ASP C 56 -14.53 -27.63 11.27
C ASP C 56 -13.58 -26.43 11.42
N LYS C 57 -12.34 -26.66 11.84
CA LYS C 57 -11.36 -25.56 12.00
C LYS C 57 -11.21 -24.83 10.66
N LEU C 58 -11.09 -25.60 9.60
CA LEU C 58 -10.90 -25.05 8.23
C LEU C 58 -12.07 -24.13 7.90
N LYS C 59 -13.31 -24.61 8.08
CA LYS C 59 -14.49 -23.79 7.72
C LYS C 59 -14.52 -22.53 8.58
N GLY C 60 -14.22 -22.65 9.87
CA GLY C 60 -14.16 -21.48 10.77
C GLY C 60 -13.15 -20.43 10.27
N GLU C 61 -11.94 -20.87 9.92
CA GLU C 61 -10.90 -19.93 9.41
C GLU C 61 -11.38 -19.29 8.12
N MET C 62 -11.98 -20.08 7.23
CA MET C 62 -12.49 -19.53 5.95
C MET C 62 -13.53 -18.43 6.24
N MET C 63 -14.45 -18.71 7.15
CA MET C 63 -15.56 -17.75 7.43
C MET C 63 -14.98 -16.49 8.05
N ASP C 64 -14.01 -16.63 8.96
CA ASP C 64 -13.45 -15.45 9.67
C ASP C 64 -12.78 -14.55 8.62
N LEU C 65 -11.97 -15.14 7.72
CA LEU C 65 -11.36 -14.34 6.64
C LEU C 65 -12.46 -13.70 5.78
N GLN C 66 -13.46 -14.47 5.36
CA GLN C 66 -14.55 -13.93 4.50
C GLN C 66 -15.22 -12.71 5.15
N HIS C 67 -15.40 -12.76 6.47
CA HIS C 67 -16.04 -11.65 7.20
C HIS C 67 -15.22 -10.37 7.09
N GLY C 68 -13.90 -10.46 6.87
CA GLY C 68 -13.02 -9.29 6.67
C GLY C 68 -12.95 -8.81 5.24
N SER C 69 -13.69 -9.42 4.32
CA SER C 69 -13.59 -9.09 2.85
C SER C 69 -13.71 -7.60 2.58
N LEU C 70 -14.60 -6.88 3.30
CA LEU C 70 -14.79 -5.43 3.04
C LEU C 70 -13.47 -4.67 3.13
N PHE C 71 -12.54 -5.18 3.92
CA PHE C 71 -11.25 -4.52 4.22
C PHE C 71 -10.15 -5.05 3.31
N LEU C 72 -10.46 -5.92 2.36
CA LEU C 72 -9.45 -6.66 1.56
C LEU C 72 -9.71 -6.43 0.07
N GLN C 73 -8.87 -7.03 -0.75
CA GLN C 73 -9.05 -7.01 -2.22
C GLN C 73 -8.87 -8.42 -2.78
N THR C 74 -9.50 -9.40 -2.13
CA THR C 74 -9.49 -10.80 -2.54
C THR C 74 -10.96 -11.23 -2.62
N PRO C 75 -11.51 -11.25 -3.83
CA PRO C 75 -12.95 -11.43 -4.02
C PRO C 75 -13.47 -12.86 -3.80
N LYS C 76 -12.57 -13.84 -3.77
CA LYS C 76 -12.98 -15.26 -3.55
C LYS C 76 -12.06 -15.91 -2.55
N ILE C 77 -12.63 -16.32 -1.41
CA ILE C 77 -11.93 -17.11 -0.36
C ILE C 77 -12.71 -18.41 -0.19
N VAL C 78 -12.05 -19.53 -0.38
CA VAL C 78 -12.70 -20.88 -0.40
C VAL C 78 -11.85 -21.82 0.44
N ALA C 79 -12.44 -22.91 0.91
CA ALA C 79 -11.70 -23.86 1.75
C ALA C 79 -12.38 -25.23 1.68
N ASP C 80 -11.57 -26.27 1.60
CA ASP C 80 -12.10 -27.65 1.60
C ASP C 80 -10.97 -28.61 1.95
N LYS C 81 -11.32 -29.75 2.54
CA LYS C 81 -10.34 -30.82 2.78
C LYS C 81 -9.94 -31.47 1.44
N ASP C 82 -10.76 -31.32 0.39
CA ASP C 82 -10.47 -31.89 -0.96
C ASP C 82 -9.62 -30.92 -1.78
N TYR C 83 -8.56 -31.45 -2.38
CA TYR C 83 -7.57 -30.65 -3.16
C TYR C 83 -8.18 -30.12 -4.44
N SER C 84 -9.37 -30.59 -4.86
CA SER C 84 -10.02 -29.95 -6.03
C SER C 84 -10.21 -28.43 -5.79
N VAL C 85 -10.35 -27.99 -4.55
CA VAL C 85 -10.56 -26.54 -4.22
C VAL C 85 -9.33 -25.73 -4.62
N THR C 86 -8.16 -26.37 -4.77
CA THR C 86 -6.85 -25.68 -5.00
C THR C 86 -6.61 -25.49 -6.51
N ALA C 87 -7.52 -25.95 -7.37
CA ALA C 87 -7.28 -25.94 -8.83
C ALA C 87 -6.86 -24.56 -9.36
N ASN C 88 -5.88 -24.58 -10.26
CA ASN C 88 -5.39 -23.37 -10.99
C ASN C 88 -4.72 -22.36 -10.04
N SER C 89 -4.09 -22.83 -8.97
CA SER C 89 -3.21 -21.98 -8.14
C SER C 89 -1.94 -21.58 -8.88
N LYS C 90 -1.52 -20.33 -8.75
CA LYS C 90 -0.16 -19.93 -9.20
C LYS C 90 0.87 -20.33 -8.16
N ILE C 91 0.50 -20.26 -6.89
CA ILE C 91 1.44 -20.57 -5.79
C ILE C 91 0.69 -21.40 -4.75
N VAL C 92 1.30 -22.49 -4.31
CA VAL C 92 0.76 -23.32 -3.20
C VAL C 92 1.79 -23.31 -2.07
N VAL C 93 1.36 -22.83 -0.89
CA VAL C 93 2.23 -22.77 0.31
C VAL C 93 1.90 -23.96 1.22
N VAL C 94 2.87 -24.83 1.47
CA VAL C 94 2.62 -26.02 2.32
C VAL C 94 3.16 -25.77 3.73
N THR C 95 2.25 -25.69 4.70
CA THR C 95 2.57 -25.50 6.13
C THR C 95 2.07 -26.68 6.94
N ALA C 96 1.49 -27.69 6.31
CA ALA C 96 0.87 -28.83 7.03
C ALA C 96 1.90 -29.67 7.74
N GLY C 97 1.48 -30.27 8.86
CA GLY C 97 2.23 -31.35 9.53
C GLY C 97 2.56 -31.00 10.94
N VAL C 98 3.57 -31.66 11.48
CA VAL C 98 3.92 -31.46 12.91
C VAL C 98 5.00 -30.38 13.02
N ARG C 99 4.99 -29.71 14.16
CA ARG C 99 5.97 -28.64 14.48
C ARG C 99 6.84 -29.12 15.65
N GLN C 100 7.86 -28.36 15.97
CA GLN C 100 8.77 -28.72 17.09
C GLN C 100 8.03 -28.69 18.43
N GLN C 101 8.19 -29.75 19.21
CA GLN C 101 7.95 -29.60 20.66
C GLN C 101 9.11 -28.82 21.28
N GLU C 102 8.95 -28.45 22.54
CA GLU C 102 9.97 -27.64 23.24
C GLU C 102 11.32 -28.39 23.24
N GLY C 103 12.37 -27.70 22.75
CA GLY C 103 13.73 -28.24 22.70
C GLY C 103 13.93 -29.31 21.63
N GLU C 104 12.95 -29.54 20.75
CA GLU C 104 13.07 -30.57 19.68
C GLU C 104 13.73 -29.98 18.42
N SER C 105 14.73 -30.66 17.87
CA SER C 105 15.28 -30.25 16.55
C SER C 105 14.20 -30.34 15.47
N ARG C 106 14.26 -29.44 14.50
CA ARG C 106 13.40 -29.56 13.30
C ARG C 106 13.72 -30.88 12.59
N LEU C 107 14.95 -31.34 12.64
CA LEU C 107 15.35 -32.58 11.90
C LEU C 107 14.66 -33.81 12.52
N ASN C 108 14.14 -33.68 13.74
CA ASN C 108 13.47 -34.83 14.39
C ASN C 108 12.05 -35.01 13.84
N LEU C 109 11.56 -34.08 13.02
CA LEU C 109 10.18 -34.13 12.47
C LEU C 109 10.17 -34.86 11.13
N VAL C 110 11.32 -35.31 10.64
CA VAL C 110 11.41 -35.72 9.20
C VAL C 110 10.47 -36.87 8.88
N GLN C 111 10.43 -37.96 9.64
CA GLN C 111 9.64 -39.11 9.18
C GLN C 111 8.15 -38.77 9.23
N ARG C 112 7.72 -38.11 10.29
CA ARG C 112 6.29 -37.76 10.41
C ARG C 112 5.88 -36.87 9.23
N ASN C 113 6.68 -35.86 8.92
CA ASN C 113 6.26 -34.88 7.90
C ASN C 113 6.43 -35.44 6.48
N VAL C 114 7.42 -36.31 6.27
CA VAL C 114 7.51 -37.02 4.96
C VAL C 114 6.21 -37.79 4.76
N ASN C 115 5.71 -38.49 5.79
CA ASN C 115 4.44 -39.25 5.63
C ASN C 115 3.27 -38.31 5.30
N VAL C 116 3.24 -37.12 5.87
CA VAL C 116 2.16 -36.15 5.55
C VAL C 116 2.32 -35.77 4.08
N PHE C 117 3.54 -35.47 3.67
CA PHE C 117 3.78 -34.91 2.32
C PHE C 117 3.50 -35.97 1.25
N LYS C 118 3.72 -37.24 1.57
CA LYS C 118 3.60 -38.33 0.55
C LYS C 118 2.20 -38.31 -0.08
N PHE C 119 1.16 -38.02 0.70
CA PHE C 119 -0.25 -38.03 0.21
C PHE C 119 -0.65 -36.65 -0.34
N ILE C 120 -0.12 -35.56 0.20
CA ILE C 120 -0.50 -34.16 -0.18
C ILE C 120 0.09 -33.80 -1.54
N ILE C 121 1.41 -33.97 -1.72
CA ILE C 121 2.11 -33.30 -2.85
C ILE C 121 1.54 -33.77 -4.19
N PRO C 122 1.33 -35.08 -4.44
CA PRO C 122 0.79 -35.50 -5.74
C PRO C 122 -0.58 -34.85 -6.04
N GLN C 123 -1.39 -34.60 -5.03
CA GLN C 123 -2.72 -33.97 -5.21
C GLN C 123 -2.54 -32.51 -5.61
N ILE C 124 -1.54 -31.82 -5.04
CA ILE C 124 -1.31 -30.41 -5.39
C ILE C 124 -1.02 -30.32 -6.88
N VAL C 125 -0.13 -31.17 -7.37
CA VAL C 125 0.30 -31.05 -8.78
C VAL C 125 -0.83 -31.54 -9.70
N LYS C 126 -1.61 -32.53 -9.29
CA LYS C 126 -2.80 -32.97 -10.06
C LYS C 126 -3.65 -31.74 -10.43
N TYR C 127 -3.94 -30.86 -9.47
CA TYR C 127 -4.96 -29.79 -9.65
C TYR C 127 -4.34 -28.47 -10.13
N SER C 128 -3.02 -28.27 -9.89
CA SER C 128 -2.29 -27.05 -10.30
C SER C 128 -0.95 -27.47 -10.89
N PRO C 129 -0.95 -28.18 -12.02
CA PRO C 129 0.31 -28.62 -12.64
C PRO C 129 1.28 -27.47 -12.99
N ASP C 130 0.79 -26.23 -13.13
CA ASP C 130 1.62 -25.05 -13.49
C ASP C 130 2.01 -24.19 -12.28
N CYS C 131 1.80 -24.68 -11.06
CA CYS C 131 2.09 -23.88 -9.84
C CYS C 131 3.59 -23.89 -9.49
N ILE C 132 3.91 -22.93 -8.64
CA ILE C 132 5.13 -22.91 -7.78
C ILE C 132 4.71 -23.41 -6.41
N ILE C 133 5.48 -24.29 -5.83
CA ILE C 133 5.23 -24.76 -4.44
C ILE C 133 6.25 -24.09 -3.56
N ILE C 134 5.78 -23.40 -2.51
CA ILE C 134 6.65 -22.90 -1.41
C ILE C 134 6.48 -23.83 -0.21
N VAL C 135 7.54 -24.53 0.14
CA VAL C 135 7.52 -25.47 1.30
C VAL C 135 7.89 -24.65 2.53
N VAL C 136 7.10 -24.81 3.59
CA VAL C 136 7.38 -24.13 4.89
C VAL C 136 7.52 -25.19 5.99
N SER C 137 6.77 -26.27 5.89
CA SER C 137 6.81 -27.30 6.95
C SER C 137 8.24 -27.75 7.24
N ASN C 138 8.54 -28.16 8.49
CA ASN C 138 9.95 -28.49 8.86
C ASN C 138 10.18 -30.00 8.86
N PRO C 139 11.44 -30.46 8.68
CA PRO C 139 12.55 -29.58 8.38
C PRO C 139 12.52 -29.10 6.93
N VAL C 140 12.50 -27.79 6.72
CA VAL C 140 12.07 -27.20 5.43
C VAL C 140 13.03 -27.60 4.30
N ASP C 141 14.32 -27.76 4.56
CA ASP C 141 15.24 -28.09 3.44
C ASP C 141 14.98 -29.52 2.95
N ILE C 142 14.83 -30.44 3.89
CA ILE C 142 14.60 -31.86 3.54
C ILE C 142 13.24 -31.96 2.88
N LEU C 143 12.23 -31.26 3.37
CA LEU C 143 10.89 -31.42 2.80
C LEU C 143 10.80 -30.71 1.43
N THR C 144 11.65 -29.73 1.14
CA THR C 144 11.70 -29.18 -0.23
C THR C 144 12.25 -30.26 -1.17
N TYR C 145 13.34 -30.90 -0.81
CA TYR C 145 13.83 -32.07 -1.58
C TYR C 145 12.69 -33.07 -1.80
N VAL C 146 12.05 -33.48 -0.71
CA VAL C 146 10.96 -34.49 -0.79
C VAL C 146 9.84 -34.01 -1.71
N THR C 147 9.49 -32.72 -1.65
CA THR C 147 8.42 -32.15 -2.51
C THR C 147 8.87 -32.15 -3.97
N TRP C 148 10.16 -31.89 -4.23
CA TRP C 148 10.70 -31.95 -5.61
C TRP C 148 10.53 -33.37 -6.15
N LYS C 149 10.93 -34.39 -5.36
CA LYS C 149 10.86 -35.80 -5.81
C LYS C 149 9.40 -36.23 -5.99
N LEU C 150 8.50 -35.86 -5.07
CA LEU C 150 7.09 -36.30 -5.11
C LEU C 150 6.32 -35.57 -6.21
N SER C 151 6.62 -34.31 -6.45
CA SER C 151 5.83 -33.44 -7.36
C SER C 151 6.19 -33.72 -8.81
N GLY C 152 7.45 -34.00 -9.08
CA GLY C 152 8.01 -34.05 -10.44
C GLY C 152 8.02 -32.69 -11.11
N LEU C 153 7.89 -31.60 -10.35
CA LEU C 153 8.02 -30.25 -10.92
C LEU C 153 9.48 -29.93 -11.21
N PRO C 154 9.76 -29.03 -12.17
CA PRO C 154 11.12 -28.56 -12.35
C PRO C 154 11.68 -27.86 -11.11
N LYS C 155 13.00 -27.87 -10.97
CA LYS C 155 13.73 -27.29 -9.80
C LYS C 155 13.26 -25.87 -9.50
N HIS C 156 13.05 -25.05 -10.52
CA HIS C 156 12.71 -23.62 -10.34
C HIS C 156 11.30 -23.45 -9.81
N ARG C 157 10.51 -24.52 -9.67
CA ARG C 157 9.11 -24.36 -9.19
C ARG C 157 8.89 -24.98 -7.80
N VAL C 158 9.97 -25.38 -7.16
CA VAL C 158 9.88 -26.00 -5.81
C VAL C 158 10.88 -25.27 -4.92
N ILE C 159 10.36 -24.44 -4.03
CA ILE C 159 11.19 -23.51 -3.23
C ILE C 159 10.92 -23.75 -1.75
N GLY C 160 11.99 -23.84 -0.97
CA GLY C 160 11.80 -23.89 0.50
C GLY C 160 11.93 -22.50 1.10
N SER C 161 11.08 -22.15 2.05
CA SER C 161 11.13 -20.78 2.62
C SER C 161 12.53 -20.55 3.18
N GLY C 162 13.18 -21.59 3.69
CA GLY C 162 14.61 -21.60 3.98
C GLY C 162 15.07 -20.49 4.92
N CYS C 163 16.13 -19.78 4.52
CA CYS C 163 16.85 -18.82 5.37
C CYS C 163 16.38 -17.38 5.11
N ASN C 164 15.24 -17.19 4.44
CA ASN C 164 14.67 -15.82 4.28
C ASN C 164 14.30 -15.31 5.67
N LEU C 165 13.78 -16.20 6.54
CA LEU C 165 13.46 -15.86 7.93
C LEU C 165 14.73 -15.72 8.77
N ASP C 166 15.69 -16.64 8.64
CA ASP C 166 16.94 -16.54 9.45
C ASP C 166 17.64 -15.23 9.12
N SER C 167 17.65 -14.87 7.84
CA SER C 167 18.33 -13.63 7.40
C SER C 167 17.56 -12.42 7.91
N ALA C 168 16.24 -12.45 7.91
CA ALA C 168 15.48 -11.35 8.51
C ALA C 168 15.86 -11.19 9.98
N ARG C 169 15.92 -12.29 10.70
CA ARG C 169 16.29 -12.22 12.14
C ARG C 169 17.70 -11.65 12.31
N PHE C 170 18.64 -12.14 11.52
CA PHE C 170 20.05 -11.67 11.55
C PHE C 170 20.10 -10.16 11.31
N ARG C 171 19.41 -9.70 10.28
CA ARG C 171 19.42 -8.26 9.93
C ARG C 171 18.73 -7.45 11.02
N TYR C 172 17.63 -7.94 11.58
CA TYR C 172 16.99 -7.25 12.74
C TYR C 172 18.02 -7.09 13.86
N LEU C 173 18.73 -8.17 14.24
CA LEU C 173 19.61 -8.14 15.44
C LEU C 173 20.81 -7.24 15.17
N MET C 174 21.35 -7.26 13.95
CA MET C 174 22.50 -6.36 13.65
C MET C 174 22.00 -4.92 13.57
N ALA C 175 20.83 -4.70 12.99
CA ALA C 175 20.27 -3.34 12.79
C ALA C 175 19.97 -2.75 14.17
N GLU C 176 19.49 -3.56 15.11
CA GLU C 176 19.17 -3.11 16.48
C GLU C 176 20.46 -2.63 17.14
N LYS C 177 21.57 -3.32 16.96
CA LYS C 177 22.87 -2.93 17.54
C LYS C 177 23.33 -1.61 16.94
N LEU C 178 23.07 -1.38 15.67
CA LEU C 178 23.62 -0.22 14.95
C LEU C 178 22.67 0.98 14.97
N GLY C 179 21.39 0.80 15.30
CA GLY C 179 20.40 1.89 15.29
C GLY C 179 19.96 2.26 13.88
N ILE C 180 19.78 1.26 13.01
CA ILE C 180 19.32 1.49 11.61
C ILE C 180 18.17 0.52 11.29
N HIS C 181 17.47 0.77 10.21
CA HIS C 181 16.38 -0.11 9.74
C HIS C 181 17.00 -1.41 9.24
N PRO C 182 16.40 -2.60 9.49
CA PRO C 182 16.98 -3.82 8.93
C PRO C 182 17.17 -3.79 7.41
N SER C 183 16.37 -3.05 6.68
CA SER C 183 16.47 -2.95 5.20
C SER C 183 17.81 -2.30 4.80
N SER C 184 18.45 -1.54 5.69
CA SER C 184 19.74 -0.85 5.42
C SER C 184 20.92 -1.64 5.95
N CYS C 185 20.66 -2.77 6.62
CA CYS C 185 21.71 -3.60 7.24
C CYS C 185 21.76 -4.92 6.48
N HIS C 186 22.82 -5.20 5.70
CA HIS C 186 22.78 -6.31 4.73
C HIS C 186 23.59 -7.46 5.31
N GLY C 187 23.05 -8.65 5.26
CA GLY C 187 23.69 -9.82 5.83
C GLY C 187 22.94 -11.07 5.48
N TRP C 188 23.64 -12.14 5.24
CA TRP C 188 23.07 -13.39 4.67
C TRP C 188 23.34 -14.55 5.62
N ILE C 189 22.28 -15.24 6.01
CA ILE C 189 22.35 -16.59 6.63
C ILE C 189 22.04 -17.58 5.52
N LEU C 190 22.93 -18.57 5.33
CA LEU C 190 22.79 -19.59 4.25
C LEU C 190 22.78 -20.99 4.85
N GLY C 191 22.58 -21.98 3.99
CA GLY C 191 22.60 -23.39 4.43
C GLY C 191 21.28 -23.82 5.03
N GLU C 192 21.38 -24.67 6.08
CA GLU C 192 20.18 -25.24 6.70
C GLU C 192 19.37 -24.16 7.42
N HIS C 193 18.07 -24.14 7.26
CA HIS C 193 17.21 -23.40 8.19
C HIS C 193 17.18 -24.20 9.51
N GLY C 194 18.20 -23.95 10.32
CA GLY C 194 18.36 -24.78 11.53
C GLY C 194 19.76 -24.63 12.08
N ASP C 195 20.18 -25.61 12.88
CA ASP C 195 21.35 -25.40 13.76
C ASP C 195 22.66 -25.29 12.99
N SER C 196 22.71 -25.76 11.73
CA SER C 196 23.98 -25.76 10.95
C SER C 196 24.02 -24.57 10.00
N SER C 197 23.15 -23.57 10.18
CA SER C 197 23.16 -22.37 9.29
C SER C 197 24.54 -21.70 9.32
N VAL C 198 24.82 -20.95 8.26
CA VAL C 198 26.13 -20.30 8.02
C VAL C 198 25.91 -18.79 7.98
N ALA C 199 26.62 -18.04 8.82
CA ALA C 199 26.60 -16.57 8.75
C ALA C 199 27.69 -16.10 7.79
N VAL C 200 27.34 -15.44 6.71
CA VAL C 200 28.38 -14.98 5.75
C VAL C 200 28.89 -13.61 6.24
N TRP C 201 29.75 -13.65 7.26
CA TRP C 201 30.28 -12.41 7.87
C TRP C 201 31.00 -11.58 6.80
N SER C 202 31.68 -12.25 5.85
CA SER C 202 32.49 -11.59 4.80
C SER C 202 31.64 -10.70 3.91
N GLY C 203 30.31 -10.90 3.88
CA GLY C 203 29.44 -10.09 3.03
C GLY C 203 28.56 -9.13 3.80
N VAL C 204 28.61 -9.18 5.14
CA VAL C 204 27.81 -8.26 5.97
C VAL C 204 28.26 -6.81 5.72
N ASN C 205 27.32 -5.92 5.44
CA ASN C 205 27.73 -4.55 5.09
C ASN C 205 26.59 -3.58 5.38
N VAL C 206 26.97 -2.30 5.46
CA VAL C 206 26.04 -1.15 5.56
C VAL C 206 26.53 -0.14 4.52
N ALA C 207 25.68 0.21 3.58
CA ALA C 207 26.01 1.16 2.49
C ALA C 207 27.27 0.70 1.76
N GLY C 208 27.45 -0.61 1.62
CA GLY C 208 28.59 -1.17 0.86
C GLY C 208 29.89 -1.07 1.64
N VAL C 209 29.81 -0.84 2.95
CA VAL C 209 30.99 -0.89 3.87
C VAL C 209 31.02 -2.28 4.51
N SER C 210 32.04 -3.08 4.22
CA SER C 210 32.14 -4.44 4.81
C SER C 210 32.38 -4.28 6.30
N LEU C 211 31.53 -4.85 7.14
CA LEU C 211 31.71 -4.67 8.60
C LEU C 211 32.91 -5.50 9.05
N GLN C 212 33.19 -6.62 8.38
CA GLN C 212 34.36 -7.45 8.73
C GLN C 212 35.65 -6.74 8.32
N GLU C 213 35.60 -5.81 7.35
CA GLU C 213 36.79 -4.96 7.10
C GLU C 213 37.05 -4.03 8.29
N LEU C 214 36.02 -3.46 8.90
CA LEU C 214 36.11 -2.58 10.12
C LEU C 214 36.51 -3.41 11.35
N ASN C 215 35.97 -4.62 11.51
CA ASN C 215 36.28 -5.53 12.63
C ASN C 215 36.66 -6.89 12.07
N PRO C 216 37.94 -7.13 11.72
CA PRO C 216 38.36 -8.40 11.13
C PRO C 216 38.04 -9.67 11.98
N GLU C 217 37.83 -9.51 13.29
CA GLU C 217 37.53 -10.63 14.22
C GLU C 217 36.02 -10.93 14.24
N MET C 218 35.21 -10.13 13.55
CA MET C 218 33.74 -10.34 13.49
C MET C 218 33.46 -11.79 13.06
N GLY C 219 32.78 -12.56 13.91
CA GLY C 219 32.39 -13.94 13.58
C GLY C 219 33.31 -14.97 14.21
N THR C 220 34.47 -14.58 14.74
CA THR C 220 35.45 -15.48 15.38
C THR C 220 35.17 -15.53 16.88
N ASP C 221 35.86 -16.41 17.59
CA ASP C 221 35.79 -16.55 19.07
C ASP C 221 36.73 -15.52 19.73
N ASN C 222 37.46 -14.73 18.95
CA ASN C 222 38.46 -13.76 19.49
C ASN C 222 38.02 -12.34 19.12
N ASP C 223 36.79 -11.98 19.49
CA ASP C 223 36.14 -10.71 19.12
C ASP C 223 35.63 -10.10 20.41
N SER C 224 36.21 -8.96 20.81
CA SER C 224 35.84 -8.25 22.06
C SER C 224 34.37 -7.82 22.00
N GLU C 225 33.77 -7.67 20.83
CA GLU C 225 32.33 -7.29 20.69
C GLU C 225 31.45 -8.54 20.56
N ASN C 226 32.04 -9.70 20.34
CA ASN C 226 31.33 -11.01 20.28
C ASN C 226 30.16 -10.94 19.28
N TRP C 227 30.42 -10.50 18.06
CA TRP C 227 29.40 -10.54 16.98
C TRP C 227 28.92 -11.96 16.73
N LYS C 228 29.77 -12.97 16.92
CA LYS C 228 29.37 -14.40 16.75
C LYS C 228 28.09 -14.70 17.55
N GLU C 229 27.90 -14.07 18.72
CA GLU C 229 26.71 -14.26 19.56
C GLU C 229 25.45 -13.93 18.77
N VAL C 230 25.51 -12.99 17.81
CA VAL C 230 24.33 -12.65 16.99
C VAL C 230 23.92 -13.88 16.17
N HIS C 231 24.86 -14.62 15.61
CA HIS C 231 24.51 -15.83 14.84
C HIS C 231 23.96 -16.88 15.81
N LYS C 232 24.52 -16.99 16.99
CA LYS C 232 23.98 -17.94 18.01
C LYS C 232 22.53 -17.55 18.33
N MET C 233 22.25 -16.27 18.48
CA MET C 233 20.88 -15.81 18.75
C MET C 233 19.97 -16.19 17.57
N VAL C 234 20.47 -16.04 16.32
CA VAL C 234 19.63 -16.46 15.16
C VAL C 234 19.31 -17.96 15.27
N VAL C 235 20.33 -18.77 15.50
CA VAL C 235 20.17 -20.24 15.62
C VAL C 235 19.20 -20.58 16.76
N GLU C 236 19.26 -19.86 17.88
CA GLU C 236 18.48 -20.25 19.08
C GLU C 236 17.08 -19.63 19.02
N SER C 237 16.83 -18.69 18.10
CA SER C 237 15.61 -17.86 18.12
C SER C 237 14.34 -18.72 18.13
N ALA C 238 14.22 -19.74 17.29
CA ALA C 238 12.98 -20.54 17.23
C ALA C 238 12.76 -21.18 18.60
N TYR C 239 13.83 -21.70 19.17
CA TYR C 239 13.71 -22.46 20.43
C TYR C 239 13.25 -21.49 21.52
N GLU C 240 13.81 -20.30 21.54
CA GLU C 240 13.46 -19.29 22.59
C GLU C 240 12.00 -18.92 22.42
N VAL C 241 11.58 -18.58 21.20
CA VAL C 241 10.16 -18.18 21.00
C VAL C 241 9.23 -19.36 21.32
N ILE C 242 9.58 -20.60 20.96
CA ILE C 242 8.72 -21.78 21.23
C ILE C 242 8.59 -21.94 22.76
N LYS C 243 9.67 -21.74 23.50
CA LYS C 243 9.58 -21.85 24.98
C LYS C 243 8.60 -20.79 25.53
N LEU C 244 8.57 -19.61 24.93
CA LEU C 244 7.77 -18.48 25.47
C LEU C 244 6.29 -18.59 25.03
N LYS C 245 6.01 -18.82 23.74
CA LYS C 245 4.60 -18.73 23.23
C LYS C 245 4.20 -20.04 22.56
N GLY C 246 5.08 -21.03 22.42
CA GLY C 246 4.69 -22.39 22.00
C GLY C 246 5.02 -22.75 20.56
N TYR C 247 5.28 -21.74 19.74
CA TYR C 247 5.40 -21.89 18.27
C TYR C 247 5.93 -20.56 17.78
N THR C 248 6.22 -20.44 16.49
CA THR C 248 6.48 -19.12 15.87
C THR C 248 5.56 -19.03 14.65
N ASN C 249 5.13 -17.82 14.29
CA ASN C 249 4.24 -17.70 13.12
C ASN C 249 4.33 -16.33 12.46
N TRP C 250 4.38 -15.24 13.22
CA TRP C 250 4.23 -13.92 12.55
C TRP C 250 5.39 -13.66 11.61
N ALA C 251 6.62 -13.90 12.03
CA ALA C 251 7.77 -13.56 11.15
C ALA C 251 7.79 -14.47 9.90
N ILE C 252 7.49 -15.75 10.04
CA ILE C 252 7.48 -16.65 8.86
C ILE C 252 6.33 -16.24 7.93
N GLY C 253 5.18 -15.79 8.44
CA GLY C 253 4.08 -15.38 7.55
C GLY C 253 4.49 -14.20 6.71
N LEU C 254 5.18 -13.24 7.33
CA LEU C 254 5.66 -12.06 6.55
C LEU C 254 6.76 -12.50 5.57
N SER C 255 7.66 -13.36 5.98
CA SER C 255 8.73 -13.88 5.10
C SER C 255 8.12 -14.58 3.88
N VAL C 256 7.12 -15.42 4.07
CA VAL C 256 6.44 -16.10 2.91
C VAL C 256 5.76 -15.07 2.01
N ALA C 257 5.08 -14.07 2.58
CA ALA C 257 4.44 -13.02 1.76
C ALA C 257 5.50 -12.25 0.98
N ASP C 258 6.71 -12.06 1.53
CA ASP C 258 7.81 -11.35 0.82
C ASP C 258 8.24 -12.17 -0.42
N LEU C 259 8.36 -13.48 -0.28
CA LEU C 259 8.71 -14.40 -1.40
C LEU C 259 7.62 -14.37 -2.45
N ILE C 260 6.35 -14.37 -2.03
CA ILE C 260 5.22 -14.41 -2.99
C ILE C 260 5.21 -13.08 -3.75
N GLU C 261 5.45 -11.98 -3.05
CA GLU C 261 5.45 -10.66 -3.71
C GLU C 261 6.48 -10.67 -4.82
N SER C 262 7.69 -11.11 -4.55
CA SER C 262 8.74 -11.11 -5.60
C SER C 262 8.29 -11.91 -6.82
N MET C 263 7.63 -13.02 -6.63
CA MET C 263 7.24 -13.95 -7.70
C MET C 263 6.00 -13.41 -8.44
N LEU C 264 4.94 -13.03 -7.77
CA LEU C 264 3.70 -12.61 -8.47
C LEU C 264 3.90 -11.23 -9.10
N LYS C 265 4.77 -10.39 -8.54
CA LYS C 265 5.09 -9.08 -9.19
C LYS C 265 6.24 -9.24 -10.18
N ASN C 266 6.77 -10.45 -10.36
CA ASN C 266 7.81 -10.74 -11.39
C ASN C 266 9.06 -9.87 -11.18
N LEU C 267 9.54 -9.70 -9.95
CA LEU C 267 10.52 -8.63 -9.63
C LEU C 267 11.98 -9.06 -9.82
N SER C 268 12.32 -10.34 -9.76
CA SER C 268 13.74 -10.77 -9.80
C SER C 268 14.48 -10.11 -8.63
N ARG C 269 13.90 -10.25 -7.43
CA ARG C 269 14.58 -9.87 -6.16
C ARG C 269 15.31 -11.12 -5.64
N ILE C 270 16.36 -10.89 -4.87
CA ILE C 270 17.21 -12.00 -4.39
C ILE C 270 16.88 -12.31 -2.94
N HIS C 271 16.62 -13.58 -2.68
CA HIS C 271 16.26 -14.09 -1.35
C HIS C 271 17.08 -15.33 -1.09
N PRO C 272 17.43 -15.58 0.18
CA PRO C 272 18.09 -16.83 0.55
C PRO C 272 17.03 -17.90 0.84
N VAL C 273 16.76 -18.72 -0.16
CA VAL C 273 15.70 -19.75 -0.12
C VAL C 273 16.29 -21.10 -0.51
N SER C 274 15.56 -22.17 -0.20
CA SER C 274 16.11 -23.53 -0.33
C SER C 274 15.95 -24.04 -1.76
N THR C 275 17.08 -24.45 -2.36
CA THR C 275 17.10 -24.98 -3.74
C THR C 275 18.10 -26.14 -3.81
N MET C 276 18.11 -26.80 -4.94
CA MET C 276 18.99 -27.95 -5.21
C MET C 276 20.40 -27.43 -5.54
N VAL C 277 21.41 -27.72 -4.71
CA VAL C 277 22.73 -27.02 -4.80
C VAL C 277 23.82 -27.98 -5.23
N LYS C 278 23.48 -29.14 -5.80
CA LYS C 278 24.51 -30.04 -6.35
C LYS C 278 25.39 -29.24 -7.32
N GLY C 279 26.72 -29.41 -7.21
CA GLY C 279 27.70 -28.74 -8.09
C GLY C 279 28.12 -27.37 -7.58
N MET C 280 27.49 -26.84 -6.55
CA MET C 280 27.92 -25.56 -5.89
C MET C 280 28.85 -25.89 -4.72
N TYR C 281 30.00 -25.21 -4.60
CA TYR C 281 30.90 -25.30 -3.42
C TYR C 281 31.34 -26.74 -3.14
N GLY C 282 31.47 -27.55 -4.19
CA GLY C 282 31.92 -28.94 -4.07
C GLY C 282 30.86 -29.88 -3.51
N ILE C 283 29.60 -29.44 -3.48
CA ILE C 283 28.52 -30.34 -3.01
C ILE C 283 28.23 -31.37 -4.11
N GLU C 284 28.22 -32.64 -3.76
CA GLU C 284 28.28 -33.74 -4.75
C GLU C 284 26.90 -34.37 -4.94
N ASN C 285 25.94 -34.10 -4.07
CA ASN C 285 24.64 -34.81 -4.07
C ASN C 285 23.52 -33.77 -4.19
N GLU C 286 22.30 -34.24 -4.39
CA GLU C 286 21.10 -33.36 -4.57
C GLU C 286 20.62 -32.78 -3.22
N VAL C 287 21.52 -32.13 -2.52
CA VAL C 287 21.18 -31.41 -1.26
C VAL C 287 20.32 -30.20 -1.58
N PHE C 288 19.30 -29.94 -0.77
CA PHE C 288 18.59 -28.65 -0.79
C PHE C 288 19.04 -27.86 0.44
N LEU C 289 19.52 -26.65 0.22
CA LEU C 289 19.75 -25.70 1.33
C LEU C 289 19.64 -24.28 0.76
N SER C 290 19.72 -23.27 1.62
CA SER C 290 19.54 -21.86 1.19
C SER C 290 20.82 -21.25 0.66
N LEU C 291 20.71 -20.66 -0.55
CA LEU C 291 21.68 -19.75 -1.17
C LEU C 291 20.89 -18.55 -1.64
N PRO C 292 21.56 -17.43 -2.00
CA PRO C 292 20.86 -16.28 -2.56
C PRO C 292 20.32 -16.65 -3.94
N CYS C 293 19.00 -16.54 -4.13
CA CYS C 293 18.34 -16.94 -5.39
C CYS C 293 17.53 -15.80 -5.96
N ILE C 294 17.49 -15.69 -7.29
CA ILE C 294 16.59 -14.72 -7.95
C ILE C 294 15.19 -15.32 -8.08
N LEU C 295 14.19 -14.57 -7.64
CA LEU C 295 12.77 -14.99 -7.67
C LEU C 295 11.95 -14.06 -8.54
N ASN C 296 11.19 -14.66 -9.45
CA ASN C 296 10.28 -13.91 -10.33
C ASN C 296 9.11 -14.83 -10.69
N ALA C 297 8.32 -14.46 -11.70
CA ALA C 297 7.05 -15.14 -11.96
C ALA C 297 7.31 -16.57 -12.42
N ARG C 298 8.53 -16.87 -12.86
CA ARG C 298 8.90 -18.24 -13.31
C ARG C 298 9.19 -19.10 -12.08
N GLY C 299 9.56 -18.46 -10.99
CA GLY C 299 9.94 -19.14 -9.74
C GLY C 299 11.36 -18.77 -9.38
N LEU C 300 12.18 -19.76 -9.11
CA LEU C 300 13.57 -19.62 -8.60
C LEU C 300 14.48 -19.83 -9.80
N THR C 301 14.92 -18.74 -10.44
CA THR C 301 15.47 -18.86 -11.80
C THR C 301 17.00 -18.98 -11.82
N SER C 302 17.66 -18.46 -10.79
CA SER C 302 19.14 -18.40 -10.71
C SER C 302 19.59 -18.43 -9.25
N VAL C 303 20.87 -18.78 -9.07
CA VAL C 303 21.58 -18.73 -7.77
C VAL C 303 22.75 -17.78 -7.94
N ILE C 304 23.08 -17.01 -6.91
CA ILE C 304 24.25 -16.10 -6.92
C ILE C 304 25.46 -16.89 -6.46
N ASN C 305 26.49 -16.88 -7.27
CA ASN C 305 27.82 -17.44 -6.94
C ASN C 305 28.54 -16.47 -6.03
N GLN C 306 29.05 -16.93 -4.91
CA GLN C 306 29.68 -16.04 -3.91
C GLN C 306 31.14 -16.40 -3.73
N LYS C 307 31.96 -15.41 -3.39
CA LYS C 307 33.34 -15.59 -2.88
C LYS C 307 33.24 -15.66 -1.36
N LEU C 308 33.32 -16.86 -0.83
CA LEU C 308 33.22 -17.11 0.63
C LEU C 308 34.61 -17.26 1.21
N LYS C 309 34.75 -16.97 2.49
CA LYS C 309 36.00 -17.30 3.22
C LYS C 309 36.09 -18.82 3.41
N ASP C 310 37.27 -19.35 3.65
CA ASP C 310 37.44 -20.82 3.80
C ASP C 310 36.55 -21.35 4.92
N ASP C 311 36.44 -20.64 6.02
CA ASP C 311 35.63 -21.11 7.18
C ASP C 311 34.13 -21.06 6.81
N GLU C 312 33.73 -20.12 5.95
CA GLU C 312 32.32 -20.01 5.51
C GLU C 312 31.98 -21.18 4.59
N VAL C 313 32.84 -21.51 3.62
CA VAL C 313 32.59 -22.66 2.69
C VAL C 313 32.55 -23.93 3.54
N ALA C 314 33.50 -24.07 4.48
CA ALA C 314 33.56 -25.24 5.36
C ALA C 314 32.24 -25.41 6.13
N GLN C 315 31.70 -24.33 6.71
CA GLN C 315 30.41 -24.39 7.43
C GLN C 315 29.26 -24.73 6.46
N LEU C 316 29.28 -24.16 5.25
CA LEU C 316 28.24 -24.51 4.25
C LEU C 316 28.33 -25.98 3.88
N LYS C 317 29.56 -26.49 3.67
CA LYS C 317 29.76 -27.92 3.32
C LYS C 317 29.29 -28.80 4.48
N LYS C 318 29.59 -28.39 5.72
CA LYS C 318 29.14 -29.14 6.92
C LYS C 318 27.60 -29.17 6.95
N SER C 319 26.96 -28.05 6.64
CA SER C 319 25.48 -27.98 6.61
C SER C 319 24.96 -28.97 5.54
N ALA C 320 25.54 -28.94 4.35
CA ALA C 320 25.19 -29.90 3.29
C ALA C 320 25.36 -31.35 3.75
N ASP C 321 26.48 -31.64 4.39
CA ASP C 321 26.74 -33.02 4.88
C ASP C 321 25.66 -33.42 5.88
N THR C 322 25.26 -32.50 6.75
CA THR C 322 24.24 -32.77 7.82
C THR C 322 22.92 -33.13 7.15
N LEU C 323 22.54 -32.39 6.11
CA LEU C 323 21.25 -32.64 5.44
C LEU C 323 21.33 -33.91 4.59
N TRP C 324 22.45 -34.14 3.90
CA TRP C 324 22.55 -35.29 2.97
C TRP C 324 22.48 -36.58 3.76
N ASP C 325 23.02 -36.56 4.97
CA ASP C 325 23.01 -37.76 5.83
C ASP C 325 21.56 -38.20 6.11
N ILE C 326 20.62 -37.26 6.20
CA ILE C 326 19.17 -37.59 6.35
C ILE C 326 18.56 -37.95 4.99
N GLN C 327 18.81 -37.14 3.97
CA GLN C 327 18.18 -37.34 2.64
C GLN C 327 18.51 -38.72 2.08
N LYS C 328 19.74 -39.18 2.23
CA LYS C 328 20.24 -40.39 1.51
C LYS C 328 19.44 -41.62 1.93
N ASP C 329 18.83 -41.63 3.12
CA ASP C 329 18.14 -42.84 3.64
C ASP C 329 16.63 -42.75 3.45
N LEU C 330 16.12 -41.70 2.80
CA LEU C 330 14.66 -41.56 2.56
C LEU C 330 14.23 -42.60 1.52
N LYS C 331 13.08 -43.27 1.73
CA LYS C 331 12.60 -44.37 0.87
C LYS C 331 11.38 -43.93 0.05
N ASP C 332 11.22 -44.52 -1.14
CA ASP C 332 9.99 -44.43 -2.00
C ASP C 332 9.75 -42.98 -2.43
N LEU C 333 10.83 -42.27 -2.85
CA LEU C 333 10.74 -40.96 -3.50
C LEU C 333 11.05 -41.15 -4.99
N ALA D 1 36.00 3.29 18.56
CA ALA D 1 36.46 2.07 19.29
C ALA D 1 35.54 0.92 18.95
N THR D 2 34.22 1.02 19.23
CA THR D 2 33.22 -0.01 18.82
C THR D 2 33.01 0.06 17.31
N LEU D 3 32.52 -1.03 16.74
CA LEU D 3 32.20 -1.09 15.29
C LEU D 3 31.20 0.02 14.95
N LYS D 4 30.18 0.24 15.80
CA LYS D 4 29.18 1.33 15.64
C LYS D 4 29.87 2.69 15.61
N GLU D 5 30.85 2.92 16.49
CA GLU D 5 31.59 4.21 16.54
C GLU D 5 32.44 4.37 15.28
N LYS D 6 33.00 3.28 14.75
CA LYS D 6 33.80 3.32 13.50
C LYS D 6 32.92 3.63 12.30
N LEU D 7 31.70 3.08 12.30
CA LEU D 7 30.81 3.07 11.13
C LEU D 7 29.97 4.36 11.06
N ILE D 8 29.51 4.85 12.21
CA ILE D 8 28.41 5.87 12.22
C ILE D 8 28.89 7.16 12.89
N ALA D 9 29.02 8.22 12.09
CA ALA D 9 29.44 9.59 12.50
C ALA D 9 28.20 10.41 12.82
N PRO D 10 28.02 10.91 14.05
CA PRO D 10 26.83 11.71 14.35
C PRO D 10 26.79 13.03 13.59
N VAL D 11 25.59 13.41 13.16
CA VAL D 11 25.28 14.77 12.64
C VAL D 11 24.43 15.45 13.73
N ALA D 12 23.37 14.77 14.15
CA ALA D 12 22.63 15.12 15.38
C ALA D 12 23.32 14.47 16.58
N GLU D 13 23.49 15.22 17.65
CA GLU D 13 24.20 14.76 18.87
C GLU D 13 23.19 14.12 19.80
N GLU D 14 21.93 14.03 19.39
CA GLU D 14 20.80 13.52 20.23
C GLU D 14 20.12 12.37 19.53
N GLU D 15 19.64 11.39 20.29
CA GLU D 15 19.01 10.18 19.68
C GLU D 15 17.58 9.90 20.14
N ALA D 16 17.11 10.53 21.22
CA ALA D 16 15.77 10.22 21.75
C ALA D 16 14.68 10.48 20.71
N THR D 17 13.64 9.66 20.70
CA THR D 17 12.50 9.81 19.77
C THR D 17 11.39 10.58 20.48
N VAL D 18 10.91 11.65 19.85
CA VAL D 18 9.73 12.41 20.38
C VAL D 18 8.51 11.49 20.23
N PRO D 19 7.71 11.27 21.30
CA PRO D 19 6.53 10.44 21.19
C PRO D 19 5.61 10.93 20.05
N ASN D 20 5.17 10.00 19.21
CA ASN D 20 4.36 10.37 18.03
C ASN D 20 3.30 9.32 17.79
N ASN D 21 3.37 8.58 16.68
CA ASN D 21 2.28 7.65 16.28
C ASN D 21 2.46 6.29 16.98
N LYS D 22 2.38 6.32 18.30
CA LYS D 22 2.50 5.11 19.14
C LYS D 22 1.12 4.52 19.39
N ILE D 23 1.02 3.21 19.21
CA ILE D 23 -0.22 2.44 19.49
C ILE D 23 0.13 1.36 20.50
N THR D 24 -0.69 1.21 21.52
CA THR D 24 -0.61 0.05 22.41
C THR D 24 -1.74 -0.91 22.07
N VAL D 25 -1.42 -2.19 22.09
CA VAL D 25 -2.46 -3.26 22.10
C VAL D 25 -2.39 -3.94 23.46
N VAL D 26 -3.50 -3.85 24.17
CA VAL D 26 -3.65 -4.51 25.50
C VAL D 26 -4.24 -5.90 25.22
N GLY D 27 -3.53 -6.95 25.62
CA GLY D 27 -3.97 -8.32 25.34
C GLY D 27 -3.21 -8.87 24.15
N VAL D 28 -2.60 -10.03 24.32
CA VAL D 28 -1.83 -10.68 23.23
C VAL D 28 -2.45 -12.03 22.91
N GLY D 29 -3.78 -12.13 23.05
CA GLY D 29 -4.47 -13.35 22.69
C GLY D 29 -4.76 -13.39 21.20
N GLN D 30 -5.82 -14.13 20.84
CA GLN D 30 -6.11 -14.27 19.39
C GLN D 30 -6.43 -12.88 18.85
N VAL D 31 -7.28 -12.12 19.55
CA VAL D 31 -7.72 -10.82 19.01
C VAL D 31 -6.58 -9.82 19.09
N GLY D 32 -5.87 -9.71 20.18
CA GLY D 32 -4.81 -8.71 20.30
C GLY D 32 -3.76 -8.90 19.20
N MET D 33 -3.41 -10.13 18.88
CA MET D 33 -2.34 -10.36 17.89
C MET D 33 -2.90 -10.13 16.50
N ALA D 34 -4.19 -10.42 16.25
CA ALA D 34 -4.74 -10.09 14.92
C ALA D 34 -4.73 -8.58 14.76
N CYS D 35 -5.08 -7.85 15.79
CA CYS D 35 -5.04 -6.36 15.77
C CYS D 35 -3.59 -5.92 15.52
N ALA D 36 -2.63 -6.48 16.24
CA ALA D 36 -1.20 -6.10 16.11
C ALA D 36 -0.72 -6.34 14.67
N ILE D 37 -1.00 -7.50 14.09
CA ILE D 37 -0.43 -7.81 12.74
C ILE D 37 -1.12 -6.90 11.73
N SER D 38 -2.41 -6.57 11.93
CA SER D 38 -3.13 -5.73 10.95
C SER D 38 -2.60 -4.29 11.04
N ILE D 39 -2.32 -3.80 12.23
CA ILE D 39 -1.73 -2.44 12.45
C ILE D 39 -0.34 -2.39 11.81
N LEU D 40 0.46 -3.41 11.99
CA LEU D 40 1.84 -3.46 11.43
C LEU D 40 1.76 -3.57 9.91
N GLY D 41 0.87 -4.41 9.38
CA GLY D 41 0.75 -4.60 7.91
C GLY D 41 0.36 -3.32 7.22
N LYS D 42 -0.46 -2.49 7.86
CA LYS D 42 -0.94 -1.23 7.25
C LYS D 42 -0.02 -0.06 7.61
N SER D 43 1.13 -0.32 8.24
CA SER D 43 2.11 0.71 8.61
C SER D 43 1.43 1.82 9.43
N LEU D 44 0.60 1.48 10.43
CA LEU D 44 -0.21 2.50 11.14
C LEU D 44 0.48 2.97 12.42
N ALA D 45 1.62 2.39 12.79
CA ALA D 45 2.30 2.81 14.02
C ALA D 45 3.80 2.96 13.81
N ASP D 46 4.37 4.01 14.38
CA ASP D 46 5.85 4.16 14.43
C ASP D 46 6.38 3.46 15.68
N GLU D 47 5.51 3.14 16.60
CA GLU D 47 5.90 2.37 17.80
C GLU D 47 4.72 1.53 18.20
N LEU D 48 4.93 0.24 18.42
CA LEU D 48 3.86 -0.67 18.88
C LEU D 48 4.26 -1.19 20.25
N ALA D 49 3.45 -0.93 21.27
CA ALA D 49 3.62 -1.52 22.62
C ALA D 49 2.57 -2.62 22.81
N LEU D 50 3.00 -3.74 23.37
CA LEU D 50 2.10 -4.83 23.80
C LEU D 50 2.15 -4.92 25.32
N VAL D 51 0.96 -4.96 25.92
CA VAL D 51 0.89 -5.14 27.39
C VAL D 51 -0.03 -6.30 27.70
N ASP D 52 0.35 -7.13 28.69
CA ASP D 52 -0.48 -8.28 29.07
C ASP D 52 -0.01 -8.79 30.42
N VAL D 53 -0.83 -9.57 31.09
CA VAL D 53 -0.44 -10.22 32.36
C VAL D 53 0.45 -11.46 32.11
N LEU D 54 0.39 -12.10 30.95
CA LEU D 54 1.15 -13.35 30.66
C LEU D 54 2.53 -12.99 30.15
N GLU D 55 3.52 -12.91 31.03
CA GLU D 55 4.85 -12.34 30.75
C GLU D 55 5.59 -13.15 29.68
N ASP D 56 5.58 -14.47 29.77
CA ASP D 56 6.31 -15.31 28.78
C ASP D 56 5.63 -15.20 27.44
N LYS D 57 4.31 -15.36 27.39
CA LYS D 57 3.62 -15.29 26.09
C LYS D 57 3.87 -13.91 25.47
N LEU D 58 3.79 -12.85 26.27
CA LEU D 58 3.99 -11.46 25.80
C LEU D 58 5.37 -11.30 25.17
N LYS D 59 6.40 -11.79 25.82
CA LYS D 59 7.79 -11.66 25.32
C LYS D 59 7.94 -12.45 24.02
N GLY D 60 7.34 -13.62 23.95
CA GLY D 60 7.41 -14.45 22.72
C GLY D 60 6.75 -13.73 21.57
N GLU D 61 5.54 -13.19 21.79
CA GLU D 61 4.86 -12.47 20.70
C GLU D 61 5.68 -11.26 20.28
N MET D 62 6.20 -10.50 21.23
CA MET D 62 7.04 -9.32 20.88
C MET D 62 8.23 -9.77 20.02
N MET D 63 8.89 -10.84 20.38
CA MET D 63 10.09 -11.31 19.65
C MET D 63 9.69 -11.76 18.24
N ASP D 64 8.58 -12.46 18.10
CA ASP D 64 8.12 -12.97 16.78
C ASP D 64 7.82 -11.76 15.89
N LEU D 65 7.11 -10.75 16.40
CA LEU D 65 6.88 -9.54 15.58
C LEU D 65 8.22 -8.89 15.24
N GLN D 66 9.11 -8.72 16.19
CA GLN D 66 10.41 -8.06 15.97
C GLN D 66 11.17 -8.76 14.85
N HIS D 67 11.09 -10.09 14.80
CA HIS D 67 11.81 -10.89 13.78
C HIS D 67 11.27 -10.56 12.39
N GLY D 68 10.02 -10.09 12.27
CA GLY D 68 9.49 -9.64 10.96
C GLY D 68 9.76 -8.20 10.60
N SER D 69 10.56 -7.45 11.37
CA SER D 69 10.79 -5.99 11.19
C SER D 69 11.22 -5.67 9.79
N LEU D 70 12.13 -6.51 9.24
CA LEU D 70 12.62 -6.22 7.85
C LEU D 70 11.46 -5.98 6.89
N PHE D 71 10.32 -6.61 7.10
CA PHE D 71 9.17 -6.65 6.18
C PHE D 71 8.17 -5.56 6.56
N LEU D 72 8.48 -4.76 7.59
CA LEU D 72 7.52 -3.80 8.18
C LEU D 72 8.09 -2.38 8.13
N GLN D 73 7.31 -1.43 8.63
CA GLN D 73 7.75 -0.03 8.77
C GLN D 73 7.40 0.49 10.16
N THR D 74 7.72 -0.31 11.18
CA THR D 74 7.51 0.04 12.58
C THR D 74 8.85 -0.17 13.28
N PRO D 75 9.60 0.89 13.57
CA PRO D 75 10.98 0.76 14.04
C PRO D 75 11.11 0.31 15.49
N LYS D 76 10.03 0.41 16.27
CA LYS D 76 10.14 0.09 17.71
C LYS D 76 8.92 -0.76 18.09
N ILE D 77 9.19 -2.00 18.54
CA ILE D 77 8.15 -2.93 19.04
C ILE D 77 8.61 -3.35 20.44
N VAL D 78 7.78 -3.05 21.43
CA VAL D 78 8.15 -3.26 22.86
C VAL D 78 7.00 -3.96 23.57
N ALA D 79 7.29 -4.53 24.74
CA ALA D 79 6.26 -5.30 25.46
C ALA D 79 6.64 -5.41 26.92
N ASP D 80 5.65 -5.22 27.79
CA ASP D 80 5.88 -5.45 29.24
C ASP D 80 4.55 -5.67 29.93
N LYS D 81 4.59 -6.35 31.09
CA LYS D 81 3.39 -6.51 31.94
C LYS D 81 3.10 -5.18 32.67
N ASP D 82 4.12 -4.37 32.87
CA ASP D 82 3.95 -3.04 33.51
C ASP D 82 3.51 -2.00 32.47
N TYR D 83 2.48 -1.21 32.79
CA TYR D 83 1.87 -0.23 31.86
C TYR D 83 2.81 0.95 31.58
N SER D 84 3.95 1.08 32.26
CA SER D 84 4.94 2.11 31.88
C SER D 84 5.34 1.95 30.42
N VAL D 85 5.32 0.72 29.87
CA VAL D 85 5.71 0.48 28.44
C VAL D 85 4.75 1.22 27.52
N THR D 86 3.53 1.54 27.97
CA THR D 86 2.45 2.08 27.10
C THR D 86 2.52 3.62 27.06
N ALA D 87 3.45 4.25 27.77
CA ALA D 87 3.46 5.72 27.99
C ALA D 87 3.38 6.45 26.64
N ASN D 88 2.54 7.49 26.61
CA ASN D 88 2.44 8.45 25.47
C ASN D 88 1.90 7.75 24.22
N SER D 89 1.00 6.78 24.38
CA SER D 89 0.27 6.15 23.25
C SER D 89 -0.79 7.11 22.72
N LYS D 90 -0.88 7.25 21.40
CA LYS D 90 -1.97 8.03 20.80
C LYS D 90 -3.26 7.23 20.81
N ILE D 91 -3.16 5.93 20.54
CA ILE D 91 -4.32 5.02 20.49
C ILE D 91 -3.99 3.81 21.35
N VAL D 92 -4.92 3.36 22.17
CA VAL D 92 -4.78 2.13 22.97
C VAL D 92 -5.96 1.25 22.64
N VAL D 93 -5.67 0.04 22.18
CA VAL D 93 -6.69 -0.96 21.79
C VAL D 93 -6.82 -1.96 22.95
N VAL D 94 -7.99 -2.13 23.49
CA VAL D 94 -8.14 -3.03 24.68
C VAL D 94 -8.82 -4.32 24.23
N THR D 95 -8.06 -5.42 24.26
CA THR D 95 -8.58 -6.73 23.80
C THR D 95 -8.49 -7.76 24.93
N ALA D 96 -8.03 -7.35 26.12
CA ALA D 96 -7.82 -8.30 27.25
C ALA D 96 -9.14 -8.70 27.91
N GLY D 97 -9.12 -9.92 28.43
CA GLY D 97 -10.22 -10.45 29.23
C GLY D 97 -10.72 -11.79 28.74
N VAL D 98 -11.82 -12.23 29.31
CA VAL D 98 -12.44 -13.53 28.96
C VAL D 98 -13.26 -13.37 27.68
N ARG D 99 -13.40 -14.50 26.98
CA ARG D 99 -14.17 -14.56 25.73
C ARG D 99 -15.29 -15.59 25.89
N GLN D 100 -16.16 -15.62 24.90
CA GLN D 100 -17.31 -16.57 24.91
C GLN D 100 -16.81 -18.01 24.81
N GLN D 101 -17.38 -18.87 25.63
CA GLN D 101 -17.43 -20.32 25.31
C GLN D 101 -18.47 -20.55 24.21
N GLU D 102 -18.46 -21.75 23.62
CA GLU D 102 -19.52 -22.18 22.69
C GLU D 102 -20.90 -21.90 23.28
N GLY D 103 -21.71 -21.14 22.54
CA GLY D 103 -23.11 -20.85 22.89
C GLY D 103 -23.28 -19.77 23.93
N GLU D 104 -22.20 -19.24 24.51
CA GLU D 104 -22.29 -18.27 25.63
C GLU D 104 -22.59 -16.86 25.08
N SER D 105 -23.53 -16.15 25.70
CA SER D 105 -23.78 -14.72 25.38
C SER D 105 -22.56 -13.87 25.76
N ARG D 106 -22.24 -12.87 24.93
CA ARG D 106 -21.24 -11.84 25.31
C ARG D 106 -21.65 -11.18 26.62
N LEU D 107 -22.95 -11.06 26.89
CA LEU D 107 -23.42 -10.36 28.11
C LEU D 107 -23.10 -11.18 29.35
N ASN D 108 -22.76 -12.47 29.21
CA ASN D 108 -22.43 -13.32 30.37
C ASN D 108 -20.99 -13.05 30.83
N LEU D 109 -20.22 -12.28 30.05
CA LEU D 109 -18.79 -12.00 30.34
C LEU D 109 -18.67 -10.76 31.24
N VAL D 110 -19.77 -10.08 31.53
CA VAL D 110 -19.76 -8.73 32.15
C VAL D 110 -19.00 -8.70 33.48
N GLN D 111 -19.35 -9.54 34.46
CA GLN D 111 -18.72 -9.36 35.78
C GLN D 111 -17.22 -9.62 35.67
N ARG D 112 -16.83 -10.67 34.95
CA ARG D 112 -15.39 -11.01 34.81
C ARG D 112 -14.68 -9.81 34.17
N ASN D 113 -15.18 -9.32 33.04
CA ASN D 113 -14.41 -8.30 32.30
C ASN D 113 -14.54 -6.93 32.93
N VAL D 114 -15.60 -6.63 33.69
CA VAL D 114 -15.60 -5.38 34.48
C VAL D 114 -14.40 -5.42 35.45
N ASN D 115 -14.17 -6.56 36.13
CA ASN D 115 -13.00 -6.66 37.04
C ASN D 115 -11.70 -6.43 36.28
N VAL D 116 -11.58 -6.93 35.06
CA VAL D 116 -10.34 -6.72 34.26
C VAL D 116 -10.19 -5.22 33.98
N PHE D 117 -11.28 -4.58 33.59
CA PHE D 117 -11.24 -3.16 33.12
C PHE D 117 -11.01 -2.24 34.31
N LYS D 118 -11.47 -2.62 35.51
CA LYS D 118 -11.26 -1.78 36.70
C LYS D 118 -9.77 -1.70 37.01
N PHE D 119 -8.99 -2.71 36.63
CA PHE D 119 -7.51 -2.68 36.76
C PHE D 119 -6.92 -1.90 35.58
N ILE D 120 -7.27 -2.31 34.35
CA ILE D 120 -6.55 -1.88 33.12
C ILE D 120 -6.80 -0.41 32.81
N ILE D 121 -8.04 0.06 32.86
CA ILE D 121 -8.34 1.42 32.31
C ILE D 121 -7.59 2.48 33.13
N PRO D 122 -7.55 2.45 34.47
CA PRO D 122 -6.78 3.46 35.20
C PRO D 122 -5.29 3.41 34.84
N GLN D 123 -4.74 2.23 34.57
CA GLN D 123 -3.30 2.15 34.20
C GLN D 123 -3.09 2.82 32.84
N ILE D 124 -3.99 2.57 31.89
CA ILE D 124 -3.87 3.20 30.55
C ILE D 124 -3.79 4.70 30.71
N VAL D 125 -4.73 5.31 31.42
CA VAL D 125 -4.78 6.80 31.40
C VAL D 125 -3.69 7.36 32.32
N LYS D 126 -3.22 6.60 33.31
CA LYS D 126 -2.03 7.01 34.10
C LYS D 126 -0.88 7.32 33.13
N TYR D 127 -0.63 6.46 32.16
CA TYR D 127 0.61 6.53 31.35
C TYR D 127 0.34 7.24 30.01
N SER D 128 -0.92 7.31 29.55
CA SER D 128 -1.29 8.03 28.29
C SER D 128 -2.54 8.85 28.56
N PRO D 129 -2.44 9.95 29.32
CA PRO D 129 -3.63 10.75 29.66
C PRO D 129 -4.36 11.35 28.46
N ASP D 130 -3.68 11.51 27.35
CA ASP D 130 -4.18 12.16 26.11
C ASP D 130 -4.56 11.14 25.02
N CYS D 131 -4.73 9.87 25.34
CA CYS D 131 -5.00 8.85 24.29
C CYS D 131 -6.47 8.77 23.88
N ILE D 132 -6.69 8.15 22.72
CA ILE D 132 -7.99 7.56 22.28
C ILE D 132 -8.00 6.09 22.68
N ILE D 133 -9.03 5.63 23.35
CA ILE D 133 -9.15 4.19 23.70
C ILE D 133 -10.16 3.55 22.75
N ILE D 134 -9.76 2.47 22.08
CA ILE D 134 -10.68 1.60 21.30
C ILE D 134 -10.92 0.36 22.14
N VAL D 135 -12.15 0.15 22.54
CA VAL D 135 -12.51 -1.02 23.39
C VAL D 135 -12.95 -2.13 22.46
N VAL D 136 -12.39 -3.34 22.61
CA VAL D 136 -12.73 -4.51 21.77
C VAL D 136 -13.29 -5.62 22.65
N SER D 137 -12.78 -5.79 23.86
CA SER D 137 -13.24 -6.86 24.77
C SER D 137 -14.76 -6.88 24.86
N ASN D 138 -15.35 -8.05 25.11
CA ASN D 138 -16.83 -8.15 25.20
C ASN D 138 -17.32 -8.20 26.65
N PRO D 139 -18.58 -7.78 26.92
CA PRO D 139 -19.45 -7.19 25.90
C PRO D 139 -19.03 -5.75 25.55
N VAL D 140 -18.71 -5.50 24.29
CA VAL D 140 -17.98 -4.27 23.88
C VAL D 140 -18.77 -3.00 24.24
N ASP D 141 -20.10 -2.98 24.11
CA ASP D 141 -20.85 -1.73 24.37
C ASP D 141 -20.80 -1.42 25.87
N ILE D 142 -21.05 -2.41 26.70
CA ILE D 142 -21.01 -2.20 28.17
C ILE D 142 -19.61 -1.78 28.57
N LEU D 143 -18.59 -2.44 28.03
CA LEU D 143 -17.21 -2.13 28.47
C LEU D 143 -16.77 -0.76 27.92
N THR D 144 -17.36 -0.26 26.83
CA THR D 144 -17.07 1.11 26.39
C THR D 144 -17.61 2.11 27.44
N TYR D 145 -18.84 1.88 27.91
CA TYR D 145 -19.42 2.70 29.01
C TYR D 145 -18.52 2.64 30.24
N VAL D 146 -18.13 1.42 30.63
CA VAL D 146 -17.27 1.24 31.84
C VAL D 146 -15.95 2.01 31.62
N THR D 147 -15.37 1.95 30.41
CA THR D 147 -14.08 2.62 30.13
C THR D 147 -14.26 4.13 30.24
N TRP D 148 -15.37 4.64 29.71
CA TRP D 148 -15.68 6.08 29.80
C TRP D 148 -15.72 6.50 31.27
N LYS D 149 -16.46 5.77 32.09
CA LYS D 149 -16.61 6.10 33.52
C LYS D 149 -15.25 6.01 34.22
N LEU D 150 -14.53 4.92 34.02
CA LEU D 150 -13.26 4.69 34.76
C LEU D 150 -12.19 5.68 34.30
N SER D 151 -12.15 6.03 33.01
CA SER D 151 -11.02 6.81 32.42
C SER D 151 -11.11 8.29 32.77
N GLY D 152 -12.33 8.83 32.89
CA GLY D 152 -12.54 10.27 33.04
C GLY D 152 -12.31 11.00 31.72
N LEU D 153 -12.12 10.27 30.63
CA LEU D 153 -11.87 10.89 29.31
C LEU D 153 -13.17 11.47 28.76
N PRO D 154 -13.06 12.44 27.84
CA PRO D 154 -14.25 12.92 27.14
C PRO D 154 -14.84 11.83 26.23
N LYS D 155 -16.14 11.93 25.96
CA LYS D 155 -16.88 10.96 25.11
C LYS D 155 -16.15 10.72 23.77
N HIS D 156 -15.58 11.75 23.14
CA HIS D 156 -14.98 11.61 21.80
C HIS D 156 -13.68 10.80 21.84
N ARG D 157 -13.18 10.44 23.04
CA ARG D 157 -11.89 9.73 23.14
C ARG D 157 -12.08 8.28 23.59
N VAL D 158 -13.31 7.81 23.67
CA VAL D 158 -13.61 6.43 24.11
C VAL D 158 -14.59 5.82 23.12
N ILE D 159 -14.10 4.83 22.39
CA ILE D 159 -14.83 4.25 21.22
C ILE D 159 -14.89 2.74 21.39
N GLY D 160 -16.06 2.16 21.20
CA GLY D 160 -16.19 0.69 21.14
C GLY D 160 -16.15 0.21 19.71
N SER D 161 -15.38 -0.84 19.42
CA SER D 161 -15.28 -1.34 18.04
C SER D 161 -16.69 -1.65 17.50
N GLY D 162 -17.59 -2.11 18.34
CA GLY D 162 -19.03 -2.03 18.07
C GLY D 162 -19.43 -2.80 16.83
N CYS D 163 -20.26 -2.17 15.99
CA CYS D 163 -20.90 -2.81 14.82
C CYS D 163 -20.12 -2.55 13.53
N ASN D 164 -18.86 -2.11 13.60
CA ASN D 164 -18.03 -2.00 12.38
C ASN D 164 -17.87 -3.42 11.79
N LEU D 165 -17.66 -4.41 12.66
CA LEU D 165 -17.51 -5.83 12.25
C LEU D 165 -18.88 -6.38 11.81
N ASP D 166 -19.96 -6.10 12.54
CA ASP D 166 -21.29 -6.66 12.17
C ASP D 166 -21.62 -6.14 10.77
N SER D 167 -21.37 -4.86 10.54
CA SER D 167 -21.65 -4.19 9.25
C SER D 167 -20.78 -4.79 8.15
N ALA D 168 -19.50 -5.08 8.41
CA ALA D 168 -18.67 -5.76 7.40
C ALA D 168 -19.26 -7.14 7.06
N ARG D 169 -19.71 -7.89 8.05
CA ARG D 169 -20.31 -9.22 7.81
C ARG D 169 -21.59 -9.06 6.98
N PHE D 170 -22.40 -8.08 7.34
CA PHE D 170 -23.70 -7.81 6.66
C PHE D 170 -23.41 -7.51 5.19
N ARG D 171 -22.45 -6.63 4.94
CA ARG D 171 -22.13 -6.18 3.55
C ARG D 171 -21.52 -7.36 2.79
N TYR D 172 -20.66 -8.17 3.43
CA TYR D 172 -20.11 -9.39 2.77
C TYR D 172 -21.28 -10.29 2.32
N LEU D 173 -22.21 -10.58 3.22
CA LEU D 173 -23.29 -11.57 2.93
C LEU D 173 -24.21 -11.03 1.84
N MET D 174 -24.55 -9.74 1.85
CA MET D 174 -25.43 -9.16 0.80
C MET D 174 -24.66 -9.09 -0.53
N ALA D 175 -23.39 -8.70 -0.50
CA ALA D 175 -22.57 -8.54 -1.72
C ALA D 175 -22.41 -9.93 -2.36
N GLU D 176 -22.28 -10.97 -1.56
CA GLU D 176 -22.10 -12.36 -2.08
C GLU D 176 -23.36 -12.78 -2.84
N LYS D 177 -24.53 -12.40 -2.35
CA LYS D 177 -25.81 -12.72 -3.02
C LYS D 177 -25.92 -11.95 -4.34
N LEU D 178 -25.38 -10.74 -4.42
CA LEU D 178 -25.57 -9.87 -5.61
C LEU D 178 -24.42 -10.02 -6.60
N GLY D 179 -23.31 -10.66 -6.22
CA GLY D 179 -22.11 -10.81 -7.07
C GLY D 179 -21.34 -9.52 -7.23
N ILE D 180 -21.15 -8.75 -6.15
CA ILE D 180 -20.39 -7.48 -6.19
C ILE D 180 -19.40 -7.47 -5.02
N HIS D 181 -18.48 -6.50 -5.03
CA HIS D 181 -17.55 -6.29 -3.91
C HIS D 181 -18.30 -5.73 -2.71
N PRO D 182 -18.00 -6.15 -1.46
CA PRO D 182 -18.70 -5.54 -0.32
C PRO D 182 -18.59 -4.01 -0.27
N SER D 183 -17.54 -3.42 -0.81
CA SER D 183 -17.35 -1.95 -0.79
C SER D 183 -18.43 -1.25 -1.66
N SER D 184 -19.08 -1.98 -2.56
CA SER D 184 -20.14 -1.43 -3.45
C SER D 184 -21.53 -1.78 -2.93
N CYS D 185 -21.62 -2.49 -1.81
CA CYS D 185 -22.91 -2.93 -1.23
C CYS D 185 -23.06 -2.27 0.14
N HIS D 186 -23.97 -1.30 0.30
CA HIS D 186 -23.97 -0.42 1.48
C HIS D 186 -25.07 -0.87 2.41
N GLY D 187 -24.76 -1.00 3.69
CA GLY D 187 -25.76 -1.46 4.67
C GLY D 187 -25.20 -1.33 6.06
N TRP D 188 -26.06 -0.99 7.02
CA TRP D 188 -25.63 -0.66 8.38
C TRP D 188 -26.30 -1.57 9.39
N ILE D 189 -25.51 -2.18 10.26
CA ILE D 189 -25.94 -2.83 11.52
C ILE D 189 -25.67 -1.84 12.64
N LEU D 190 -26.69 -1.54 13.45
CA LEU D 190 -26.58 -0.60 14.60
C LEU D 190 -26.92 -1.30 15.91
N GLY D 191 -26.80 -0.56 17.01
CA GLY D 191 -27.16 -1.06 18.35
C GLY D 191 -26.09 -1.95 18.94
N GLU D 192 -26.52 -2.96 19.69
CA GLU D 192 -25.60 -3.86 20.39
C GLU D 192 -24.77 -4.62 19.35
N HIS D 193 -23.45 -4.72 19.54
CA HIS D 193 -22.65 -5.79 18.93
C HIS D 193 -23.07 -7.11 19.59
N GLY D 194 -24.17 -7.68 19.11
CA GLY D 194 -24.70 -8.90 19.75
C GLY D 194 -26.11 -9.19 19.31
N ASP D 195 -26.84 -9.91 20.12
CA ASP D 195 -28.09 -10.57 19.67
C ASP D 195 -29.15 -9.52 19.36
N SER D 196 -29.06 -8.31 19.91
CA SER D 196 -30.15 -7.29 19.79
C SER D 196 -29.82 -6.27 18.69
N SER D 197 -28.83 -6.55 17.85
CA SER D 197 -28.42 -5.63 16.76
C SER D 197 -29.61 -5.29 15.84
N VAL D 198 -29.50 -4.15 15.19
CA VAL D 198 -30.54 -3.60 14.27
C VAL D 198 -30.00 -3.64 12.85
N ALA D 199 -30.71 -4.26 11.93
CA ALA D 199 -30.39 -4.16 10.49
C ALA D 199 -31.20 -3.01 9.91
N VAL D 200 -30.53 -1.97 9.41
CA VAL D 200 -31.23 -0.78 8.85
C VAL D 200 -31.54 -1.08 7.39
N TRP D 201 -32.56 -1.92 7.17
CA TRP D 201 -32.96 -2.35 5.81
C TRP D 201 -33.31 -1.12 4.97
N SER D 202 -33.87 -0.09 5.61
CA SER D 202 -34.31 1.15 4.93
C SER D 202 -33.15 1.93 4.32
N GLY D 203 -31.91 1.69 4.75
CA GLY D 203 -30.73 2.39 4.21
C GLY D 203 -29.88 1.52 3.30
N VAL D 204 -30.22 0.24 3.18
CA VAL D 204 -29.40 -0.71 2.36
C VAL D 204 -29.52 -0.30 0.89
N ASN D 205 -28.40 -0.19 0.20
CA ASN D 205 -28.44 0.35 -1.17
C ASN D 205 -27.21 -0.09 -1.95
N VAL D 206 -27.36 -0.06 -3.28
CA VAL D 206 -26.27 -0.30 -4.25
C VAL D 206 -26.35 0.86 -5.24
N ALA D 207 -25.29 1.62 -5.36
CA ALA D 207 -25.20 2.80 -6.26
C ALA D 207 -26.35 3.77 -5.96
N GLY D 208 -26.76 3.90 -4.70
CA GLY D 208 -27.82 4.83 -4.30
C GLY D 208 -29.21 4.33 -4.65
N VAL D 209 -29.33 3.07 -5.04
CA VAL D 209 -30.64 2.40 -5.24
C VAL D 209 -31.03 1.72 -3.92
N SER D 210 -32.08 2.21 -3.27
CA SER D 210 -32.59 1.58 -2.03
C SER D 210 -33.11 0.20 -2.36
N LEU D 211 -32.56 -0.86 -1.77
CA LEU D 211 -32.98 -2.23 -2.10
C LEU D 211 -34.39 -2.48 -1.53
N GLN D 212 -34.75 -1.85 -0.41
CA GLN D 212 -36.11 -1.95 0.17
C GLN D 212 -37.11 -1.23 -0.72
N GLU D 213 -36.69 -0.24 -1.52
CA GLU D 213 -37.61 0.35 -2.53
C GLU D 213 -37.92 -0.69 -3.63
N LEU D 214 -36.92 -1.48 -4.05
CA LEU D 214 -37.11 -2.57 -5.06
C LEU D 214 -37.94 -3.72 -4.47
N ASN D 215 -37.67 -4.12 -3.23
CA ASN D 215 -38.37 -5.22 -2.53
C ASN D 215 -38.83 -4.70 -1.17
N PRO D 216 -40.04 -4.09 -1.09
CA PRO D 216 -40.57 -3.55 0.16
C PRO D 216 -40.63 -4.54 1.35
N GLU D 217 -40.63 -5.85 1.05
CA GLU D 217 -40.75 -6.92 2.08
C GLU D 217 -39.36 -7.22 2.66
N MET D 218 -38.31 -6.66 2.07
CA MET D 218 -36.93 -6.90 2.54
C MET D 218 -36.85 -6.60 4.03
N GLY D 219 -36.46 -7.58 4.84
CA GLY D 219 -36.27 -7.44 6.29
C GLY D 219 -37.50 -7.78 7.10
N THR D 220 -38.63 -8.10 6.46
CA THR D 220 -39.88 -8.60 7.09
C THR D 220 -39.91 -10.13 7.04
N ASP D 221 -40.82 -10.76 7.77
CA ASP D 221 -41.00 -12.24 7.78
C ASP D 221 -41.79 -12.67 6.53
N ASN D 222 -42.37 -11.73 5.78
CA ASN D 222 -43.24 -12.04 4.61
C ASN D 222 -42.49 -11.64 3.32
N ASP D 223 -41.30 -12.21 3.15
CA ASP D 223 -40.39 -11.95 2.02
C ASP D 223 -40.02 -13.31 1.44
N SER D 224 -40.38 -13.55 0.17
CA SER D 224 -40.16 -14.85 -0.52
C SER D 224 -38.67 -15.10 -0.70
N GLU D 225 -37.83 -14.05 -0.67
CA GLU D 225 -36.35 -14.13 -0.81
C GLU D 225 -35.69 -14.21 0.57
N ASN D 226 -36.44 -13.95 1.64
CA ASN D 226 -36.00 -14.12 3.04
C ASN D 226 -34.69 -13.37 3.29
N TRP D 227 -34.63 -12.09 2.94
CA TRP D 227 -33.44 -11.24 3.19
C TRP D 227 -33.21 -11.14 4.70
N LYS D 228 -34.27 -11.20 5.52
CA LYS D 228 -34.15 -11.21 7.00
C LYS D 228 -33.12 -12.25 7.47
N GLU D 229 -33.02 -13.40 6.80
CA GLU D 229 -32.09 -14.49 7.17
C GLU D 229 -30.66 -13.93 7.18
N VAL D 230 -30.34 -12.96 6.33
CA VAL D 230 -28.98 -12.35 6.31
C VAL D 230 -28.71 -11.71 7.68
N HIS D 231 -29.66 -10.98 8.23
CA HIS D 231 -29.44 -10.37 9.57
C HIS D 231 -29.30 -11.48 10.61
N LYS D 232 -30.06 -12.56 10.48
CA LYS D 232 -29.95 -13.70 11.43
C LYS D 232 -28.53 -14.28 11.31
N MET D 233 -27.98 -14.35 10.10
CA MET D 233 -26.63 -14.92 9.90
C MET D 233 -25.61 -13.97 10.55
N VAL D 234 -25.81 -12.66 10.44
CA VAL D 234 -24.89 -11.67 11.11
C VAL D 234 -24.93 -11.94 12.62
N VAL D 235 -26.12 -12.01 13.20
CA VAL D 235 -26.28 -12.25 14.67
C VAL D 235 -25.60 -13.57 15.04
N GLU D 236 -25.78 -14.62 14.24
CA GLU D 236 -25.31 -15.99 14.58
C GLU D 236 -23.82 -16.16 14.26
N SER D 237 -23.22 -15.28 13.46
CA SER D 237 -21.88 -15.49 12.87
C SER D 237 -20.85 -15.80 13.97
N ALA D 238 -20.77 -15.03 15.04
CA ALA D 238 -19.74 -15.27 16.09
C ALA D 238 -19.94 -16.67 16.69
N TYR D 239 -21.18 -17.06 16.92
CA TYR D 239 -21.47 -18.36 17.55
C TYR D 239 -21.01 -19.47 16.59
N GLU D 240 -21.28 -19.30 15.28
CA GLU D 240 -20.93 -20.35 14.29
C GLU D 240 -19.41 -20.47 14.23
N VAL D 241 -18.70 -19.33 14.15
CA VAL D 241 -17.22 -19.36 14.01
C VAL D 241 -16.62 -19.93 15.32
N ILE D 242 -17.13 -19.54 16.48
CA ILE D 242 -16.65 -20.07 17.78
C ILE D 242 -16.84 -21.59 17.82
N LYS D 243 -17.99 -22.08 17.37
CA LYS D 243 -18.23 -23.53 17.31
C LYS D 243 -17.15 -24.20 16.44
N LEU D 244 -16.77 -23.58 15.33
CA LEU D 244 -15.89 -24.24 14.34
C LEU D 244 -14.42 -24.12 14.75
N LYS D 245 -13.93 -22.92 15.13
CA LYS D 245 -12.48 -22.73 15.36
C LYS D 245 -12.20 -22.26 16.81
N GLY D 246 -13.23 -21.98 17.60
CA GLY D 246 -13.05 -21.73 19.05
C GLY D 246 -13.13 -20.26 19.44
N TYR D 247 -13.01 -19.34 18.49
CA TYR D 247 -12.91 -17.88 18.74
C TYR D 247 -13.01 -17.22 17.36
N THR D 248 -13.05 -15.91 17.31
CA THR D 248 -12.93 -15.15 16.05
C THR D 248 -11.78 -14.17 16.27
N ASN D 249 -11.09 -13.81 15.19
CA ASN D 249 -9.98 -12.86 15.33
C ASN D 249 -9.65 -12.13 14.04
N TRP D 250 -9.64 -12.79 12.87
CA TRP D 250 -9.12 -12.09 11.68
C TRP D 250 -10.00 -10.90 11.30
N ALA D 251 -11.31 -11.08 11.24
CA ALA D 251 -12.19 -9.97 10.82
C ALA D 251 -12.13 -8.82 11.83
N ILE D 252 -12.15 -9.10 13.14
CA ILE D 252 -12.11 -7.98 14.13
C ILE D 252 -10.74 -7.28 14.01
N GLY D 253 -9.65 -7.99 13.72
CA GLY D 253 -8.34 -7.32 13.61
C GLY D 253 -8.33 -6.35 12.44
N LEU D 254 -8.93 -6.77 11.34
CA LEU D 254 -9.03 -5.87 10.17
C LEU D 254 -9.99 -4.71 10.48
N SER D 255 -11.09 -4.98 11.16
CA SER D 255 -12.08 -3.93 11.54
C SER D 255 -11.39 -2.87 12.40
N VAL D 256 -10.63 -3.30 13.42
CA VAL D 256 -9.92 -2.34 14.31
C VAL D 256 -8.91 -1.53 13.51
N ALA D 257 -8.14 -2.18 12.62
CA ALA D 257 -7.17 -1.46 11.75
C ALA D 257 -7.89 -0.43 10.89
N ASP D 258 -9.13 -0.70 10.48
CA ASP D 258 -9.94 0.24 9.62
C ASP D 258 -10.26 1.50 10.45
N LEU D 259 -10.64 1.33 11.70
CA LEU D 259 -10.96 2.45 12.61
C LEU D 259 -9.68 3.25 12.88
N ILE D 260 -8.56 2.59 13.09
CA ILE D 260 -7.29 3.28 13.38
C ILE D 260 -6.87 4.10 12.15
N GLU D 261 -7.01 3.51 10.98
CA GLU D 261 -6.65 4.22 9.73
C GLU D 261 -7.45 5.52 9.67
N SER D 262 -8.75 5.48 9.86
CA SER D 262 -9.59 6.71 9.79
C SER D 262 -9.05 7.75 10.76
N MET D 263 -8.66 7.35 11.96
CA MET D 263 -8.25 8.32 12.99
C MET D 263 -6.85 8.83 12.71
N LEU D 264 -5.86 7.96 12.45
CA LEU D 264 -4.48 8.44 12.32
C LEU D 264 -4.30 9.20 11.01
N LYS D 265 -5.10 8.89 9.99
CA LYS D 265 -5.04 9.64 8.69
C LYS D 265 -5.99 10.84 8.75
N ASN D 266 -6.72 11.03 9.85
CA ASN D 266 -7.57 12.22 10.08
C ASN D 266 -8.66 12.31 9.00
N LEU D 267 -9.29 11.20 8.63
CA LEU D 267 -10.08 11.17 7.38
C LEU D 267 -11.52 11.66 7.56
N SER D 268 -12.10 11.58 8.76
CA SER D 268 -13.54 11.86 8.98
C SER D 268 -14.36 10.92 8.09
N ARG D 269 -14.03 9.63 8.16
CA ARG D 269 -14.86 8.55 7.58
C ARG D 269 -15.89 8.11 8.62
N ILE D 270 -17.00 7.59 8.13
CA ILE D 270 -18.12 7.23 9.04
C ILE D 270 -18.12 5.73 9.26
N HIS D 271 -18.18 5.32 10.52
CA HIS D 271 -18.18 3.91 10.96
C HIS D 271 -19.23 3.73 12.04
N PRO D 272 -19.87 2.54 12.09
CA PRO D 272 -20.82 2.23 13.15
C PRO D 272 -20.08 1.70 14.37
N VAL D 273 -19.80 2.58 15.31
CA VAL D 273 -18.98 2.29 16.51
C VAL D 273 -19.75 2.70 17.75
N SER D 274 -19.37 2.13 18.88
CA SER D 274 -20.12 2.33 20.15
CA SER D 274 -20.11 2.37 20.15
C SER D 274 -19.77 3.72 20.81
N THR D 275 -20.85 4.48 21.06
CA THR D 275 -20.75 5.83 21.68
C THR D 275 -21.97 6.02 22.60
N MET D 276 -21.94 7.11 23.37
CA MET D 276 -22.97 7.46 24.37
C MET D 276 -24.17 8.09 23.63
N VAL D 277 -25.32 7.44 23.65
CA VAL D 277 -26.48 7.81 22.77
C VAL D 277 -27.63 8.42 23.57
N LYS D 278 -27.41 8.84 24.82
CA LYS D 278 -28.46 9.56 25.57
C LYS D 278 -28.99 10.71 24.71
N GLY D 279 -30.32 10.86 24.64
CA GLY D 279 -30.97 11.97 23.91
C GLY D 279 -31.22 11.62 22.46
N MET D 280 -30.86 10.43 22.01
CA MET D 280 -31.05 9.98 20.61
C MET D 280 -32.13 8.91 20.60
N TYR D 281 -33.11 9.05 19.70
CA TYR D 281 -34.20 8.08 19.49
C TYR D 281 -34.94 7.84 20.82
N GLY D 282 -35.03 8.90 21.65
CA GLY D 282 -35.76 8.89 22.93
C GLY D 282 -35.05 8.09 24.00
N ILE D 283 -33.76 7.78 23.84
CA ILE D 283 -33.02 7.04 24.89
C ILE D 283 -32.72 8.03 26.02
N GLU D 284 -33.05 7.64 27.25
CA GLU D 284 -33.09 8.60 28.39
C GLU D 284 -31.85 8.43 29.27
N ASN D 285 -31.11 7.33 29.10
CA ASN D 285 -29.95 7.02 29.97
C ASN D 285 -28.66 7.03 29.15
N GLU D 286 -27.53 6.96 29.86
CA GLU D 286 -26.18 6.99 29.25
C GLU D 286 -25.83 5.61 28.65
N VAL D 287 -26.69 5.12 27.77
CA VAL D 287 -26.45 3.87 27.02
C VAL D 287 -25.31 4.07 26.01
N PHE D 288 -24.43 3.07 25.88
CA PHE D 288 -23.50 3.02 24.73
C PHE D 288 -23.96 1.92 23.78
N LEU D 289 -24.06 2.25 22.51
CA LEU D 289 -24.32 1.28 21.43
C LEU D 289 -23.88 1.92 20.12
N SER D 290 -23.87 1.15 19.04
CA SER D 290 -23.34 1.60 17.74
C SER D 290 -24.37 2.43 16.96
N LEU D 291 -23.92 3.60 16.53
CA LEU D 291 -24.55 4.46 15.49
C LEU D 291 -23.45 4.87 14.53
N PRO D 292 -23.79 5.38 13.33
CA PRO D 292 -22.79 5.88 12.40
C PRO D 292 -22.10 7.12 12.96
N CYS D 293 -20.78 7.06 13.10
CA CYS D 293 -20.01 8.16 13.73
C CYS D 293 -18.88 8.61 12.82
N ILE D 294 -18.53 9.88 12.89
CA ILE D 294 -17.35 10.43 12.17
C ILE D 294 -16.09 10.22 13.01
N LEU D 295 -15.08 9.55 12.45
CA LEU D 295 -13.78 9.27 13.12
C LEU D 295 -12.68 10.03 12.40
N ASN D 296 -11.86 10.71 13.19
CA ASN D 296 -10.68 11.45 12.68
C ASN D 296 -9.64 11.51 13.80
N ALA D 297 -8.64 12.37 13.67
CA ALA D 297 -7.49 12.39 14.60
C ALA D 297 -7.89 12.87 15.99
N ARG D 298 -9.06 13.50 16.14
CA ARG D 298 -9.59 13.90 17.47
C ARG D 298 -10.29 12.72 18.14
N GLY D 299 -10.69 11.72 17.36
CA GLY D 299 -11.47 10.56 17.83
C GLY D 299 -12.85 10.56 17.19
N LEU D 300 -13.87 10.43 17.99
CA LEU D 300 -15.27 10.27 17.53
C LEU D 300 -15.98 11.62 17.71
N THR D 301 -16.07 12.43 16.65
CA THR D 301 -16.40 13.86 16.80
C THR D 301 -17.88 14.13 16.53
N SER D 302 -18.58 13.25 15.81
CA SER D 302 -20.02 13.46 15.47
C SER D 302 -20.74 12.12 15.34
N VAL D 303 -22.07 12.16 15.44
CA VAL D 303 -22.96 11.01 15.14
C VAL D 303 -23.90 11.46 14.02
N ILE D 304 -24.27 10.54 13.15
CA ILE D 304 -25.23 10.80 12.05
C ILE D 304 -26.63 10.53 12.58
N ASN D 305 -27.51 11.52 12.43
CA ASN D 305 -28.95 11.37 12.70
C ASN D 305 -29.58 10.61 11.54
N GLN D 306 -30.39 9.61 11.82
CA GLN D 306 -31.05 8.80 10.76
C GLN D 306 -32.56 8.87 10.88
N LYS D 307 -33.26 8.86 9.75
CA LYS D 307 -34.71 8.55 9.66
C LYS D 307 -34.83 7.03 9.57
N LEU D 308 -35.40 6.40 10.60
CA LEU D 308 -35.51 4.93 10.67
C LEU D 308 -36.98 4.52 10.58
N LYS D 309 -37.20 3.32 10.06
CA LYS D 309 -38.57 2.73 10.03
C LYS D 309 -38.96 2.31 11.45
N ASP D 310 -40.26 2.16 11.70
CA ASP D 310 -40.78 1.85 13.05
C ASP D 310 -40.12 0.59 13.60
N ASP D 311 -39.95 -0.43 12.76
CA ASP D 311 -39.41 -1.73 13.23
C ASP D 311 -37.92 -1.57 13.57
N GLU D 312 -37.23 -0.69 12.85
CA GLU D 312 -35.78 -0.41 13.10
C GLU D 312 -35.66 0.35 14.42
N VAL D 313 -36.50 1.36 14.62
CA VAL D 313 -36.49 2.17 15.87
C VAL D 313 -36.84 1.26 17.05
N ALA D 314 -37.87 0.39 16.89
CA ALA D 314 -38.31 -0.54 17.95
C ALA D 314 -37.14 -1.43 18.38
N GLN D 315 -36.38 -1.94 17.41
CA GLN D 315 -35.25 -2.86 17.73
C GLN D 315 -34.13 -2.07 18.41
N LEU D 316 -33.86 -0.85 17.94
CA LEU D 316 -32.82 0.00 18.56
C LEU D 316 -33.18 0.29 20.02
N LYS D 317 -34.44 0.63 20.28
CA LYS D 317 -34.86 0.89 21.68
C LYS D 317 -34.72 -0.39 22.49
N LYS D 318 -35.11 -1.52 21.92
CA LYS D 318 -35.02 -2.81 22.65
C LYS D 318 -33.54 -3.07 22.97
N SER D 319 -32.68 -2.76 22.00
CA SER D 319 -31.21 -2.95 22.18
C SER D 319 -30.73 -2.07 23.35
N ALA D 320 -31.12 -0.81 23.35
CA ALA D 320 -30.80 0.18 24.41
C ALA D 320 -31.30 -0.32 25.76
N ASP D 321 -32.55 -0.79 25.82
CA ASP D 321 -33.11 -1.34 27.07
C ASP D 321 -32.28 -2.52 27.58
N THR D 322 -31.89 -3.43 26.68
CA THR D 322 -31.15 -4.67 26.99
C THR D 322 -29.81 -4.29 27.62
N LEU D 323 -29.13 -3.31 27.03
CA LEU D 323 -27.81 -2.89 27.55
C LEU D 323 -27.97 -2.08 28.84
N TRP D 324 -28.96 -1.20 28.94
CA TRP D 324 -29.12 -0.33 30.14
C TRP D 324 -29.41 -1.21 31.35
N ASP D 325 -30.15 -2.30 31.15
CA ASP D 325 -30.53 -3.19 32.27
C ASP D 325 -29.27 -3.70 32.98
N ILE D 326 -28.18 -3.95 32.24
CA ILE D 326 -26.85 -4.34 32.77
C ILE D 326 -26.13 -3.11 33.30
N GLN D 327 -26.04 -2.03 32.51
CA GLN D 327 -25.25 -0.84 32.91
C GLN D 327 -25.73 -0.31 34.26
N LYS D 328 -27.05 -0.26 34.49
CA LYS D 328 -27.63 0.45 35.66
C LYS D 328 -27.12 -0.18 36.95
N ASP D 329 -26.77 -1.47 36.93
CA ASP D 329 -26.44 -2.19 38.19
C ASP D 329 -24.92 -2.22 38.44
N LEU D 330 -24.14 -1.63 37.55
CA LEU D 330 -22.66 -1.58 37.72
C LEU D 330 -22.32 -0.67 38.90
N LYS D 331 -21.30 -1.07 39.69
CA LYS D 331 -20.91 -0.41 40.96
C LYS D 331 -19.47 0.09 40.85
N ASP D 332 -19.16 1.20 41.55
CA ASP D 332 -17.78 1.70 41.81
C ASP D 332 -17.08 2.06 40.50
N LEU D 333 -17.78 2.77 39.60
CA LEU D 333 -17.23 3.25 38.31
C LEU D 333 -16.82 4.73 38.42
PA NAI E . 9.45 24.41 -13.60
O1A NAI E . 9.82 25.60 -14.44
O2A NAI E . 8.53 23.46 -14.27
O5B NAI E . 8.82 24.88 -12.21
C5B NAI E . 9.48 25.79 -11.33
C4B NAI E . 8.40 26.52 -10.58
O4B NAI E . 9.02 27.40 -9.61
C3B NAI E . 7.47 27.40 -11.45
O3B NAI E . 6.11 27.04 -11.31
C2B NAI E . 7.78 28.82 -10.97
O2B NAI E . 6.69 29.71 -11.01
C1B NAI E . 8.21 28.54 -9.53
N9A NAI E . 8.95 29.63 -8.92
C8A NAI E . 9.90 30.43 -9.50
N7A NAI E . 10.34 31.36 -8.70
C5A NAI E . 9.61 31.19 -7.53
C6A NAI E . 9.60 31.87 -6.31
N6A NAI E . 10.37 32.93 -6.04
N1A NAI E . 8.73 31.44 -5.37
C2A NAI E . 7.96 30.39 -5.62
N3A NAI E . 7.88 29.66 -6.74
C4A NAI E . 8.75 30.13 -7.66
O3 NAI E . 10.85 23.75 -13.23
PN NAI E . 10.96 22.20 -12.69
O1N NAI E . 11.15 21.35 -13.90
O2N NAI E . 9.88 21.90 -11.71
O5D NAI E . 12.37 22.27 -11.93
C5D NAI E . 12.39 22.85 -10.59
C4D NAI E . 13.76 22.74 -10.00
O4D NAI E . 14.09 21.36 -9.74
C3D NAI E . 14.90 23.27 -10.89
O3D NAI E . 15.86 23.98 -10.14
C2D NAI E . 15.50 21.97 -11.44
O2D NAI E . 16.84 22.10 -11.88
C1D NAI E . 15.40 21.11 -10.18
N1N NAI E . 15.58 19.65 -10.41
C2N NAI E . 16.30 18.96 -9.46
C3N NAI E . 16.42 17.61 -9.48
C7N NAI E . 17.24 16.96 -8.44
O7N NAI E . 17.53 15.78 -8.61
N7N NAI E . 17.68 17.65 -7.41
C4N NAI E . 15.70 16.84 -10.54
C5N NAI E . 15.00 17.68 -11.54
C6N NAI E . 14.98 18.99 -11.46
C1 OXM F . 18.27 17.00 -12.64
N1 OXM F . 17.48 17.67 -13.47
O1 OXM F . 18.97 17.51 -11.77
C2 OXM F . 18.26 15.50 -12.81
O2 OXM F . 19.22 14.90 -12.32
O3 OXM F . 17.32 15.03 -13.47
C1 EDO G . -3.15 27.02 7.17
O1 EDO G . -2.00 26.48 7.77
C2 EDO G . -3.45 26.38 5.86
O2 EDO G . -4.08 25.13 6.01
PA NAI H . -1.75 16.61 -24.51
O1A NAI H . -0.88 16.94 -23.34
O2A NAI H . -1.68 17.57 -25.68
O5B NAI H . -1.27 15.19 -25.06
C5B NAI H . -1.91 14.67 -26.26
C4B NAI H . -1.23 13.38 -26.64
O4B NAI H . -1.84 12.82 -27.82
C3B NAI H . 0.26 13.51 -26.96
O3B NAI H . 0.95 12.30 -26.68
C2B NAI H . 0.22 13.77 -28.46
O2B NAI H . 1.42 13.43 -29.13
C1B NAI H . -0.93 12.86 -28.90
N9A NAI H . -1.62 13.37 -30.08
C8A NAI H . -2.06 14.65 -30.29
N7A NAI H . -2.56 14.83 -31.49
C5A NAI H . -2.42 13.61 -32.11
C6A NAI H . -2.77 13.16 -33.40
N6A NAI H . -3.31 13.95 -34.32
N1A NAI H . -2.48 11.87 -33.71
C2A NAI H . -1.93 11.09 -32.78
N3A NAI H . -1.55 11.41 -31.55
C4A NAI H . -1.85 12.69 -31.26
O3 NAI H . -3.27 16.39 -24.17
PN NAI H . -3.80 15.82 -22.74
O1N NAI H . -2.95 14.64 -22.36
O2N NAI H . -3.87 16.98 -21.82
O5D NAI H . -5.27 15.35 -23.09
C5D NAI H . -5.42 14.12 -23.84
C4D NAI H . -6.89 13.83 -24.04
O4D NAI H . -7.52 13.55 -22.77
C3D NAI H . -7.73 14.96 -24.67
O3D NAI H . -8.59 14.45 -25.68
C2D NAI H . -8.48 15.53 -23.47
O2D NAI H . -9.68 16.22 -23.79
C1D NAI H . -8.77 14.22 -22.73
N1N NAI H . -9.21 14.35 -21.31
C2N NAI H . -10.20 13.52 -20.87
C3N NAI H . -10.58 13.48 -19.56
C7N NAI H . -11.69 12.60 -19.15
O7N NAI H . -12.16 12.75 -18.03
N7N NAI H . -12.14 11.68 -20.00
C4N NAI H . -9.89 14.38 -18.58
C5N NAI H . -8.83 15.19 -19.14
C6N NAI H . -8.59 15.23 -20.44
C1 OXM I . -11.94 16.98 -19.00
N1 OXM I . -10.92 17.67 -19.47
O1 OXM I . -12.67 16.27 -19.69
C2 OXM I . -12.15 17.01 -17.51
O2 OXM I . -11.20 17.43 -16.83
O3 OXM I . -13.25 16.65 -17.11
C1 EDO J . 1.46 8.02 -7.81
O1 EDO J . 1.41 7.08 -6.76
C2 EDO J . 0.13 8.56 -8.16
O2 EDO J . -0.97 7.73 -7.82
C1 H1U K . 39.96 -0.90 -0.03
C2 H1U K . 30.41 -4.54 -0.39
C3 H1U K . 39.79 -2.26 -0.29
C4 H1U K . 38.87 -0.03 0.00
C5 H1U K . 29.59 -5.46 0.24
C6 H1U K . 31.80 -4.73 -0.42
C7 H1U K . 38.51 -2.77 -0.52
C8 H1U K . 37.60 -0.54 -0.22
C9 H1U K . 30.11 -6.59 0.88
C10 H1U K . 32.36 -5.86 0.20
C11 H1U K . 37.43 -1.90 -0.49
C12 H1U K . 33.68 -6.36 0.37
C13 H1U K . 31.50 -6.76 0.84
C14 H1U K . 33.59 -7.53 1.09
C15 H1U K . 37.94 -12.71 0.63
C16 H1U K . 36.92 -13.79 0.95
C17 H1U K . 37.87 -11.53 1.59
C18 H1U K . 35.48 -13.30 1.02
C19 H1U K . 36.96 -10.39 1.15
C20 H1U K . 35.16 -11.97 0.35
C21 H1U K . 35.46 -10.73 1.20
C22 H1U K . 34.95 -5.82 -0.09
C23 H1U K . 36.07 -2.42 -0.74
C24 H1U K . 34.66 -8.45 1.53
C25 H1U K . 34.84 -4.45 -0.64
N26 H1U K . 32.28 -7.76 1.36
N27 H1U K . 34.75 -9.60 0.64
N28 H1U K . 35.82 -3.62 0.01
PA NAI L . -0.03 -26.16 13.72
O1A NAI L . -0.13 -27.39 14.59
O2A NAI L . -0.61 -24.94 14.33
O5B NAI L . -0.75 -26.41 12.32
C5B NAI L . -0.45 -27.53 11.48
C4B NAI L . -1.68 -27.77 10.66
O4B NAI L . -1.42 -28.82 9.69
C3B NAI L . -2.91 -28.22 11.48
O3B NAI L . -4.07 -27.42 11.28
C2B NAI L . -3.11 -29.67 11.02
O2B NAI L . -4.44 -30.11 11.07
C1B NAI L . -2.59 -29.57 9.60
N9A NAI L . -2.29 -30.87 9.01
C8A NAI L . -1.68 -31.94 9.61
N7A NAI L . -1.60 -32.99 8.84
C5A NAI L . -2.20 -32.58 7.65
C6A NAI L . -2.44 -33.25 6.44
N6A NAI L . -2.11 -34.51 6.23
N1A NAI L . -3.08 -32.55 5.47
C2A NAI L . -3.44 -31.28 5.70
N3A NAI L . -3.28 -30.56 6.81
C4A NAI L . -2.64 -31.27 7.75
O3 NAI L . 1.53 -26.03 13.38
PN NAI L . 2.20 -24.67 12.85
O1N NAI L . 2.65 -23.91 14.06
O2N NAI L . 1.34 -23.96 11.85
O5D NAI L . 3.51 -25.24 12.14
C5D NAI L . 3.33 -25.77 10.80
C4D NAI L . 4.67 -26.19 10.24
O4D NAI L . 5.48 -25.01 10.00
C3D NAI L . 5.52 -27.07 11.15
O3D NAI L . 6.19 -28.08 10.42
C2D NAI L . 6.53 -26.07 11.73
O2D NAI L . 7.75 -26.63 12.21
C1D NAI L . 6.78 -25.25 10.45
N1N NAI L . 7.48 -23.94 10.66
C2N NAI L . 8.38 -23.54 9.71
C3N NAI L . 9.00 -22.35 9.76
C7N NAI L . 10.01 -22.02 8.71
O7N NAI L . 10.70 -21.00 8.86
N7N NAI L . 10.18 -22.85 7.68
C4N NAI L . 8.63 -21.37 10.80
C5N NAI L . 7.69 -21.89 11.81
C6N NAI L . 7.14 -23.07 11.68
C1 OXM M . 10.93 -22.40 12.96
N1 OXM M . 10.00 -22.78 13.82
O1 OXM M . 11.37 -23.12 12.06
C2 OXM M . 11.45 -20.99 13.13
O2 OXM M . 12.55 -20.76 12.62
O3 OXM M . 10.75 -20.21 13.79
C1 EDO N . 28.04 -32.83 0.22
O1 EDO N . 28.72 -33.27 -0.94
C2 EDO N . 27.00 -33.78 0.67
O2 EDO N . 26.32 -34.38 -0.41
C1 EDO O . -2.63 -8.17 8.16
O1 EDO O . -3.68 -7.53 7.45
C2 EDO O . -1.32 -8.11 7.49
O2 EDO O . -1.18 -7.02 6.58
C1 H1U P . -38.60 8.32 -6.79
C2 H1U P . -30.02 6.24 -1.17
C3 H1U P . -38.74 8.49 -5.41
C4 H1U P . -37.39 7.87 -7.32
C5 H1U P . -29.52 5.37 -0.19
C6 H1U P . -31.38 6.55 -1.18
C7 H1U P . -37.68 8.22 -4.55
C8 H1U P . -36.32 7.59 -6.47
C9 H1U P . -30.34 4.78 0.76
C10 H1U P . -32.24 5.97 -0.23
C11 H1U P . -36.46 7.78 -5.09
C12 H1U P . -33.64 6.06 0.04
C13 H1U P . -31.71 5.10 0.72
C14 H1U P . -33.93 5.26 1.12
C15 H1U P . -39.11 4.97 5.53
C16 H1U P . -38.37 5.56 6.72
C17 H1U P . -38.93 5.82 4.27
C18 H1U P . -36.85 5.56 6.53
C19 H1U P . -37.78 5.36 3.38
C20 H1U P . -36.25 6.19 5.28
C21 H1U P . -36.37 5.32 4.01
C22 H1U P . -34.63 6.87 -0.69
C23 H1U P . -35.27 7.46 -4.25
C24 H1U P . -35.21 4.97 1.82
C25 H1U P . -34.29 7.02 -2.14
N26 H1U P . -32.75 4.68 1.53
N27 H1U P . -35.39 5.79 3.03
N28 H1U P . -35.51 7.33 -2.84
PA NAI Q . -7.73 -14.89 24.34
O1A NAI Q . -7.06 -15.47 23.14
O2A NAI Q . -8.03 -15.83 25.46
O5B NAI Q . -6.81 -13.71 24.89
C5B NAI Q . -7.26 -12.94 26.02
C4B NAI Q . -6.15 -12.01 26.44
O4B NAI Q . -6.54 -11.29 27.64
C3B NAI Q . -4.82 -12.69 26.79
O3B NAI Q . -3.74 -11.82 26.49
C2B NAI Q . -4.95 -12.90 28.30
O2B NAI Q . -3.71 -13.01 28.97
C1B NAI Q . -5.68 -11.63 28.71
N9A NAI Q . -6.48 -11.84 29.90
C8A NAI Q . -7.31 -12.91 30.13
N7A NAI Q . -7.86 -12.89 31.32
C5A NAI Q . -7.34 -11.75 31.92
C6A NAI Q . -7.55 -11.18 33.18
N6A NAI Q . -8.32 -11.74 34.12
N1A NAI Q . -6.87 -10.04 33.48
C2A NAI Q . -6.08 -9.50 32.54
N3A NAI Q . -5.83 -9.95 31.31
C4A NAI Q . -6.49 -11.09 31.05
O3 NAI Q . -9.11 -14.15 23.97
PN NAI Q . -9.39 -13.44 22.53
O1N NAI Q . -8.21 -12.62 22.17
O2N NAI Q . -9.88 -14.50 21.61
O5D NAI Q . -10.62 -12.49 22.88
C5D NAI Q . -10.32 -11.30 23.62
C4D NAI Q . -11.59 -10.49 23.82
O4D NAI Q . -12.05 -9.99 22.54
C3D NAI Q . -12.78 -11.23 24.42
O3D NAI Q . -13.45 -10.43 25.40
C2D NAI Q . -13.67 -11.47 23.20
O2D NAI Q . -15.02 -11.73 23.55
C1D NAI Q . -13.46 -10.14 22.48
N1N NAI Q . -13.90 -10.13 21.07
C2N NAI Q . -14.56 -9.03 20.59
C3N NAI Q . -14.88 -8.88 19.28
C7N NAI Q . -15.62 -7.66 18.89
O7N NAI Q . -16.10 -7.60 17.76
N7N NAI Q . -15.70 -6.65 19.74
C4N NAI Q . -14.49 -9.95 18.33
C5N NAI Q . -13.80 -11.09 18.95
C6N NAI Q . -13.67 -11.19 20.24
C1 OXM R . -17.37 -11.65 18.73
N1 OXM R . -16.71 -12.69 19.19
O1 OXM R . -17.77 -10.70 19.42
C2 OXM R . -17.58 -11.61 17.23
O2 OXM R . -16.87 -12.37 16.58
O3 OXM R . -18.46 -10.85 16.82
C1 EDO S . 22.56 19.19 17.16
O1 EDO S . 22.34 17.78 17.26
C2 EDO S . 23.39 19.72 18.26
O2 EDO S . 22.78 19.61 19.53
C1 EDO T . -34.47 -4.31 12.80
O1 EDO T . -33.39 -5.22 12.92
C2 EDO T . -35.11 -4.36 11.47
O2 EDO T . -35.85 -5.55 11.23
C1 EDO U . -32.43 -11.35 13.25
O1 EDO U . -33.75 -11.10 12.80
C2 EDO U . -32.23 -10.89 14.64
O2 EDO U . -33.14 -9.88 15.05
#